data_8Z48
#
_entry.id   8Z48
#
_cell.length_a   231.765
_cell.length_b   50.839
_cell.length_c   229.445
_cell.angle_alpha   90.000
_cell.angle_beta   96.099
_cell.angle_gamma   90.000
#
_symmetry.space_group_name_H-M   'C 1 2 1'
#
loop_
_entity.id
_entity.type
_entity.pdbx_description
1 polymer Beta-galactosidase
2 non-polymer 'methyl beta-D-galactopyranoside'
3 water water
#
_entity_poly.entity_id   1
_entity_poly.type   'polypeptide(L)'
_entity_poly.pdbx_seq_one_letter_code
;MRPPMYTSTNTEVPSRLVKNEHGSWQLIVNGKPFIMLAGELHNSSASTTEYLNSLWTSLKTLNLNTVLAPIAWEQFEPQE
GIFDYTLINNMIDGARKNGFKLSILWFGSWKNGESSYAPTWVKEDTKRFFRVKSVEGKEIETISPFCENAMKADAKAFKT
LVEHIKKVDQATGTVIALQPENEVGIFQGMDYSKASLAAYEQEVPQALIQYMKKNRKNLRKELLSVWEENGARTSGAWKT
VFGDNAWSKSFYTTWQYATYIDFISAGAKEIYPLPTFCNCWLVQKPDDMPGVYPNGGPVSRVMDIWKAAAPHIDVLAPDI
YLSDFKNIVADYHRADNPLLIPEAVMKPANAFWAFGEHSALCYSPFGIEDGADNFVFAQSYKVLNELIPLISEHQGSDRM
IGVMKMPGESERTVTMGDYQLCIKYDAEDAYGLIIQTGKNEFVVAGINFKVYFTSTDKKKTGYIKQVWEGGYDTDGEWKA
TRLLNGDETYHNAVLIAKGRRTFTSEKSNNYNADHSDEIFVYSPTSYQAVWSPGIYRVTTYLRLEHHHHHH
;
_entity_poly.pdbx_strand_id   A,B,C,D
#
# COMPACT_ATOMS: atom_id res chain seq x y z
N VAL A 13 18.54 42.22 -31.38
CA VAL A 13 18.22 41.63 -30.05
C VAL A 13 17.23 40.51 -30.29
N PRO A 14 17.36 39.32 -29.66
CA PRO A 14 16.43 38.23 -29.92
C PRO A 14 15.15 38.31 -29.06
N SER A 15 15.07 39.29 -28.16
CA SER A 15 13.86 39.48 -27.39
C SER A 15 13.52 40.97 -27.31
N ARG A 16 12.23 41.31 -27.43
CA ARG A 16 11.78 42.70 -27.40
C ARG A 16 10.27 42.80 -27.11
N LEU A 17 9.84 43.92 -26.52
CA LEU A 17 8.42 44.19 -26.29
C LEU A 17 7.88 45.05 -27.44
N VAL A 18 6.72 44.68 -27.97
CA VAL A 18 6.15 45.30 -29.16
C VAL A 18 4.65 45.40 -28.92
N LYS A 19 4.09 46.59 -29.11
CA LYS A 19 2.66 46.80 -28.92
C LYS A 19 1.92 46.31 -30.16
N ASN A 20 0.89 45.47 -29.96
CA ASN A 20 0.12 44.95 -31.09
C ASN A 20 -1.01 45.91 -31.44
N GLU A 21 -1.85 45.49 -32.40
CA GLU A 21 -2.89 46.31 -33.02
C GLU A 21 -3.95 46.76 -32.01
N HIS A 22 -4.15 45.97 -30.94
CA HIS A 22 -5.15 46.26 -29.94
C HIS A 22 -4.58 47.08 -28.78
N GLY A 23 -3.30 47.47 -28.87
CA GLY A 23 -2.65 48.24 -27.81
C GLY A 23 -2.03 47.36 -26.72
N SER A 24 -1.86 46.05 -26.98
CA SER A 24 -1.34 45.16 -25.96
C SER A 24 0.14 44.90 -26.23
N TRP A 25 0.93 44.92 -25.15
CA TRP A 25 2.34 44.67 -25.23
C TRP A 25 2.57 43.16 -25.33
N GLN A 26 3.36 42.76 -26.34
CA GLN A 26 3.74 41.37 -26.53
C GLN A 26 5.27 41.24 -26.46
N LEU A 27 5.72 40.07 -26.01
CA LEU A 27 7.11 39.67 -26.06
C LEU A 27 7.36 38.98 -27.40
N ILE A 28 8.28 39.50 -28.22
CA ILE A 28 8.62 38.87 -29.47
C ILE A 28 10.00 38.24 -29.27
N VAL A 29 10.05 36.89 -29.28
CA VAL A 29 11.27 36.13 -29.05
C VAL A 29 11.55 35.32 -30.31
N ASN A 30 12.77 35.45 -30.84
CA ASN A 30 13.19 34.80 -32.09
C ASN A 30 12.14 35.06 -33.18
N GLY A 31 11.66 36.31 -33.24
CA GLY A 31 10.72 36.76 -34.26
C GLY A 31 9.29 36.25 -34.11
N LYS A 32 8.93 35.62 -32.98
CA LYS A 32 7.57 35.12 -32.82
C LYS A 32 7.05 35.58 -31.47
N PRO A 33 5.72 35.84 -31.34
CA PRO A 33 5.13 36.12 -30.03
C PRO A 33 5.39 34.97 -29.07
N PHE A 34 5.82 35.32 -27.86
CA PHE A 34 6.24 34.39 -26.84
C PHE A 34 5.59 34.80 -25.53
N ILE A 35 5.12 33.79 -24.79
CA ILE A 35 4.52 33.95 -23.49
C ILE A 35 5.30 33.09 -22.51
N MET A 36 5.73 33.66 -21.38
CA MET A 36 6.54 32.91 -20.44
C MET A 36 5.62 32.04 -19.60
N LEU A 37 5.67 30.75 -19.93
CA LEU A 37 5.15 29.69 -19.10
C LEU A 37 6.28 29.28 -18.18
N ALA A 38 6.36 30.02 -17.08
CA ALA A 38 7.61 30.13 -16.36
C ALA A 38 7.50 29.52 -14.96
N GLY A 39 8.66 29.40 -14.34
CA GLY A 39 8.79 29.14 -12.92
C GLY A 39 10.10 29.75 -12.44
N GLU A 40 10.17 30.11 -11.17
CA GLU A 40 11.38 30.66 -10.59
C GLU A 40 11.95 29.70 -9.53
N LEU A 41 13.26 29.51 -9.60
CA LEU A 41 13.98 28.64 -8.69
C LEU A 41 14.01 29.32 -7.32
N HIS A 42 14.11 28.48 -6.28
CA HIS A 42 14.49 28.95 -4.97
C HIS A 42 15.76 29.78 -5.08
N ASN A 43 15.94 30.66 -4.09
CA ASN A 43 16.97 31.67 -4.13
C ASN A 43 18.36 31.06 -4.29
N SER A 44 18.67 29.97 -3.55
CA SER A 44 20.02 29.39 -3.49
C SER A 44 20.25 28.25 -4.51
N SER A 45 19.28 27.97 -5.39
CA SER A 45 19.34 26.84 -6.30
C SER A 45 20.27 27.02 -7.50
N ALA A 46 20.68 28.27 -7.82
CA ALA A 46 21.58 28.49 -8.93
C ALA A 46 22.97 28.90 -8.40
N SER A 47 23.24 28.65 -7.11
CA SER A 47 24.48 29.08 -6.47
C SER A 47 25.65 28.15 -6.83
N THR A 48 25.39 26.99 -7.42
CA THR A 48 26.47 26.14 -7.93
C THR A 48 26.01 25.54 -9.25
N THR A 49 26.99 25.04 -10.04
CA THR A 49 26.66 24.35 -11.27
C THR A 49 26.00 23.01 -10.96
N GLU A 50 26.52 22.28 -9.97
CA GLU A 50 25.99 20.95 -9.70
C GLU A 50 24.53 21.04 -9.22
N TYR A 51 24.19 22.01 -8.37
CA TYR A 51 22.85 22.03 -7.78
C TYR A 51 21.82 22.40 -8.84
N LEU A 52 22.12 23.45 -9.62
CA LEU A 52 21.24 23.80 -10.73
C LEU A 52 21.07 22.60 -11.65
N ASN A 53 22.18 21.91 -11.98
CA ASN A 53 22.11 20.91 -13.05
C ASN A 53 21.24 19.74 -12.62
N SER A 54 21.13 19.53 -11.31
CA SER A 54 20.30 18.47 -10.76
C SER A 54 18.82 18.75 -10.96
N LEU A 55 18.41 19.99 -11.33
CA LEU A 55 17.01 20.38 -11.39
C LEU A 55 16.33 20.24 -12.77
N TRP A 56 17.09 20.27 -13.87
CA TRP A 56 16.52 20.56 -15.19
C TRP A 56 15.49 19.50 -15.61
N THR A 57 15.69 18.22 -15.22
CA THR A 57 14.80 17.15 -15.64
C THR A 57 13.45 17.35 -14.95
N SER A 58 13.48 17.83 -13.70
CA SER A 58 12.27 18.09 -12.93
C SER A 58 11.46 19.20 -13.60
N LEU A 59 12.18 20.27 -13.96
CA LEU A 59 11.57 21.41 -14.59
C LEU A 59 10.92 21.02 -15.92
N LYS A 60 11.54 20.08 -16.66
CA LYS A 60 10.98 19.67 -17.94
C LYS A 60 9.66 18.93 -17.74
N THR A 61 9.47 18.25 -16.60
CA THR A 61 8.25 17.50 -16.39
C THR A 61 7.09 18.47 -16.22
N LEU A 62 7.38 19.70 -15.79
CA LEU A 62 6.34 20.70 -15.59
C LEU A 62 6.00 21.48 -16.88
N ASN A 63 6.69 21.22 -18.02
CA ASN A 63 6.38 21.86 -19.30
C ASN A 63 6.56 23.38 -19.27
N LEU A 64 7.57 23.84 -18.52
CA LEU A 64 8.00 25.24 -18.55
C LEU A 64 8.53 25.58 -19.93
N ASN A 65 8.39 26.83 -20.41
CA ASN A 65 9.21 27.26 -21.54
C ASN A 65 10.27 28.27 -21.09
N THR A 66 10.21 28.70 -19.82
CA THR A 66 11.09 29.75 -19.31
C THR A 66 11.38 29.45 -17.86
N VAL A 67 12.65 29.61 -17.47
CA VAL A 67 13.09 29.55 -16.09
C VAL A 67 13.59 30.92 -15.64
N LEU A 68 13.16 31.35 -14.44
CA LEU A 68 13.69 32.51 -13.76
C LEU A 68 14.72 32.04 -12.74
N ALA A 69 15.92 32.60 -12.85
CA ALA A 69 17.05 32.15 -12.05
C ALA A 69 17.96 33.35 -11.76
N PRO A 70 18.49 33.47 -10.51
CA PRO A 70 19.39 34.57 -10.16
C PRO A 70 20.85 34.33 -10.53
N ILE A 71 21.50 35.47 -10.79
CA ILE A 71 22.93 35.69 -10.68
C ILE A 71 23.16 36.65 -9.52
N ALA A 72 24.03 36.24 -8.57
CA ALA A 72 24.31 36.97 -7.36
C ALA A 72 25.62 37.75 -7.54
N TRP A 73 25.58 39.05 -7.28
CA TRP A 73 26.75 39.91 -7.39
C TRP A 73 27.92 39.31 -6.60
N GLU A 74 27.63 38.85 -5.38
CA GLU A 74 28.68 38.31 -4.51
C GLU A 74 29.50 37.21 -5.22
N GLN A 75 28.88 36.42 -6.09
CA GLN A 75 29.58 35.37 -6.80
C GLN A 75 30.12 35.82 -8.16
N PHE A 76 29.40 36.75 -8.79
CA PHE A 76 29.74 37.22 -10.12
C PHE A 76 30.98 38.11 -10.08
N GLU A 77 31.11 38.93 -9.02
CA GLU A 77 32.26 39.80 -8.86
C GLU A 77 32.82 39.62 -7.46
N PRO A 78 33.52 38.50 -7.19
CA PRO A 78 33.88 38.14 -5.82
C PRO A 78 34.97 39.05 -5.25
N GLN A 79 35.84 39.55 -6.14
CA GLN A 79 36.71 40.67 -5.83
C GLN A 79 36.51 41.72 -6.91
N GLU A 80 36.74 42.98 -6.54
CA GLU A 80 36.38 44.09 -7.39
C GLU A 80 37.22 44.05 -8.66
N GLY A 81 36.54 44.09 -9.81
CA GLY A 81 37.21 44.02 -11.09
C GLY A 81 37.45 42.59 -11.58
N ILE A 82 37.08 41.58 -10.78
CA ILE A 82 37.29 40.17 -11.13
C ILE A 82 35.93 39.49 -11.26
N PHE A 83 35.66 38.91 -12.45
CA PHE A 83 34.33 38.43 -12.77
C PHE A 83 34.38 36.94 -13.03
N ASP A 84 33.42 36.22 -12.43
CA ASP A 84 33.36 34.78 -12.56
C ASP A 84 32.12 34.42 -13.39
N TYR A 85 32.35 33.88 -14.60
CA TYR A 85 31.32 33.66 -15.59
C TYR A 85 30.77 32.24 -15.52
N THR A 86 31.26 31.44 -14.58
CA THR A 86 30.92 30.03 -14.47
C THR A 86 29.39 29.84 -14.38
N LEU A 87 28.74 30.57 -13.48
CA LEU A 87 27.34 30.30 -13.17
C LEU A 87 26.46 30.75 -14.34
N ILE A 88 26.69 31.94 -14.90
CA ILE A 88 25.89 32.36 -16.04
C ILE A 88 26.09 31.40 -17.20
N ASN A 89 27.32 30.98 -17.50
CA ASN A 89 27.58 30.16 -18.67
C ASN A 89 26.90 28.79 -18.56
N ASN A 90 26.99 28.16 -17.39
CA ASN A 90 26.40 26.85 -17.19
C ASN A 90 24.87 26.97 -17.21
N MET A 91 24.36 28.08 -16.68
CA MET A 91 22.92 28.31 -16.70
C MET A 91 22.41 28.34 -18.14
N ILE A 92 23.05 29.14 -19.00
CA ILE A 92 22.63 29.26 -20.40
C ILE A 92 22.79 27.89 -21.09
N ASP A 93 23.91 27.22 -20.81
CA ASP A 93 24.19 25.93 -21.41
C ASP A 93 23.02 25.00 -21.10
N GLY A 94 22.72 24.88 -19.80
CA GLY A 94 21.65 24.01 -19.30
C GLY A 94 20.29 24.34 -19.89
N ALA A 95 19.94 25.64 -19.94
CA ALA A 95 18.68 26.07 -20.54
C ALA A 95 18.57 25.59 -21.99
N ARG A 96 19.63 25.84 -22.77
CA ARG A 96 19.66 25.44 -24.17
C ARG A 96 19.50 23.93 -24.30
N LYS A 97 20.21 23.18 -23.47
CA LYS A 97 20.19 21.73 -23.55
C LYS A 97 18.82 21.18 -23.13
N ASN A 98 18.04 21.93 -22.33
CA ASN A 98 16.79 21.40 -21.80
C ASN A 98 15.56 22.11 -22.38
N GLY A 99 15.75 23.00 -23.36
CA GLY A 99 14.63 23.61 -24.07
C GLY A 99 13.98 24.78 -23.34
N PHE A 100 14.77 25.53 -22.54
CA PHE A 100 14.21 26.64 -21.77
C PHE A 100 14.82 27.97 -22.21
N LYS A 101 13.98 29.03 -22.22
CA LYS A 101 14.47 30.40 -22.17
C LYS A 101 14.72 30.77 -20.72
N LEU A 102 15.48 31.85 -20.53
CA LEU A 102 15.88 32.35 -19.22
C LEU A 102 15.45 33.81 -19.07
N SER A 103 14.91 34.14 -17.89
CA SER A 103 14.93 35.51 -17.41
C SER A 103 15.91 35.56 -16.23
N ILE A 104 16.90 36.44 -16.33
CA ILE A 104 17.96 36.52 -15.36
C ILE A 104 17.57 37.53 -14.30
N LEU A 105 17.56 37.06 -13.06
CA LEU A 105 17.36 37.90 -11.88
C LEU A 105 18.73 38.35 -11.38
N TRP A 106 18.91 39.67 -11.29
CA TRP A 106 20.15 40.22 -10.77
C TRP A 106 20.01 40.51 -9.28
N PHE A 107 20.59 39.62 -8.45
CA PHE A 107 20.64 39.85 -7.01
C PHE A 107 21.90 40.64 -6.68
N GLY A 108 21.76 41.98 -6.77
CA GLY A 108 22.86 42.91 -6.58
C GLY A 108 22.77 43.64 -5.26
N SER A 109 22.63 44.99 -5.34
CA SER A 109 22.53 45.83 -4.18
C SER A 109 21.43 45.33 -3.24
N TRP A 110 20.29 44.88 -3.78
CA TRP A 110 19.15 44.57 -2.93
C TRP A 110 18.39 43.33 -3.39
N LYS A 111 17.87 42.62 -2.40
CA LYS A 111 17.07 41.42 -2.59
C LYS A 111 16.23 41.31 -1.32
N ASN A 112 14.90 41.44 -1.45
CA ASN A 112 14.00 41.49 -0.31
C ASN A 112 14.37 42.66 0.62
N GLY A 113 14.71 43.81 0.03
CA GLY A 113 14.97 45.03 0.78
C GLY A 113 16.45 45.17 1.20
N GLU A 114 17.15 44.03 1.39
CA GLU A 114 18.44 44.00 2.07
C GLU A 114 19.58 43.78 1.08
N SER A 115 20.83 43.87 1.59
CA SER A 115 22.03 43.79 0.77
C SER A 115 22.86 42.52 1.03
N SER A 116 22.20 41.37 1.21
CA SER A 116 22.92 40.17 1.61
C SER A 116 23.65 39.53 0.41
N TYR A 117 23.35 39.93 -0.83
CA TYR A 117 24.05 39.39 -1.97
C TYR A 117 25.11 40.35 -2.52
N ALA A 118 25.35 41.46 -1.84
CA ALA A 118 26.48 42.31 -2.18
C ALA A 118 27.79 41.57 -1.89
N PRO A 119 28.82 41.75 -2.74
CA PRO A 119 30.12 41.15 -2.49
C PRO A 119 30.67 41.48 -1.11
N THR A 120 31.55 40.58 -0.60
CA THR A 120 32.24 40.79 0.67
C THR A 120 32.90 42.17 0.70
N TRP A 121 33.48 42.61 -0.42
CA TRP A 121 34.28 43.83 -0.47
C TRP A 121 33.37 45.06 -0.51
N VAL A 122 32.10 44.87 -0.89
CA VAL A 122 31.09 45.91 -0.76
C VAL A 122 30.61 45.97 0.70
N LYS A 123 30.29 44.80 1.27
CA LYS A 123 29.79 44.76 2.63
C LYS A 123 30.81 45.37 3.61
N GLU A 124 32.08 45.04 3.44
CA GLU A 124 33.09 45.29 4.46
C GLU A 124 33.52 46.76 4.47
N ASP A 125 33.16 47.52 3.44
CA ASP A 125 33.51 48.93 3.35
C ASP A 125 32.25 49.80 3.47
N THR A 126 31.83 50.08 4.71
CA THR A 126 30.65 50.89 4.97
C THR A 126 30.94 52.40 4.86
N LYS A 127 32.22 52.77 4.68
CA LYS A 127 32.58 54.15 4.38
C LYS A 127 32.23 54.46 2.94
N ARG A 128 32.76 53.65 2.01
CA ARG A 128 32.50 53.79 0.59
C ARG A 128 31.04 53.45 0.26
N PHE A 129 30.52 52.33 0.79
CA PHE A 129 29.16 51.92 0.48
C PHE A 129 28.32 52.04 1.75
N PHE A 130 27.85 53.24 2.05
CA PHE A 130 27.22 53.49 3.34
C PHE A 130 25.85 52.82 3.37
N ARG A 131 25.46 52.46 4.60
CA ARG A 131 24.26 51.70 4.89
C ARG A 131 23.09 52.64 5.17
N VAL A 132 21.90 52.06 5.06
CA VAL A 132 20.69 52.65 5.60
C VAL A 132 20.80 52.72 7.12
N LYS A 133 20.27 53.81 7.70
CA LYS A 133 20.22 53.97 9.14
C LYS A 133 18.76 54.01 9.59
N SER A 134 18.49 53.35 10.72
CA SER A 134 17.16 53.32 11.32
C SER A 134 16.93 54.63 12.06
N VAL A 135 15.70 54.82 12.52
CA VAL A 135 15.36 56.03 13.26
C VAL A 135 16.23 56.09 14.53
N GLU A 136 16.55 54.92 15.12
CA GLU A 136 17.38 54.87 16.31
C GLU A 136 18.88 55.05 16.02
N GLY A 137 19.29 55.19 14.74
CA GLY A 137 20.69 55.43 14.41
C GLY A 137 21.49 54.17 14.07
N LYS A 138 20.87 52.98 14.12
CA LYS A 138 21.57 51.74 13.80
C LYS A 138 21.75 51.61 12.29
N GLU A 139 22.97 51.27 11.87
CA GLU A 139 23.27 50.88 10.50
C GLU A 139 22.82 49.45 10.26
N ILE A 140 22.00 49.23 9.22
CA ILE A 140 21.43 47.90 8.96
C ILE A 140 22.18 47.23 7.81
N GLU A 141 21.88 45.94 7.57
CA GLU A 141 22.48 45.19 6.48
C GLU A 141 21.79 45.52 5.16
N THR A 142 21.60 46.82 4.89
CA THR A 142 21.06 47.32 3.63
C THR A 142 21.93 48.52 3.21
N ILE A 143 22.43 48.49 1.97
CA ILE A 143 23.15 49.61 1.36
C ILE A 143 22.13 50.72 1.09
N SER A 144 22.51 51.97 1.35
CA SER A 144 21.59 53.09 1.19
C SER A 144 21.33 53.37 -0.29
N PRO A 145 20.06 53.60 -0.74
CA PRO A 145 19.85 54.01 -2.12
C PRO A 145 20.37 55.41 -2.44
N PHE A 146 20.82 56.18 -1.43
CA PHE A 146 21.41 57.50 -1.61
C PHE A 146 22.94 57.42 -1.74
N CYS A 147 23.50 56.20 -1.78
CA CYS A 147 24.94 55.99 -2.01
C CYS A 147 25.32 55.80 -3.49
N GLU A 148 25.91 56.83 -4.13
CA GLU A 148 26.27 56.82 -5.54
C GLU A 148 27.37 55.79 -5.84
N ASN A 149 28.35 55.65 -4.94
CA ASN A 149 29.39 54.66 -5.11
C ASN A 149 28.73 53.30 -5.34
N ALA A 150 27.72 52.95 -4.52
CA ALA A 150 27.07 51.65 -4.63
C ALA A 150 26.36 51.53 -5.98
N MET A 151 25.70 52.61 -6.38
CA MET A 151 24.98 52.66 -7.64
C MET A 151 25.92 52.38 -8.81
N LYS A 152 27.09 53.03 -8.80
CA LYS A 152 28.07 52.91 -9.87
C LYS A 152 28.71 51.52 -9.91
N ALA A 153 28.98 50.95 -8.73
CA ALA A 153 29.57 49.62 -8.66
C ALA A 153 28.57 48.54 -9.08
N ASP A 154 27.30 48.72 -8.69
CA ASP A 154 26.23 47.82 -9.11
C ASP A 154 26.07 47.91 -10.63
N ALA A 155 25.87 49.12 -11.12
CA ALA A 155 25.73 49.35 -12.56
C ALA A 155 26.89 48.72 -13.34
N LYS A 156 28.13 48.89 -12.86
CA LYS A 156 29.26 48.39 -13.63
C LYS A 156 29.22 46.87 -13.72
N ALA A 157 28.92 46.18 -12.60
CA ALA A 157 28.86 44.73 -12.62
C ALA A 157 27.72 44.23 -13.52
N PHE A 158 26.56 44.88 -13.40
CA PHE A 158 25.38 44.48 -14.16
C PHE A 158 25.68 44.59 -15.66
N LYS A 159 26.21 45.74 -16.07
CA LYS A 159 26.64 45.95 -17.46
C LYS A 159 27.63 44.88 -17.90
N THR A 160 28.58 44.50 -17.01
CA THR A 160 29.57 43.47 -17.32
C THR A 160 28.85 42.13 -17.60
N LEU A 161 27.86 41.81 -16.75
CA LEU A 161 27.04 40.63 -16.94
C LEU A 161 26.31 40.67 -18.29
N VAL A 162 25.66 41.77 -18.62
CA VAL A 162 24.82 41.79 -19.81
C VAL A 162 25.71 41.72 -21.06
N GLU A 163 26.89 42.39 -20.99
CA GLU A 163 27.88 42.38 -22.06
C GLU A 163 28.30 40.95 -22.37
N HIS A 164 28.58 40.19 -21.30
CA HIS A 164 28.91 38.79 -21.43
C HIS A 164 27.74 38.04 -22.09
N ILE A 165 26.51 38.22 -21.61
CA ILE A 165 25.35 37.54 -22.19
C ILE A 165 25.28 37.83 -23.71
N LYS A 166 25.55 39.07 -24.10
CA LYS A 166 25.57 39.46 -25.50
C LYS A 166 26.61 38.65 -26.27
N LYS A 167 27.80 38.52 -25.69
CA LYS A 167 28.95 37.85 -26.29
C LYS A 167 28.75 36.32 -26.37
N VAL A 168 27.89 35.73 -25.52
CA VAL A 168 27.65 34.30 -25.62
C VAL A 168 26.22 33.97 -26.06
N ASP A 169 25.34 34.96 -26.30
CA ASP A 169 23.93 34.63 -26.51
C ASP A 169 23.21 35.57 -27.47
N GLN A 170 23.91 36.51 -28.07
CA GLN A 170 23.26 37.46 -28.97
C GLN A 170 22.55 36.77 -30.14
N ALA A 171 23.06 35.64 -30.65
CA ALA A 171 22.45 35.02 -31.81
C ALA A 171 21.35 34.06 -31.38
N THR A 172 21.52 33.35 -30.27
CA THR A 172 20.57 32.35 -29.87
C THR A 172 19.39 32.96 -29.11
N GLY A 173 19.66 33.88 -28.18
CA GLY A 173 18.58 34.50 -27.41
C GLY A 173 17.92 33.53 -26.43
N THR A 174 18.75 32.78 -25.71
CA THR A 174 18.29 32.01 -24.57
C THR A 174 17.76 32.96 -23.48
N VAL A 175 18.48 34.08 -23.24
CA VAL A 175 18.07 35.10 -22.28
C VAL A 175 17.13 36.10 -22.95
N ILE A 176 15.90 36.20 -22.43
CA ILE A 176 14.84 37.00 -23.06
C ILE A 176 14.38 38.16 -22.16
N ALA A 177 14.83 38.21 -20.90
CA ALA A 177 14.45 39.29 -20.00
C ALA A 177 15.42 39.36 -18.82
N LEU A 178 15.42 40.52 -18.17
CA LEU A 178 16.30 40.81 -17.04
C LEU A 178 15.47 41.44 -15.94
N GLN A 179 15.81 41.10 -14.69
CA GLN A 179 15.20 41.71 -13.53
C GLN A 179 16.32 42.26 -12.64
N PRO A 180 16.59 43.58 -12.75
CA PRO A 180 17.57 44.26 -11.88
C PRO A 180 17.11 44.38 -10.43
N GLU A 181 17.89 43.78 -9.52
CA GLU A 181 17.56 43.74 -8.10
C GLU A 181 16.31 42.89 -7.88
N ASN A 182 15.88 42.82 -6.63
CA ASN A 182 14.73 42.02 -6.24
C ASN A 182 14.03 42.58 -5.01
N GLU A 183 12.76 42.96 -5.22
CA GLU A 183 11.90 43.48 -4.16
C GLU A 183 12.64 44.51 -3.32
N VAL A 184 12.96 45.66 -3.92
CA VAL A 184 13.80 46.66 -3.25
C VAL A 184 12.94 47.49 -2.30
N GLY A 185 13.59 48.17 -1.33
CA GLY A 185 12.94 49.08 -0.39
C GLY A 185 13.43 48.88 1.05
N ILE A 186 12.98 49.77 1.95
CA ILE A 186 13.32 49.72 3.38
C ILE A 186 12.09 49.45 4.23
N PHE A 187 12.29 48.73 5.35
CA PHE A 187 11.26 48.47 6.34
C PHE A 187 11.23 49.60 7.36
N GLN A 188 11.25 50.83 6.83
CA GLN A 188 11.32 52.06 7.61
C GLN A 188 10.49 53.10 6.83
N GLY A 189 10.09 54.16 7.55
CA GLY A 189 9.42 55.33 6.99
C GLY A 189 10.31 56.13 6.04
N MET A 190 11.61 56.09 6.31
CA MET A 190 12.62 56.72 5.48
C MET A 190 13.97 56.22 5.96
N ASP A 191 14.99 56.39 5.13
CA ASP A 191 16.38 56.20 5.53
C ASP A 191 16.84 57.42 6.33
N TYR A 192 17.51 57.17 7.46
CA TYR A 192 17.98 58.23 8.36
C TYR A 192 19.46 58.53 8.18
N SER A 193 20.06 58.01 7.12
CA SER A 193 21.42 58.35 6.76
C SER A 193 21.46 59.85 6.47
N LYS A 194 22.64 60.44 6.63
CA LYS A 194 22.85 61.86 6.38
C LYS A 194 22.37 62.20 4.96
N ALA A 195 22.83 61.44 3.95
CA ALA A 195 22.46 61.72 2.57
C ALA A 195 20.93 61.69 2.39
N SER A 196 20.24 60.71 2.99
CA SER A 196 18.79 60.60 2.87
C SER A 196 18.11 61.85 3.42
N LEU A 197 18.61 62.31 4.58
CA LEU A 197 18.04 63.45 5.28
C LEU A 197 18.19 64.71 4.43
N ALA A 198 19.37 64.90 3.83
CA ALA A 198 19.60 66.01 2.91
C ALA A 198 18.75 65.88 1.64
N ALA A 199 18.62 64.65 1.10
CA ALA A 199 17.85 64.46 -0.13
C ALA A 199 16.39 64.89 0.08
N TYR A 200 15.85 64.67 1.29
CA TYR A 200 14.46 64.94 1.59
C TYR A 200 14.17 66.45 1.55
N GLU A 201 15.22 67.24 1.77
CA GLU A 201 15.04 68.68 1.86
C GLU A 201 15.02 69.29 0.46
N GLN A 202 15.37 68.49 -0.57
CA GLN A 202 15.63 69.01 -1.92
C GLN A 202 14.33 69.22 -2.70
N GLU A 203 14.47 69.99 -3.80
CA GLU A 203 13.39 70.30 -4.72
C GLU A 203 12.88 69.00 -5.34
N VAL A 204 11.56 68.87 -5.54
CA VAL A 204 11.01 67.75 -6.30
C VAL A 204 11.58 67.73 -7.73
N PRO A 205 12.16 66.62 -8.24
CA PRO A 205 12.66 66.63 -9.61
C PRO A 205 11.57 67.06 -10.61
N GLN A 206 11.99 67.89 -11.57
CA GLN A 206 11.08 68.40 -12.58
C GLN A 206 10.53 67.24 -13.42
N ALA A 207 11.29 66.17 -13.61
CA ALA A 207 10.75 65.03 -14.34
C ALA A 207 9.48 64.48 -13.67
N LEU A 208 9.43 64.46 -12.33
CA LEU A 208 8.26 63.97 -11.59
C LEU A 208 7.10 64.93 -11.80
N ILE A 209 7.33 66.23 -11.56
CA ILE A 209 6.25 67.21 -11.62
C ILE A 209 5.59 67.15 -12.98
N GLN A 210 6.39 67.07 -14.03
CA GLN A 210 5.90 67.10 -15.40
C GLN A 210 5.13 65.82 -15.71
N TYR A 211 5.64 64.69 -15.20
CA TYR A 211 4.91 63.44 -15.34
C TYR A 211 3.52 63.59 -14.74
N MET A 212 3.43 64.21 -13.57
CA MET A 212 2.16 64.31 -12.88
C MET A 212 1.21 65.26 -13.64
N LYS A 213 1.76 66.34 -14.22
CA LYS A 213 0.94 67.31 -14.93
C LYS A 213 0.33 66.65 -16.16
N LYS A 214 1.20 65.99 -16.92
CA LYS A 214 0.85 65.40 -18.19
C LYS A 214 -0.12 64.23 -18.03
N ASN A 215 -0.03 63.49 -16.91
CA ASN A 215 -0.74 62.23 -16.78
C ASN A 215 -1.77 62.33 -15.65
N ARG A 216 -2.10 63.55 -15.24
CA ARG A 216 -2.91 63.79 -14.06
C ARG A 216 -4.17 62.92 -14.04
N LYS A 217 -4.88 62.81 -15.18
CA LYS A 217 -6.12 62.04 -15.24
C LYS A 217 -5.88 60.60 -14.78
N ASN A 218 -4.72 60.03 -15.11
CA ASN A 218 -4.51 58.60 -15.00
C ASN A 218 -3.63 58.23 -13.81
N LEU A 219 -3.34 59.23 -12.96
CA LEU A 219 -2.45 59.09 -11.81
C LEU A 219 -3.06 58.10 -10.85
N ARG A 220 -2.20 57.43 -10.06
CA ARG A 220 -2.68 56.69 -8.91
C ARG A 220 -3.36 57.68 -7.97
N LYS A 221 -4.54 57.29 -7.47
CA LYS A 221 -5.26 58.10 -6.50
C LYS A 221 -4.36 58.39 -5.29
N GLU A 222 -3.45 57.44 -4.96
CA GLU A 222 -2.64 57.59 -3.77
C GLU A 222 -1.66 58.74 -3.95
N LEU A 223 -1.25 59.02 -5.20
CA LEU A 223 -0.29 60.09 -5.46
C LEU A 223 -1.05 61.39 -5.69
N LEU A 224 -2.12 61.27 -6.48
CA LEU A 224 -2.93 62.42 -6.85
C LEU A 224 -3.46 63.10 -5.60
N SER A 225 -4.03 62.30 -4.70
CA SER A 225 -4.70 62.81 -3.52
C SER A 225 -3.70 63.60 -2.68
N VAL A 226 -2.50 63.05 -2.47
CA VAL A 226 -1.52 63.72 -1.60
C VAL A 226 -1.04 65.00 -2.27
N TRP A 227 -0.78 64.94 -3.58
CA TRP A 227 -0.40 66.09 -4.39
C TRP A 227 -1.45 67.19 -4.25
N GLU A 228 -2.72 66.81 -4.43
CA GLU A 228 -3.83 67.76 -4.51
C GLU A 228 -4.15 68.31 -3.12
N GLU A 229 -3.89 67.52 -2.08
CA GLU A 229 -4.13 67.94 -0.70
C GLU A 229 -3.21 69.10 -0.37
N ASN A 230 -2.05 69.16 -1.02
CA ASN A 230 -1.02 70.16 -0.69
C ASN A 230 -0.91 71.25 -1.75
N GLY A 231 -1.89 71.32 -2.66
CA GLY A 231 -2.04 72.46 -3.55
C GLY A 231 -1.63 72.18 -4.99
N ALA A 232 -1.26 70.93 -5.30
CA ALA A 232 -0.90 70.51 -6.64
C ALA A 232 0.22 71.40 -7.20
N ARG A 233 1.23 71.65 -6.37
CA ARG A 233 2.27 72.58 -6.73
C ARG A 233 3.14 72.03 -7.85
N THR A 234 3.68 72.95 -8.66
CA THR A 234 4.54 72.56 -9.75
C THR A 234 5.99 72.88 -9.43
N SER A 235 6.23 73.39 -8.20
CA SER A 235 7.58 73.48 -7.68
C SER A 235 7.58 73.49 -6.14
N GLY A 236 8.77 73.34 -5.55
CA GLY A 236 8.94 73.28 -4.11
C GLY A 236 9.68 72.00 -3.69
N ALA A 237 9.93 71.89 -2.39
CA ALA A 237 10.64 70.75 -1.84
C ALA A 237 9.64 69.65 -1.52
N TRP A 238 10.14 68.41 -1.32
CA TRP A 238 9.25 67.27 -1.16
C TRP A 238 8.14 67.57 -0.15
N LYS A 239 8.47 68.20 0.98
CA LYS A 239 7.48 68.51 2.00
C LYS A 239 6.59 69.70 1.59
N THR A 240 7.10 70.62 0.76
CA THR A 240 6.23 71.63 0.18
C THR A 240 5.15 70.95 -0.67
N VAL A 241 5.59 70.13 -1.65
CA VAL A 241 4.71 69.65 -2.72
C VAL A 241 3.80 68.53 -2.21
N PHE A 242 4.28 67.70 -1.27
CA PHE A 242 3.53 66.54 -0.82
C PHE A 242 3.25 66.56 0.68
N GLY A 243 3.62 67.66 1.33
CA GLY A 243 3.39 67.80 2.77
C GLY A 243 4.39 66.97 3.58
N ASP A 244 4.42 67.22 4.90
CA ASP A 244 5.33 66.54 5.82
C ASP A 244 4.59 65.39 6.50
N ASN A 245 4.85 64.17 6.02
CA ASN A 245 4.08 62.99 6.39
C ASN A 245 4.79 61.76 5.83
N ALA A 246 4.19 60.58 6.06
CA ALA A 246 4.69 59.28 5.59
C ALA A 246 4.74 59.21 4.06
N TRP A 247 3.80 59.88 3.39
CA TRP A 247 3.66 59.74 1.96
C TRP A 247 4.80 60.44 1.23
N SER A 248 5.12 61.68 1.63
CA SER A 248 6.22 62.40 1.03
C SER A 248 7.51 61.63 1.30
N LYS A 249 7.66 61.12 2.52
CA LYS A 249 8.76 60.20 2.82
C LYS A 249 8.82 59.07 1.79
N SER A 250 7.69 58.39 1.55
CA SER A 250 7.67 57.27 0.62
C SER A 250 8.01 57.73 -0.79
N PHE A 251 7.50 58.90 -1.20
CA PHE A 251 7.68 59.36 -2.58
C PHE A 251 9.15 59.62 -2.92
N TYR A 252 9.85 60.35 -2.06
CA TYR A 252 11.21 60.71 -2.38
C TYR A 252 12.07 59.45 -2.24
N THR A 253 11.72 58.55 -1.30
CA THR A 253 12.41 57.27 -1.17
C THR A 253 12.23 56.45 -2.46
N THR A 254 10.98 56.38 -2.94
CA THR A 254 10.69 55.62 -4.14
C THR A 254 11.42 56.26 -5.32
N TRP A 255 11.44 57.60 -5.37
CA TRP A 255 12.11 58.30 -6.47
C TRP A 255 13.58 57.90 -6.50
N GLN A 256 14.18 57.82 -5.32
CA GLN A 256 15.58 57.48 -5.14
C GLN A 256 15.86 56.08 -5.69
N TYR A 257 15.07 55.09 -5.24
CA TYR A 257 15.26 53.71 -5.69
C TYR A 257 15.12 53.62 -7.21
N ALA A 258 14.06 54.20 -7.76
CA ALA A 258 13.82 54.06 -9.20
C ALA A 258 14.94 54.72 -10.01
N THR A 259 15.49 55.83 -9.52
CA THR A 259 16.58 56.54 -10.19
C THR A 259 17.86 55.70 -10.18
N TYR A 260 18.22 55.19 -8.99
CA TYR A 260 19.40 54.34 -8.81
C TYR A 260 19.32 53.16 -9.75
N ILE A 261 18.16 52.50 -9.76
CA ILE A 261 18.02 51.28 -10.53
C ILE A 261 17.86 51.62 -12.01
N ASP A 262 17.27 52.78 -12.35
CA ASP A 262 17.23 53.20 -13.74
C ASP A 262 18.65 53.35 -14.33
N PHE A 263 19.56 53.99 -13.60
CA PHE A 263 20.97 54.07 -14.01
C PHE A 263 21.57 52.69 -14.31
N ILE A 264 21.35 51.74 -13.41
CA ILE A 264 21.85 50.38 -13.61
C ILE A 264 21.29 49.80 -14.91
N SER A 265 19.98 49.90 -15.12
CA SER A 265 19.39 49.34 -16.32
C SER A 265 19.92 50.05 -17.57
N ALA A 266 20.06 51.39 -17.49
CA ALA A 266 20.45 52.21 -18.64
C ALA A 266 21.78 51.73 -19.23
N GLY A 267 22.76 51.43 -18.35
CA GLY A 267 24.04 50.90 -18.78
C GLY A 267 23.90 49.63 -19.64
N ALA A 268 23.00 48.72 -19.24
CA ALA A 268 22.76 47.50 -20.00
C ALA A 268 22.02 47.80 -21.29
N LYS A 269 20.94 48.58 -21.19
CA LYS A 269 20.14 48.93 -22.36
C LYS A 269 21.03 49.53 -23.45
N GLU A 270 22.13 50.20 -23.05
CA GLU A 270 23.01 50.90 -24.00
C GLU A 270 23.73 49.88 -24.88
N ILE A 271 24.14 48.71 -24.37
CA ILE A 271 24.90 47.77 -25.20
C ILE A 271 24.10 46.54 -25.64
N TYR A 272 22.99 46.21 -24.96
CA TYR A 272 22.24 45.00 -25.29
C TYR A 272 20.86 45.09 -24.64
N PRO A 273 19.92 45.81 -25.26
CA PRO A 273 18.61 46.07 -24.66
C PRO A 273 17.71 44.84 -24.67
N LEU A 274 17.31 44.41 -23.48
CA LEU A 274 16.34 43.34 -23.31
C LEU A 274 15.18 43.89 -22.50
N PRO A 275 13.97 43.31 -22.63
CA PRO A 275 12.88 43.63 -21.73
C PRO A 275 13.35 43.47 -20.29
N THR A 276 13.10 44.51 -19.49
CA THR A 276 13.62 44.65 -18.15
C THR A 276 12.44 44.95 -17.22
N PHE A 277 12.39 44.27 -16.06
CA PHE A 277 11.32 44.46 -15.11
C PHE A 277 11.88 44.49 -13.69
N CYS A 278 11.23 45.30 -12.85
CA CYS A 278 11.46 45.30 -11.41
C CYS A 278 10.19 44.81 -10.68
N ASN A 279 10.43 43.95 -9.68
CA ASN A 279 9.37 43.22 -9.01
C ASN A 279 9.16 43.79 -7.60
N CYS A 280 7.92 43.78 -7.10
CA CYS A 280 7.68 44.26 -5.75
C CYS A 280 7.12 43.17 -4.83
N TRP A 281 7.50 43.35 -3.57
CA TRP A 281 6.78 42.87 -2.41
C TRP A 281 5.52 43.74 -2.20
N LEU A 282 4.35 43.12 -2.33
CA LEU A 282 3.08 43.82 -2.36
C LEU A 282 2.80 44.50 -1.02
N VAL A 283 1.99 45.55 -1.05
CA VAL A 283 1.21 46.00 0.11
C VAL A 283 0.35 44.81 0.54
N GLN A 284 0.67 44.24 1.71
CA GLN A 284 0.14 42.95 2.12
C GLN A 284 -1.30 43.08 2.60
N LYS A 285 -1.58 44.15 3.35
CA LYS A 285 -2.94 44.45 3.80
C LYS A 285 -3.24 45.92 3.54
N PRO A 286 -4.53 46.28 3.29
CA PRO A 286 -4.86 47.60 2.76
C PRO A 286 -4.44 48.80 3.61
N ASP A 287 -4.45 48.65 4.93
CA ASP A 287 -4.06 49.71 5.85
C ASP A 287 -2.54 49.88 5.92
N ASP A 288 -1.77 48.94 5.36
CA ASP A 288 -0.34 48.89 5.63
C ASP A 288 0.37 50.14 5.13
N MET A 289 1.13 50.78 6.00
CA MET A 289 1.85 51.99 5.65
C MET A 289 3.20 51.62 5.03
N PRO A 290 3.82 52.53 4.24
CA PRO A 290 5.14 52.28 3.68
C PRO A 290 6.12 51.89 4.76
N GLY A 291 6.87 50.81 4.53
CA GLY A 291 7.80 50.33 5.51
C GLY A 291 7.34 49.06 6.24
N VAL A 292 6.02 48.79 6.29
CA VAL A 292 5.51 47.48 6.65
C VAL A 292 5.90 46.53 5.51
N TYR A 293 5.76 47.02 4.28
CA TYR A 293 6.32 46.42 3.09
C TYR A 293 7.52 47.26 2.70
N PRO A 294 8.43 46.79 1.82
CA PRO A 294 9.63 47.54 1.48
C PRO A 294 9.30 48.87 0.79
N ASN A 295 9.68 49.93 1.47
CA ASN A 295 9.35 51.30 1.14
C ASN A 295 10.37 51.74 0.10
N GLY A 296 9.90 51.92 -1.14
CA GLY A 296 10.80 52.15 -2.24
C GLY A 296 10.47 51.28 -3.45
N GLY A 297 9.96 50.08 -3.20
CA GLY A 297 9.70 49.11 -4.23
C GLY A 297 8.53 49.55 -5.11
N PRO A 298 8.39 48.95 -6.31
CA PRO A 298 7.36 49.36 -7.25
C PRO A 298 5.96 48.79 -7.02
N VAL A 299 5.41 49.03 -5.83
CA VAL A 299 4.01 48.75 -5.59
C VAL A 299 3.12 49.70 -6.38
N SER A 300 1.88 49.27 -6.64
CA SER A 300 1.01 49.99 -7.55
C SER A 300 0.76 51.42 -7.10
N ARG A 301 0.68 51.67 -5.78
CA ARG A 301 0.48 53.00 -5.22
C ARG A 301 1.48 54.03 -5.76
N VAL A 302 2.73 53.59 -6.05
CA VAL A 302 3.79 54.48 -6.50
C VAL A 302 4.19 54.19 -7.95
N MET A 303 3.33 53.49 -8.71
CA MET A 303 3.62 53.14 -10.09
C MET A 303 4.02 54.38 -10.92
N ASP A 304 3.39 55.53 -10.63
CA ASP A 304 3.65 56.74 -11.40
C ASP A 304 5.07 57.25 -11.14
N ILE A 305 5.55 57.13 -9.91
CA ILE A 305 6.88 57.61 -9.59
C ILE A 305 7.92 56.77 -10.32
N TRP A 306 7.73 55.44 -10.29
CA TRP A 306 8.61 54.54 -11.01
C TRP A 306 8.57 54.82 -12.51
N LYS A 307 7.38 55.04 -13.08
CA LYS A 307 7.28 55.32 -14.49
C LYS A 307 8.04 56.61 -14.84
N ALA A 308 7.91 57.63 -13.99
CA ALA A 308 8.53 58.93 -14.20
C ALA A 308 10.05 58.86 -14.09
N ALA A 309 10.52 58.05 -13.14
CA ALA A 309 11.94 58.02 -12.80
C ALA A 309 12.71 56.98 -13.59
N ALA A 310 12.06 55.93 -14.13
CA ALA A 310 12.82 54.80 -14.63
C ALA A 310 12.37 54.32 -16.00
N PRO A 311 12.62 55.14 -17.04
CA PRO A 311 12.26 54.76 -18.41
C PRO A 311 13.02 53.56 -18.96
N HIS A 312 14.16 53.20 -18.34
CA HIS A 312 14.93 52.04 -18.75
C HIS A 312 14.41 50.76 -18.09
N ILE A 313 13.38 50.89 -17.25
CA ILE A 313 12.64 49.76 -16.69
C ILE A 313 11.31 49.64 -17.44
N ASP A 314 11.09 48.50 -18.12
CA ASP A 314 9.93 48.36 -19.00
C ASP A 314 8.65 48.02 -18.23
N VAL A 315 8.75 47.12 -17.25
CA VAL A 315 7.56 46.61 -16.60
C VAL A 315 7.76 46.61 -15.08
N LEU A 316 6.68 46.92 -14.34
CA LEU A 316 6.68 46.74 -12.90
C LEU A 316 5.86 45.50 -12.56
N ALA A 317 6.51 44.53 -11.88
CA ALA A 317 6.04 43.15 -11.84
C ALA A 317 5.66 42.77 -10.40
N PRO A 318 4.38 42.46 -10.13
CA PRO A 318 3.97 42.10 -8.78
C PRO A 318 4.36 40.65 -8.46
N ASP A 319 4.81 40.43 -7.23
CA ASP A 319 5.04 39.09 -6.73
C ASP A 319 3.82 38.71 -5.93
N ILE A 320 3.01 37.75 -6.43
CA ILE A 320 1.68 37.56 -5.86
C ILE A 320 1.60 36.23 -5.11
N TYR A 321 1.54 36.31 -3.77
CA TYR A 321 1.39 35.11 -2.95
C TYR A 321 0.04 35.10 -2.21
N LEU A 322 -0.77 36.15 -2.39
CA LEU A 322 -2.00 36.34 -1.62
C LEU A 322 -3.18 35.84 -2.44
N SER A 323 -4.33 35.68 -1.81
CA SER A 323 -5.40 34.93 -2.46
C SER A 323 -6.27 35.83 -3.34
N ASP A 324 -6.17 37.15 -3.14
CA ASP A 324 -7.00 38.13 -3.85
C ASP A 324 -6.43 38.34 -5.26
N PHE A 325 -6.27 37.23 -5.98
CA PHE A 325 -5.50 37.21 -7.20
C PHE A 325 -6.06 38.20 -8.22
N LYS A 326 -7.38 38.20 -8.43
CA LYS A 326 -7.99 38.97 -9.52
C LYS A 326 -7.89 40.50 -9.33
N ASN A 327 -8.20 40.99 -8.14
CA ASN A 327 -8.04 42.41 -7.82
C ASN A 327 -6.57 42.83 -7.93
N ILE A 328 -5.64 41.95 -7.50
CA ILE A 328 -4.22 42.30 -7.53
C ILE A 328 -3.76 42.47 -8.98
N VAL A 329 -4.00 41.48 -9.84
CA VAL A 329 -3.55 41.58 -11.22
C VAL A 329 -4.22 42.78 -11.89
N ALA A 330 -5.47 43.12 -11.53
CA ALA A 330 -6.18 44.22 -12.17
C ALA A 330 -5.54 45.54 -11.77
N ASP A 331 -5.07 45.59 -10.53
CA ASP A 331 -4.43 46.76 -9.97
C ASP A 331 -3.08 47.06 -10.62
N TYR A 332 -2.33 46.02 -11.05
CA TYR A 332 -0.99 46.21 -11.63
C TYR A 332 -1.01 46.36 -13.14
N HIS A 333 -2.01 45.77 -13.79
CA HIS A 333 -2.13 45.83 -15.23
C HIS A 333 -2.74 47.18 -15.63
N ARG A 334 -1.94 48.01 -16.32
CA ARG A 334 -2.35 49.33 -16.78
C ARG A 334 -1.99 49.46 -18.27
N ALA A 335 -2.40 50.55 -18.93
CA ALA A 335 -2.02 50.71 -20.33
C ALA A 335 -0.50 50.83 -20.49
N ASP A 336 0.21 51.37 -19.49
CA ASP A 336 1.66 51.53 -19.60
C ASP A 336 2.38 50.44 -18.81
N ASN A 337 1.67 49.37 -18.47
CA ASN A 337 2.26 48.36 -17.60
C ASN A 337 1.58 47.01 -17.84
N PRO A 338 2.20 46.17 -18.70
CA PRO A 338 1.71 44.84 -19.02
C PRO A 338 1.83 44.02 -17.75
N LEU A 339 0.95 43.03 -17.62
CA LEU A 339 0.97 42.14 -16.47
C LEU A 339 2.09 41.12 -16.63
N LEU A 340 2.98 41.04 -15.62
CA LEU A 340 4.15 40.18 -15.65
C LEU A 340 4.39 39.72 -14.23
N ILE A 341 4.20 38.42 -14.00
CA ILE A 341 4.17 37.89 -12.64
C ILE A 341 5.34 36.92 -12.49
N PRO A 342 6.48 37.39 -11.93
CA PRO A 342 7.66 36.52 -11.81
C PRO A 342 7.66 35.57 -10.64
N GLU A 343 6.80 35.85 -9.64
CA GLU A 343 6.70 35.06 -8.44
C GLU A 343 5.22 34.88 -8.07
N ALA A 344 4.79 33.62 -7.87
CA ALA A 344 3.40 33.33 -7.59
C ALA A 344 3.25 31.96 -6.96
N VAL A 345 2.01 31.58 -6.65
CA VAL A 345 1.72 30.24 -6.18
C VAL A 345 1.56 29.31 -7.39
N MET A 346 1.77 28.03 -7.12
CA MET A 346 1.60 27.01 -8.13
C MET A 346 0.13 26.60 -8.21
N LYS A 347 -0.67 27.48 -8.80
CA LYS A 347 -2.11 27.32 -8.94
C LYS A 347 -2.43 27.52 -10.41
N PRO A 348 -2.80 26.46 -11.17
CA PRO A 348 -3.05 26.65 -12.60
C PRO A 348 -4.15 27.67 -12.94
N ALA A 349 -5.15 27.83 -12.06
CA ALA A 349 -6.21 28.81 -12.33
C ALA A 349 -5.62 30.21 -12.52
N ASN A 350 -4.66 30.56 -11.67
CA ASN A 350 -4.04 31.86 -11.71
C ASN A 350 -3.39 32.09 -13.07
N ALA A 351 -2.73 31.07 -13.63
CA ALA A 351 -2.09 31.21 -14.93
C ALA A 351 -3.12 31.51 -16.02
N PHE A 352 -4.19 30.70 -16.05
CA PHE A 352 -5.26 30.86 -17.02
C PHE A 352 -5.88 32.25 -16.88
N TRP A 353 -6.12 32.72 -15.66
CA TRP A 353 -6.67 34.05 -15.45
C TRP A 353 -5.71 35.12 -15.95
N ALA A 354 -4.44 35.03 -15.57
CA ALA A 354 -3.46 36.04 -15.98
C ALA A 354 -3.36 36.11 -17.50
N PHE A 355 -3.24 34.96 -18.17
CA PHE A 355 -3.05 34.95 -19.60
C PHE A 355 -4.32 35.32 -20.36
N GLY A 356 -5.47 34.73 -19.97
CA GLY A 356 -6.73 34.93 -20.66
C GLY A 356 -7.36 36.30 -20.40
N GLU A 357 -7.47 36.67 -19.13
CA GLU A 357 -8.15 37.90 -18.76
C GLU A 357 -7.26 39.12 -19.03
N HIS A 358 -5.95 39.04 -18.76
CA HIS A 358 -5.11 40.23 -18.77
C HIS A 358 -3.94 40.14 -19.76
N SER A 359 -3.94 39.15 -20.66
CA SER A 359 -2.94 39.10 -21.72
C SER A 359 -1.50 39.14 -21.16
N ALA A 360 -1.23 38.36 -20.09
CA ALA A 360 0.01 38.49 -19.32
C ALA A 360 1.18 38.00 -20.14
N LEU A 361 2.37 38.54 -19.86
CA LEU A 361 3.59 38.12 -20.52
C LEU A 361 4.22 36.93 -19.81
N CYS A 362 3.92 36.78 -18.51
CA CYS A 362 4.62 35.85 -17.65
C CYS A 362 3.76 35.42 -16.47
N TYR A 363 3.77 34.11 -16.19
CA TYR A 363 3.28 33.53 -14.94
C TYR A 363 4.34 32.56 -14.47
N SER A 364 4.70 32.65 -13.20
CA SER A 364 5.86 31.97 -12.68
C SER A 364 5.69 31.65 -11.19
N PRO A 365 5.35 30.38 -10.84
CA PRO A 365 5.41 29.96 -9.44
C PRO A 365 6.82 30.01 -8.88
N PHE A 366 6.91 30.50 -7.63
CA PHE A 366 8.17 30.55 -6.93
C PHE A 366 8.51 29.18 -6.34
N GLY A 367 9.79 28.84 -6.36
CA GLY A 367 10.22 27.54 -5.87
C GLY A 367 9.70 26.40 -6.76
N ILE A 368 9.74 26.64 -8.08
CA ILE A 368 9.14 25.76 -9.06
C ILE A 368 9.71 24.34 -8.94
N GLU A 369 11.00 24.19 -8.61
CA GLU A 369 11.62 22.86 -8.55
C GLU A 369 10.96 22.01 -7.46
N ASP A 370 10.26 22.62 -6.49
CA ASP A 370 9.51 21.88 -5.50
C ASP A 370 8.30 21.19 -6.14
N GLY A 371 7.86 21.66 -7.30
CA GLY A 371 6.50 21.36 -7.76
C GLY A 371 6.45 20.23 -8.77
N ALA A 372 7.52 19.43 -8.88
CA ALA A 372 7.72 18.55 -10.02
C ALA A 372 6.69 17.42 -10.07
N ASP A 373 6.00 17.15 -8.96
CA ASP A 373 4.97 16.12 -8.93
C ASP A 373 3.56 16.69 -9.17
N ASN A 374 3.47 17.97 -9.57
CA ASN A 374 2.18 18.60 -9.79
C ASN A 374 1.70 18.30 -11.21
N PHE A 375 1.06 17.13 -11.36
CA PHE A 375 0.60 16.63 -12.65
C PHE A 375 -0.37 17.63 -13.26
N VAL A 376 -1.31 18.12 -12.46
CA VAL A 376 -2.34 19.00 -12.98
C VAL A 376 -1.72 20.30 -13.51
N PHE A 377 -0.80 20.88 -12.73
CA PHE A 377 -0.08 22.07 -13.15
C PHE A 377 0.68 21.83 -14.44
N ALA A 378 1.44 20.73 -14.51
CA ALA A 378 2.19 20.43 -15.72
C ALA A 378 1.29 20.33 -16.94
N GLN A 379 0.10 19.70 -16.82
CA GLN A 379 -0.80 19.49 -17.97
C GLN A 379 -1.47 20.81 -18.35
N SER A 380 -1.61 21.70 -17.35
CA SER A 380 -2.10 23.06 -17.57
C SER A 380 -1.15 23.83 -18.47
N TYR A 381 0.15 23.74 -18.17
CA TYR A 381 1.17 24.39 -18.99
C TYR A 381 1.26 23.75 -20.39
N LYS A 382 1.04 22.42 -20.49
CA LYS A 382 0.92 21.79 -21.79
C LYS A 382 -0.18 22.44 -22.64
N VAL A 383 -1.36 22.57 -22.04
CA VAL A 383 -2.50 23.17 -22.72
C VAL A 383 -2.22 24.64 -23.06
N LEU A 384 -1.63 25.40 -22.14
CA LEU A 384 -1.37 26.79 -22.45
C LEU A 384 -0.40 26.89 -23.62
N ASN A 385 0.57 25.98 -23.68
CA ASN A 385 1.55 25.95 -24.77
C ASN A 385 0.85 25.77 -26.11
N GLU A 386 -0.14 24.85 -26.15
CA GLU A 386 -0.87 24.56 -27.36
C GLU A 386 -1.59 25.83 -27.77
N LEU A 387 -1.96 26.65 -26.77
CA LEU A 387 -2.78 27.84 -26.96
C LEU A 387 -1.97 29.12 -27.23
N ILE A 388 -0.64 29.09 -27.09
CA ILE A 388 0.13 30.35 -27.13
C ILE A 388 -0.18 31.13 -28.41
N PRO A 389 -0.10 30.52 -29.63
CA PRO A 389 -0.41 31.26 -30.86
C PRO A 389 -1.77 31.95 -30.82
N LEU A 390 -2.80 31.23 -30.35
CA LEU A 390 -4.15 31.76 -30.29
C LEU A 390 -4.26 32.85 -29.22
N ILE A 391 -3.67 32.64 -28.04
CA ILE A 391 -3.65 33.66 -26.98
C ILE A 391 -2.96 34.93 -27.51
N SER A 392 -1.77 34.75 -28.14
CA SER A 392 -0.97 35.85 -28.67
C SER A 392 -1.79 36.77 -29.58
N GLU A 393 -2.44 36.14 -30.57
CA GLU A 393 -3.26 36.79 -31.56
C GLU A 393 -4.41 37.59 -30.96
N HIS A 394 -4.87 37.25 -29.75
CA HIS A 394 -6.03 37.93 -29.17
C HIS A 394 -5.67 38.76 -27.94
N GLN A 395 -4.38 39.02 -27.70
CA GLN A 395 -3.97 39.85 -26.57
C GLN A 395 -4.52 41.26 -26.75
N GLY A 396 -5.22 41.75 -25.72
CA GLY A 396 -5.73 43.11 -25.71
C GLY A 396 -7.09 43.23 -26.41
N SER A 397 -7.63 42.14 -26.94
CA SER A 397 -8.92 42.21 -27.63
C SER A 397 -10.03 41.92 -26.63
N ASP A 398 -11.26 42.30 -26.96
CA ASP A 398 -12.40 42.00 -26.11
C ASP A 398 -12.96 40.62 -26.47
N ARG A 399 -12.24 39.84 -27.29
CA ARG A 399 -12.71 38.52 -27.66
C ARG A 399 -11.96 37.41 -26.90
N MET A 400 -11.26 37.75 -25.80
CA MET A 400 -10.60 36.74 -25.00
C MET A 400 -10.78 37.09 -23.54
N ILE A 401 -11.23 36.11 -22.75
CA ILE A 401 -11.36 36.29 -21.32
C ILE A 401 -10.71 35.09 -20.65
N GLY A 402 -10.38 35.28 -19.37
CA GLY A 402 -10.06 34.17 -18.49
C GLY A 402 -11.33 33.72 -17.79
N VAL A 403 -11.19 32.57 -17.13
CA VAL A 403 -12.22 31.97 -16.29
C VAL A 403 -11.52 31.49 -15.03
N MET A 404 -12.02 31.91 -13.88
CA MET A 404 -11.49 31.46 -12.61
C MET A 404 -12.54 31.73 -11.55
N LYS A 405 -13.05 30.66 -10.94
CA LYS A 405 -13.99 30.77 -9.84
C LYS A 405 -13.25 31.11 -8.55
N MET A 406 -13.78 32.05 -7.78
CA MET A 406 -13.31 32.36 -6.43
C MET A 406 -14.42 31.99 -5.44
N PRO A 407 -14.11 31.68 -4.17
CA PRO A 407 -15.14 31.23 -3.22
C PRO A 407 -16.27 32.26 -3.16
N GLY A 408 -17.52 31.79 -3.21
CA GLY A 408 -18.67 32.69 -3.10
C GLY A 408 -19.15 33.24 -4.43
N GLU A 409 -18.44 32.97 -5.54
CA GLU A 409 -18.96 33.25 -6.87
C GLU A 409 -19.67 31.98 -7.35
N SER A 410 -20.56 32.06 -8.34
CA SER A 410 -21.01 30.83 -8.99
C SER A 410 -21.31 31.00 -10.48
N GLU A 411 -21.43 32.24 -11.04
CA GLU A 411 -21.60 32.36 -12.48
C GLU A 411 -21.21 33.74 -13.04
N ARG A 412 -20.53 33.69 -14.18
CA ARG A 412 -20.16 34.90 -14.92
C ARG A 412 -20.88 34.92 -16.26
N THR A 413 -21.59 36.03 -16.54
CA THR A 413 -22.14 36.23 -17.87
C THR A 413 -21.27 37.26 -18.60
N VAL A 414 -21.00 37.03 -19.88
CA VAL A 414 -20.31 38.02 -20.70
C VAL A 414 -20.95 38.00 -22.08
N THR A 415 -20.82 39.14 -22.79
CA THR A 415 -21.24 39.28 -24.17
C THR A 415 -20.04 39.13 -25.09
N MET A 416 -20.23 38.41 -26.21
CA MET A 416 -19.21 38.25 -27.23
C MET A 416 -19.88 38.26 -28.59
N GLY A 417 -19.75 39.39 -29.28
CA GLY A 417 -20.46 39.65 -30.52
C GLY A 417 -21.94 39.34 -30.34
N ASP A 418 -22.44 38.38 -31.13
CA ASP A 418 -23.86 38.05 -31.16
C ASP A 418 -24.32 37.23 -29.98
N TYR A 419 -23.40 36.73 -29.14
CA TYR A 419 -23.73 35.71 -28.17
C TYR A 419 -23.53 36.25 -26.76
N GLN A 420 -24.43 35.83 -25.88
CA GLN A 420 -24.24 35.90 -24.44
C GLN A 420 -23.71 34.54 -24.01
N LEU A 421 -22.65 34.57 -23.18
CA LEU A 421 -22.06 33.38 -22.60
C LEU A 421 -22.29 33.40 -21.10
N CYS A 422 -22.97 32.38 -20.61
CA CYS A 422 -23.15 32.19 -19.18
C CYS A 422 -22.25 31.04 -18.76
N ILE A 423 -21.30 31.36 -17.88
CA ILE A 423 -20.29 30.44 -17.41
C ILE A 423 -20.71 29.97 -16.02
N LYS A 424 -21.01 28.69 -15.84
CA LYS A 424 -21.45 28.21 -14.54
C LYS A 424 -20.45 27.20 -14.02
N TYR A 425 -20.10 27.31 -12.74
CA TYR A 425 -19.04 26.48 -12.16
C TYR A 425 -19.63 25.19 -11.60
N ASP A 426 -18.94 24.06 -11.83
CA ASP A 426 -19.34 22.74 -11.35
C ASP A 426 -18.49 22.29 -10.18
N ALA A 427 -17.49 23.10 -9.81
CA ALA A 427 -16.65 22.78 -8.67
C ALA A 427 -15.92 24.05 -8.25
N GLU A 428 -15.33 24.05 -7.06
CA GLU A 428 -14.63 25.23 -6.55
C GLU A 428 -13.36 25.52 -7.39
N ASP A 429 -12.71 24.44 -7.82
CA ASP A 429 -11.54 24.47 -8.68
C ASP A 429 -11.99 24.56 -10.15
N ALA A 430 -12.47 25.74 -10.57
CA ALA A 430 -12.99 25.91 -11.92
C ALA A 430 -12.25 27.03 -12.61
N TYR A 431 -11.63 26.75 -13.78
CA TYR A 431 -10.78 27.73 -14.43
C TYR A 431 -10.50 27.35 -15.88
N GLY A 432 -10.09 28.37 -16.65
CA GLY A 432 -9.76 28.22 -18.05
C GLY A 432 -9.74 29.57 -18.75
N LEU A 433 -10.06 29.59 -20.04
CA LEU A 433 -10.14 30.84 -20.79
C LEU A 433 -11.02 30.59 -22.02
N ILE A 434 -11.50 31.68 -22.64
CA ILE A 434 -12.43 31.62 -23.76
C ILE A 434 -11.96 32.63 -24.78
N ILE A 435 -11.82 32.18 -26.04
CA ILE A 435 -11.48 33.05 -27.16
C ILE A 435 -12.56 32.93 -28.23
N GLN A 436 -13.11 34.06 -28.69
CA GLN A 436 -14.00 34.03 -29.84
C GLN A 436 -13.11 34.13 -31.07
N THR A 437 -13.07 33.07 -31.88
CA THR A 437 -12.20 33.00 -33.03
C THR A 437 -12.96 33.33 -34.32
N GLY A 438 -14.30 33.35 -34.26
CA GLY A 438 -15.11 33.77 -35.40
C GLY A 438 -16.46 34.26 -34.92
N LYS A 439 -17.23 34.83 -35.86
CA LYS A 439 -18.59 35.27 -35.59
C LYS A 439 -19.34 34.15 -34.88
N ASN A 440 -19.14 32.90 -35.34
CA ASN A 440 -19.89 31.77 -34.79
C ASN A 440 -18.94 30.67 -34.30
N GLU A 441 -17.82 31.06 -33.69
CA GLU A 441 -16.86 30.06 -33.30
C GLU A 441 -16.04 30.54 -32.11
N PHE A 442 -15.79 29.60 -31.18
CA PHE A 442 -15.12 29.87 -29.92
C PHE A 442 -14.17 28.73 -29.61
N VAL A 443 -13.04 29.05 -28.99
CA VAL A 443 -12.18 28.08 -28.33
C VAL A 443 -12.32 28.29 -26.84
N VAL A 444 -12.73 27.22 -26.16
CA VAL A 444 -12.83 27.21 -24.72
C VAL A 444 -11.84 26.20 -24.18
N ALA A 445 -10.97 26.66 -23.27
CA ALA A 445 -10.07 25.79 -22.55
C ALA A 445 -10.43 25.77 -21.07
N GLY A 446 -10.17 24.66 -20.39
CA GLY A 446 -10.25 24.65 -18.93
C GLY A 446 -10.98 23.42 -18.36
N ILE A 447 -11.51 23.56 -17.14
CA ILE A 447 -11.96 22.42 -16.37
C ILE A 447 -12.97 22.89 -15.32
N ASN A 448 -14.07 22.12 -15.20
CA ASN A 448 -15.00 22.20 -14.08
C ASN A 448 -15.98 23.35 -14.23
N PHE A 449 -16.20 23.79 -15.48
CA PHE A 449 -17.22 24.78 -15.75
C PHE A 449 -18.02 24.37 -16.99
N LYS A 450 -19.17 25.02 -17.14
CA LYS A 450 -20.04 24.88 -18.29
C LYS A 450 -20.25 26.25 -18.89
N VAL A 451 -20.54 26.31 -20.20
CA VAL A 451 -20.89 27.53 -20.89
C VAL A 451 -22.19 27.34 -21.68
N TYR A 452 -23.19 28.18 -21.35
CA TYR A 452 -24.43 28.30 -22.10
C TYR A 452 -24.31 29.47 -23.08
N PHE A 453 -24.66 29.22 -24.35
CA PHE A 453 -24.65 30.20 -25.42
C PHE A 453 -26.09 30.54 -25.82
N THR A 454 -26.42 31.84 -25.75
CA THR A 454 -27.70 32.37 -26.19
C THR A 454 -27.42 33.55 -27.09
N SER A 455 -28.48 34.04 -27.74
CA SER A 455 -28.42 35.17 -28.65
C SER A 455 -28.45 36.47 -27.85
N THR A 456 -27.57 37.43 -28.18
CA THR A 456 -27.67 38.78 -27.64
C THR A 456 -29.00 39.38 -28.09
N ASP A 457 -29.29 39.21 -29.38
CA ASP A 457 -30.53 39.68 -29.99
C ASP A 457 -31.69 38.74 -29.61
N LYS A 458 -32.63 39.26 -28.81
CA LYS A 458 -33.72 38.47 -28.23
C LYS A 458 -34.71 38.01 -29.31
N LYS A 459 -34.65 38.59 -30.51
CA LYS A 459 -35.55 38.18 -31.57
C LYS A 459 -35.04 36.90 -32.22
N LYS A 460 -33.79 36.51 -31.91
CA LYS A 460 -33.20 35.29 -32.42
C LYS A 460 -33.03 34.26 -31.31
N THR A 461 -32.86 32.99 -31.71
CA THR A 461 -32.43 31.91 -30.85
C THR A 461 -31.01 31.52 -31.25
N GLY A 462 -30.09 31.69 -30.29
CA GLY A 462 -28.73 31.19 -30.42
C GLY A 462 -28.59 29.81 -29.77
N TYR A 463 -27.76 28.99 -30.39
CA TYR A 463 -27.55 27.64 -29.94
C TYR A 463 -26.17 27.17 -30.34
N ILE A 464 -25.65 26.18 -29.60
CA ILE A 464 -24.49 25.43 -30.05
C ILE A 464 -24.89 24.68 -31.32
N LYS A 465 -24.00 24.69 -32.31
CA LYS A 465 -24.11 23.88 -33.52
C LYS A 465 -23.35 22.56 -33.36
N GLN A 466 -22.04 22.67 -33.06
CA GLN A 466 -21.17 21.51 -32.91
C GLN A 466 -20.03 21.85 -31.95
N VAL A 467 -19.62 20.81 -31.20
CA VAL A 467 -18.51 20.87 -30.27
C VAL A 467 -17.50 19.77 -30.61
N TRP A 468 -16.22 20.14 -30.63
CA TRP A 468 -15.15 19.17 -30.72
C TRP A 468 -14.23 19.36 -29.52
N GLU A 469 -13.77 18.23 -28.93
CA GLU A 469 -12.65 18.22 -28.02
C GLU A 469 -11.40 17.97 -28.84
N GLY A 470 -10.28 18.60 -28.48
CA GLY A 470 -9.04 18.27 -29.16
C GLY A 470 -7.86 19.00 -28.56
N GLY A 471 -6.88 19.25 -29.42
CA GLY A 471 -5.73 20.04 -29.05
C GLY A 471 -4.93 20.43 -30.30
N TYR A 472 -3.78 21.11 -30.07
CA TYR A 472 -2.86 21.50 -31.13
C TYR A 472 -1.64 20.59 -31.08
N ASP A 473 -1.21 20.13 -32.26
CA ASP A 473 -0.09 19.21 -32.37
C ASP A 473 1.20 20.03 -32.37
N THR A 474 2.35 19.36 -32.54
CA THR A 474 3.65 20.02 -32.43
C THR A 474 3.93 20.93 -33.63
N ASP A 475 3.12 20.82 -34.70
CA ASP A 475 3.12 21.74 -35.84
C ASP A 475 2.16 22.90 -35.63
N GLY A 476 1.35 22.89 -34.55
CA GLY A 476 0.41 23.98 -34.32
C GLY A 476 -0.94 23.78 -35.00
N GLU A 477 -1.20 22.58 -35.54
CA GLU A 477 -2.48 22.27 -36.16
C GLU A 477 -3.49 21.69 -35.16
N TRP A 478 -4.74 22.14 -35.27
CA TRP A 478 -5.84 21.59 -34.48
C TRP A 478 -6.06 20.12 -34.84
N LYS A 479 -6.17 19.27 -33.83
CA LYS A 479 -6.53 17.87 -34.02
C LYS A 479 -7.63 17.55 -33.01
N ALA A 480 -8.80 17.16 -33.52
CA ALA A 480 -9.92 16.80 -32.66
C ALA A 480 -9.76 15.34 -32.23
N THR A 481 -10.06 15.09 -30.96
CA THR A 481 -10.05 13.73 -30.44
C THR A 481 -11.48 13.16 -30.39
N ARG A 482 -12.49 14.05 -30.27
CA ARG A 482 -13.88 13.63 -30.34
C ARG A 482 -14.73 14.81 -30.81
N LEU A 483 -15.81 14.48 -31.53
CA LEU A 483 -16.96 15.36 -31.62
C LEU A 483 -17.88 15.04 -30.42
N LEU A 484 -17.95 15.98 -29.45
CA LEU A 484 -18.75 15.81 -28.25
C LEU A 484 -20.17 16.18 -28.62
N ASN A 485 -21.09 15.30 -28.23
CA ASN A 485 -22.51 15.48 -28.48
C ASN A 485 -23.24 14.55 -27.52
N GLY A 486 -24.58 14.50 -27.60
CA GLY A 486 -25.32 13.63 -26.70
C GLY A 486 -25.09 14.01 -25.24
N ASP A 487 -24.84 12.97 -24.42
CA ASP A 487 -24.54 13.13 -23.01
C ASP A 487 -23.41 14.13 -22.80
N GLU A 488 -22.44 14.16 -23.72
CA GLU A 488 -21.22 14.93 -23.51
C GLU A 488 -21.45 16.44 -23.66
N THR A 489 -22.59 16.87 -24.26
CA THR A 489 -22.95 18.29 -24.34
C THR A 489 -24.39 18.54 -23.90
N TYR A 490 -24.99 17.58 -23.18
CA TYR A 490 -26.42 17.57 -22.92
C TYR A 490 -27.21 17.88 -24.18
N HIS A 491 -26.88 17.21 -25.28
CA HIS A 491 -27.60 17.32 -26.54
C HIS A 491 -27.47 18.75 -27.06
N ASN A 492 -26.24 19.29 -26.93
CA ASN A 492 -25.86 20.62 -27.38
C ASN A 492 -26.57 21.73 -26.62
N ALA A 493 -27.14 21.45 -25.42
CA ALA A 493 -27.64 22.49 -24.55
C ALA A 493 -26.52 23.31 -23.91
N VAL A 494 -25.29 22.74 -23.88
CA VAL A 494 -24.24 23.30 -23.03
C VAL A 494 -22.90 22.69 -23.44
N LEU A 495 -21.86 23.51 -23.32
CA LEU A 495 -20.48 23.07 -23.39
C LEU A 495 -20.05 22.69 -21.97
N ILE A 496 -19.66 21.43 -21.80
CA ILE A 496 -19.09 20.93 -20.57
C ILE A 496 -17.58 20.92 -20.76
N ALA A 497 -16.87 21.76 -20.00
CA ALA A 497 -15.42 21.71 -19.93
C ALA A 497 -15.02 20.74 -18.82
N LYS A 498 -15.07 19.45 -19.15
CA LYS A 498 -14.81 18.38 -18.19
C LYS A 498 -13.30 18.24 -17.93
N GLY A 499 -12.51 18.38 -19.00
CA GLY A 499 -11.05 18.38 -18.92
C GLY A 499 -10.49 17.17 -19.65
N ARG A 500 -9.17 17.15 -19.83
CA ARG A 500 -8.51 15.94 -20.33
C ARG A 500 -8.37 14.93 -19.18
N ARG A 501 -8.57 13.65 -19.48
CA ARG A 501 -8.67 12.60 -18.47
C ARG A 501 -7.42 11.76 -18.52
N THR A 502 -7.01 11.26 -17.34
CA THR A 502 -5.93 10.29 -17.18
C THR A 502 -6.35 9.26 -16.14
N VAL A 530 -7.70 11.29 -13.06
CA VAL A 530 -7.22 12.67 -12.73
C VAL A 530 -7.41 13.59 -13.95
N TRP A 531 -7.96 14.79 -13.67
CA TRP A 531 -8.43 15.69 -14.69
C TRP A 531 -7.59 16.97 -14.75
N SER A 532 -7.39 17.46 -15.97
CA SER A 532 -6.67 18.70 -16.20
C SER A 532 -7.39 19.41 -17.33
N PRO A 533 -7.09 20.71 -17.57
CA PRO A 533 -7.79 21.49 -18.59
C PRO A 533 -7.84 20.83 -19.96
N GLY A 534 -9.01 20.91 -20.59
CA GLY A 534 -9.19 20.49 -21.96
C GLY A 534 -9.33 21.71 -22.89
N ILE A 535 -9.38 21.44 -24.19
CA ILE A 535 -9.55 22.47 -25.21
C ILE A 535 -10.71 22.02 -26.10
N TYR A 536 -11.62 22.94 -26.34
CA TYR A 536 -12.89 22.67 -26.99
C TYR A 536 -13.14 23.73 -28.05
N ARG A 537 -13.44 23.30 -29.28
CA ARG A 537 -13.87 24.20 -30.33
C ARG A 537 -15.39 24.08 -30.44
N VAL A 538 -16.09 25.21 -30.26
CA VAL A 538 -17.53 25.27 -30.34
C VAL A 538 -17.95 26.14 -31.53
N THR A 539 -18.80 25.60 -32.41
CA THR A 539 -19.47 26.46 -33.37
C THR A 539 -20.88 26.70 -32.82
N THR A 540 -21.43 27.88 -33.13
CA THR A 540 -22.73 28.30 -32.67
C THR A 540 -23.52 28.73 -33.90
N TYR A 541 -24.83 28.92 -33.74
CA TYR A 541 -25.63 29.44 -34.83
C TYR A 541 -26.84 30.17 -34.25
N LEU A 542 -27.38 31.10 -35.05
CA LEU A 542 -28.60 31.84 -34.76
C LEU A 542 -29.72 31.35 -35.68
N ARG A 543 -30.95 31.20 -35.15
CA ARG A 543 -32.12 30.90 -35.96
C ARG A 543 -33.13 32.06 -35.79
N VAL B 13 5.95 -55.61 3.04
CA VAL B 13 5.22 -54.33 2.75
C VAL B 13 6.13 -53.17 3.15
N PRO B 14 5.96 -51.98 2.54
CA PRO B 14 6.83 -50.86 2.86
C PRO B 14 6.29 -49.91 3.95
N SER B 15 5.18 -50.26 4.61
CA SER B 15 4.66 -49.52 5.75
C SER B 15 4.05 -50.46 6.78
N ARG B 16 4.44 -50.27 8.05
CA ARG B 16 4.03 -51.16 9.12
C ARG B 16 4.07 -50.43 10.45
N LEU B 17 3.20 -50.87 11.37
CA LEU B 17 3.22 -50.43 12.76
C LEU B 17 4.03 -51.43 13.58
N VAL B 18 5.02 -50.94 14.34
CA VAL B 18 5.86 -51.78 15.19
C VAL B 18 5.94 -51.13 16.57
N LYS B 19 5.82 -51.92 17.65
CA LYS B 19 5.89 -51.39 19.00
C LYS B 19 7.39 -51.29 19.35
N ASN B 20 7.79 -50.18 20.01
CA ASN B 20 9.16 -50.03 20.49
C ASN B 20 9.34 -50.48 21.94
N GLU B 21 10.59 -50.34 22.40
CA GLU B 21 10.99 -50.60 23.77
C GLU B 21 10.07 -49.92 24.79
N HIS B 22 9.61 -48.69 24.52
CA HIS B 22 8.81 -47.98 25.51
C HIS B 22 7.33 -48.36 25.39
N GLY B 23 6.98 -49.25 24.44
CA GLY B 23 5.62 -49.72 24.30
C GLY B 23 4.79 -48.80 23.41
N SER B 24 5.46 -47.89 22.70
CA SER B 24 4.83 -46.97 21.78
C SER B 24 4.80 -47.61 20.40
N TRP B 25 3.65 -47.56 19.75
CA TRP B 25 3.54 -47.96 18.36
C TRP B 25 4.19 -46.91 17.48
N GLN B 26 5.01 -47.40 16.54
CA GLN B 26 5.71 -46.52 15.60
C GLN B 26 5.37 -46.93 14.17
N LEU B 27 5.25 -45.95 13.30
CA LEU B 27 5.10 -46.18 11.87
C LEU B 27 6.51 -46.39 11.33
N ILE B 28 6.76 -47.53 10.68
CA ILE B 28 8.06 -47.76 10.05
C ILE B 28 7.80 -47.79 8.54
N VAL B 29 8.48 -46.94 7.80
CA VAL B 29 8.24 -46.72 6.38
C VAL B 29 9.58 -46.76 5.68
N ASN B 30 9.68 -47.51 4.56
CA ASN B 30 10.94 -47.70 3.84
C ASN B 30 12.06 -47.93 4.86
N GLY B 31 11.76 -48.77 5.88
CA GLY B 31 12.72 -49.24 6.86
C GLY B 31 12.98 -48.30 8.05
N LYS B 32 12.44 -47.08 8.04
CA LYS B 32 12.81 -46.08 9.03
C LYS B 32 11.56 -45.59 9.78
N PRO B 33 11.70 -45.19 11.05
CA PRO B 33 10.61 -44.53 11.75
C PRO B 33 10.17 -43.28 10.96
N PHE B 34 8.84 -43.11 10.90
CA PHE B 34 8.20 -42.10 10.08
C PHE B 34 7.05 -41.50 10.88
N ILE B 35 6.98 -40.17 10.91
CA ILE B 35 5.87 -39.46 11.51
C ILE B 35 5.15 -38.68 10.42
N MET B 36 3.82 -38.75 10.35
CA MET B 36 3.08 -38.06 9.31
C MET B 36 2.89 -36.58 9.70
N LEU B 37 3.72 -35.73 9.10
CA LEU B 37 3.49 -34.28 9.03
C LEU B 37 2.58 -34.02 7.84
N ALA B 38 1.28 -34.10 8.10
CA ALA B 38 0.28 -34.32 7.07
C ALA B 38 -0.67 -33.14 6.93
N GLY B 39 -1.49 -33.26 5.90
CA GLY B 39 -2.64 -32.41 5.68
C GLY B 39 -3.60 -33.19 4.81
N GLU B 40 -4.90 -32.95 5.00
CA GLU B 40 -5.94 -33.58 4.22
C GLU B 40 -6.52 -32.56 3.25
N LEU B 41 -6.68 -32.93 1.98
CA LEU B 41 -7.33 -32.06 0.99
C LEU B 41 -8.83 -31.86 1.33
N HIS B 42 -9.45 -30.80 0.79
CA HIS B 42 -10.90 -30.74 0.78
C HIS B 42 -11.45 -31.98 0.05
N ASN B 43 -12.67 -32.34 0.39
CA ASN B 43 -13.32 -33.58 -0.02
C ASN B 43 -13.24 -33.84 -1.53
N SER B 44 -13.52 -32.79 -2.31
CA SER B 44 -13.74 -32.91 -3.74
C SER B 44 -12.44 -32.68 -4.50
N SER B 45 -11.33 -32.48 -3.78
CA SER B 45 -10.10 -31.96 -4.34
C SER B 45 -9.28 -33.00 -5.10
N ALA B 46 -9.57 -34.32 -4.95
CA ALA B 46 -8.92 -35.37 -5.74
C ALA B 46 -9.88 -35.95 -6.79
N SER B 47 -10.84 -35.16 -7.24
CA SER B 47 -11.93 -35.70 -8.05
C SER B 47 -11.64 -35.61 -9.56
N THR B 48 -10.70 -34.72 -9.99
CA THR B 48 -10.12 -34.75 -11.33
C THR B 48 -8.60 -34.70 -11.17
N THR B 49 -7.88 -35.24 -12.15
CA THR B 49 -6.43 -35.17 -12.17
C THR B 49 -5.97 -33.71 -12.21
N GLU B 50 -6.69 -32.89 -12.96
CA GLU B 50 -6.30 -31.50 -13.21
C GLU B 50 -6.40 -30.67 -11.91
N TYR B 51 -7.51 -30.85 -11.17
CA TYR B 51 -7.70 -30.08 -9.94
C TYR B 51 -6.61 -30.48 -8.96
N LEU B 52 -6.42 -31.80 -8.73
CA LEU B 52 -5.42 -32.26 -7.78
C LEU B 52 -4.03 -31.78 -8.21
N ASN B 53 -3.70 -31.86 -9.49
CA ASN B 53 -2.36 -31.47 -9.95
C ASN B 53 -2.15 -29.97 -9.79
N SER B 54 -3.22 -29.21 -9.66
CA SER B 54 -3.08 -27.79 -9.43
C SER B 54 -2.57 -27.51 -8.03
N LEU B 55 -2.49 -28.51 -7.11
CA LEU B 55 -2.30 -28.23 -5.68
C LEU B 55 -0.90 -28.55 -5.18
N TRP B 56 -0.15 -29.41 -5.89
CA TRP B 56 1.07 -29.96 -5.33
C TRP B 56 2.03 -28.85 -4.91
N THR B 57 2.22 -27.82 -5.76
CA THR B 57 3.24 -26.82 -5.46
C THR B 57 2.87 -26.05 -4.18
N SER B 58 1.57 -25.76 -4.01
CA SER B 58 1.07 -25.20 -2.74
C SER B 58 1.43 -26.05 -1.54
N LEU B 59 1.14 -27.37 -1.60
CA LEU B 59 1.35 -28.30 -0.52
C LEU B 59 2.81 -28.37 -0.11
N LYS B 60 3.71 -28.26 -1.09
CA LYS B 60 5.14 -28.36 -0.81
C LYS B 60 5.60 -27.18 0.04
N THR B 61 5.00 -26.02 -0.15
CA THR B 61 5.39 -24.82 0.59
C THR B 61 5.06 -25.00 2.07
N LEU B 62 4.15 -25.93 2.42
CA LEU B 62 3.80 -26.20 3.82
C LEU B 62 4.66 -27.28 4.47
N ASN B 63 5.57 -27.90 3.70
CA ASN B 63 6.56 -28.82 4.21
C ASN B 63 5.88 -30.10 4.74
N LEU B 64 4.72 -30.45 4.18
CA LEU B 64 4.10 -31.75 4.41
C LEU B 64 5.10 -32.87 4.08
N ASN B 65 5.04 -34.02 4.77
CA ASN B 65 5.66 -35.20 4.18
C ASN B 65 4.61 -36.19 3.67
N THR B 66 3.32 -35.93 3.95
CA THR B 66 2.24 -36.89 3.73
C THR B 66 0.98 -36.12 3.35
N VAL B 67 0.25 -36.63 2.36
CA VAL B 67 -1.04 -36.05 1.98
C VAL B 67 -2.12 -37.12 2.14
N LEU B 68 -3.22 -36.72 2.81
CA LEU B 68 -4.41 -37.52 2.99
C LEU B 68 -5.37 -37.09 1.89
N ALA B 69 -5.79 -38.04 1.03
CA ALA B 69 -6.65 -37.70 -0.10
C ALA B 69 -7.58 -38.86 -0.38
N PRO B 70 -8.84 -38.55 -0.77
CA PRO B 70 -9.82 -39.60 -1.02
C PRO B 70 -9.76 -40.25 -2.40
N ILE B 71 -10.16 -41.52 -2.43
CA ILE B 71 -10.67 -42.21 -3.60
C ILE B 71 -12.14 -42.53 -3.32
N ALA B 72 -13.00 -42.19 -4.28
CA ALA B 72 -14.44 -42.32 -4.14
C ALA B 72 -14.91 -43.54 -4.93
N TRP B 73 -15.70 -44.37 -4.25
CA TRP B 73 -16.18 -45.60 -4.85
C TRP B 73 -16.95 -45.26 -6.13
N GLU B 74 -17.75 -44.19 -6.07
CA GLU B 74 -18.54 -43.80 -7.24
C GLU B 74 -17.68 -43.57 -8.49
N GLN B 75 -16.43 -43.12 -8.31
CA GLN B 75 -15.56 -42.84 -9.45
C GLN B 75 -14.71 -44.05 -9.80
N PHE B 76 -14.32 -44.80 -8.76
CA PHE B 76 -13.46 -45.95 -8.90
C PHE B 76 -14.18 -47.13 -9.57
N GLU B 77 -15.45 -47.36 -9.20
CA GLU B 77 -16.24 -48.46 -9.75
C GLU B 77 -17.51 -47.86 -10.37
N PRO B 78 -17.41 -47.15 -11.52
CA PRO B 78 -18.54 -46.38 -12.04
C PRO B 78 -19.65 -47.29 -12.58
N GLN B 79 -19.31 -48.51 -12.99
CA GLN B 79 -20.28 -49.57 -13.28
C GLN B 79 -19.76 -50.83 -12.56
N GLU B 80 -20.68 -51.65 -12.02
CA GLU B 80 -20.27 -52.84 -11.29
C GLU B 80 -19.34 -53.67 -12.16
N GLY B 81 -18.14 -53.96 -11.64
CA GLY B 81 -17.17 -54.80 -12.34
C GLY B 81 -16.18 -54.02 -13.20
N ILE B 82 -16.42 -52.71 -13.39
CA ILE B 82 -15.58 -51.84 -14.21
C ILE B 82 -14.85 -50.85 -13.30
N PHE B 83 -13.51 -50.80 -13.41
CA PHE B 83 -12.70 -50.08 -12.44
C PHE B 83 -11.94 -49.01 -13.17
N ASP B 84 -11.86 -47.82 -12.57
CA ASP B 84 -11.19 -46.70 -13.19
C ASP B 84 -10.03 -46.23 -12.33
N TYR B 85 -8.81 -46.51 -12.83
CA TYR B 85 -7.60 -46.33 -12.06
C TYR B 85 -6.99 -44.95 -12.30
N THR B 86 -7.65 -44.09 -13.08
CA THR B 86 -7.06 -42.81 -13.47
C THR B 86 -6.64 -42.03 -12.23
N LEU B 87 -7.54 -41.90 -11.25
CA LEU B 87 -7.34 -40.96 -10.14
C LEU B 87 -6.29 -41.48 -9.16
N ILE B 88 -6.38 -42.74 -8.72
CA ILE B 88 -5.33 -43.33 -7.88
C ILE B 88 -3.98 -43.29 -8.61
N ASN B 89 -3.95 -43.56 -9.92
CA ASN B 89 -2.68 -43.55 -10.64
C ASN B 89 -2.04 -42.18 -10.58
N ASN B 90 -2.81 -41.13 -10.88
CA ASN B 90 -2.27 -39.80 -11.00
C ASN B 90 -1.91 -39.27 -9.61
N MET B 91 -2.62 -39.76 -8.59
CA MET B 91 -2.38 -39.31 -7.22
C MET B 91 -1.01 -39.81 -6.76
N ILE B 92 -0.75 -41.10 -6.95
CA ILE B 92 0.55 -41.66 -6.59
C ILE B 92 1.66 -40.98 -7.42
N ASP B 93 1.41 -40.78 -8.72
CA ASP B 93 2.39 -40.14 -9.59
C ASP B 93 2.77 -38.76 -9.08
N GLY B 94 1.76 -37.93 -8.82
CA GLY B 94 2.01 -36.60 -8.30
C GLY B 94 2.70 -36.61 -6.94
N ALA B 95 2.28 -37.51 -6.05
CA ALA B 95 2.88 -37.58 -4.73
C ALA B 95 4.37 -37.87 -4.86
N ARG B 96 4.70 -38.82 -5.73
CA ARG B 96 6.09 -39.16 -5.99
C ARG B 96 6.85 -37.97 -6.55
N LYS B 97 6.28 -37.29 -7.55
CA LYS B 97 6.95 -36.18 -8.20
C LYS B 97 7.18 -35.03 -7.22
N ASN B 98 6.43 -34.98 -6.11
CA ASN B 98 6.50 -33.83 -5.22
C ASN B 98 6.99 -34.21 -3.82
N GLY B 99 7.43 -35.46 -3.60
CA GLY B 99 8.11 -35.85 -2.36
C GLY B 99 7.17 -36.19 -1.19
N PHE B 100 5.95 -36.66 -1.49
CA PHE B 100 4.94 -36.90 -0.48
C PHE B 100 4.64 -38.39 -0.39
N LYS B 101 4.34 -38.86 0.84
CA LYS B 101 3.64 -40.11 1.05
C LYS B 101 2.14 -39.84 1.04
N LEU B 102 1.34 -40.89 0.86
CA LEU B 102 -0.10 -40.81 0.82
C LEU B 102 -0.71 -41.73 1.86
N SER B 103 -1.72 -41.22 2.56
CA SER B 103 -2.72 -42.05 3.23
C SER B 103 -3.99 -41.93 2.41
N ILE B 104 -4.53 -43.07 2.01
CA ILE B 104 -5.63 -43.05 1.08
C ILE B 104 -6.93 -43.11 1.87
N LEU B 105 -7.82 -42.16 1.59
CA LEU B 105 -9.16 -42.22 2.16
C LEU B 105 -10.11 -42.90 1.17
N TRP B 106 -10.82 -43.91 1.68
CA TRP B 106 -11.81 -44.68 0.94
C TRP B 106 -13.21 -44.20 1.30
N PHE B 107 -13.75 -43.37 0.42
CA PHE B 107 -15.12 -42.90 0.55
C PHE B 107 -15.98 -43.93 -0.16
N GLY B 108 -16.33 -45.01 0.56
CA GLY B 108 -17.15 -46.10 0.05
C GLY B 108 -18.58 -46.00 0.55
N SER B 109 -19.02 -46.98 1.33
CA SER B 109 -20.39 -47.00 1.83
C SER B 109 -20.80 -45.70 2.55
N TRP B 110 -19.88 -45.12 3.38
CA TRP B 110 -20.22 -44.00 4.23
C TRP B 110 -19.12 -42.94 4.27
N LYS B 111 -19.57 -41.68 4.19
CA LYS B 111 -18.74 -40.49 4.39
C LYS B 111 -19.61 -39.52 5.19
N ASN B 112 -19.15 -39.21 6.41
CA ASN B 112 -19.87 -38.37 7.35
C ASN B 112 -21.28 -38.93 7.52
N GLY B 113 -21.35 -40.23 7.80
CA GLY B 113 -22.62 -40.87 8.09
C GLY B 113 -23.36 -41.34 6.86
N GLU B 114 -23.21 -40.64 5.71
CA GLU B 114 -24.11 -40.87 4.60
C GLU B 114 -23.45 -41.64 3.46
N SER B 115 -24.27 -42.02 2.47
CA SER B 115 -23.80 -42.82 1.35
C SER B 115 -23.77 -42.02 0.03
N SER B 116 -23.33 -40.74 0.06
CA SER B 116 -23.33 -39.90 -1.13
C SER B 116 -22.22 -40.31 -2.12
N TYR B 117 -21.22 -41.04 -1.65
CA TYR B 117 -20.14 -41.47 -2.54
C TYR B 117 -20.33 -42.90 -3.07
N ALA B 118 -21.43 -43.56 -2.72
CA ALA B 118 -21.75 -44.86 -3.33
C ALA B 118 -21.97 -44.68 -4.83
N PRO B 119 -21.54 -45.67 -5.67
CA PRO B 119 -21.85 -45.63 -7.10
C PRO B 119 -23.31 -45.46 -7.44
N THR B 120 -23.59 -44.89 -8.62
CA THR B 120 -24.95 -44.67 -9.09
C THR B 120 -25.74 -45.97 -9.11
N TRP B 121 -25.06 -47.07 -9.46
CA TRP B 121 -25.70 -48.38 -9.54
C TRP B 121 -25.99 -48.96 -8.15
N VAL B 122 -25.38 -48.42 -7.09
CA VAL B 122 -25.70 -48.82 -5.72
C VAL B 122 -26.85 -47.94 -5.19
N LYS B 123 -26.78 -46.62 -5.43
CA LYS B 123 -27.86 -45.74 -5.00
C LYS B 123 -29.20 -46.16 -5.63
N GLU B 124 -29.19 -46.55 -6.90
CA GLU B 124 -30.43 -46.82 -7.60
C GLU B 124 -31.04 -48.19 -7.29
N ASP B 125 -30.35 -49.06 -6.56
CA ASP B 125 -30.86 -50.38 -6.23
C ASP B 125 -31.11 -50.48 -4.73
N THR B 126 -32.23 -49.92 -4.28
CA THR B 126 -32.55 -49.85 -2.86
C THR B 126 -33.08 -51.21 -2.38
N LYS B 127 -33.31 -52.16 -3.29
CA LYS B 127 -33.71 -53.51 -2.92
C LYS B 127 -32.46 -54.31 -2.60
N ARG B 128 -31.48 -54.28 -3.51
CA ARG B 128 -30.20 -54.95 -3.27
C ARG B 128 -29.45 -54.26 -2.13
N PHE B 129 -29.43 -52.93 -2.11
CA PHE B 129 -28.70 -52.18 -1.08
C PHE B 129 -29.66 -51.31 -0.28
N PHE B 130 -30.19 -51.86 0.80
CA PHE B 130 -31.34 -51.24 1.46
C PHE B 130 -30.83 -50.12 2.38
N ARG B 131 -31.69 -49.14 2.61
CA ARG B 131 -31.30 -47.91 3.29
C ARG B 131 -31.66 -48.00 4.77
N VAL B 132 -30.92 -47.21 5.56
CA VAL B 132 -31.34 -46.88 6.90
C VAL B 132 -32.76 -46.35 6.83
N LYS B 133 -33.59 -46.72 7.80
CA LYS B 133 -34.89 -46.08 8.03
C LYS B 133 -34.88 -45.30 9.35
N SER B 134 -35.56 -44.13 9.30
CA SER B 134 -35.80 -43.27 10.44
C SER B 134 -36.94 -43.85 11.28
N VAL B 135 -37.09 -43.31 12.50
CA VAL B 135 -38.17 -43.71 13.38
C VAL B 135 -39.54 -43.38 12.76
N GLU B 136 -39.56 -42.45 11.77
CA GLU B 136 -40.77 -42.13 11.02
C GLU B 136 -41.01 -43.14 9.87
N GLY B 137 -40.07 -44.06 9.62
CA GLY B 137 -40.22 -45.05 8.57
C GLY B 137 -39.63 -44.58 7.22
N LYS B 138 -38.95 -43.42 7.21
CA LYS B 138 -38.39 -42.86 5.99
C LYS B 138 -37.02 -43.49 5.68
N GLU B 139 -36.81 -43.90 4.43
CA GLU B 139 -35.52 -44.34 3.96
C GLU B 139 -34.67 -43.09 3.70
N ILE B 140 -33.40 -43.09 4.13
CA ILE B 140 -32.58 -41.90 3.96
C ILE B 140 -31.45 -42.21 2.97
N GLU B 141 -30.54 -41.25 2.74
CA GLU B 141 -29.45 -41.40 1.77
C GLU B 141 -28.22 -42.00 2.45
N THR B 142 -28.47 -43.11 3.16
CA THR B 142 -27.50 -43.86 3.93
C THR B 142 -27.86 -45.33 3.79
N ILE B 143 -26.91 -46.13 3.30
CA ILE B 143 -27.00 -47.58 3.21
C ILE B 143 -26.98 -48.13 4.64
N SER B 144 -27.84 -49.12 4.93
CA SER B 144 -27.90 -49.74 6.25
C SER B 144 -26.62 -50.53 6.49
N PRO B 145 -25.99 -50.44 7.68
CA PRO B 145 -24.85 -51.29 8.01
C PRO B 145 -25.26 -52.76 8.19
N PHE B 146 -26.57 -53.04 8.12
CA PHE B 146 -27.10 -54.39 8.25
C PHE B 146 -27.27 -55.00 6.86
N CYS B 147 -26.93 -54.24 5.80
CA CYS B 147 -27.03 -54.74 4.44
C CYS B 147 -25.77 -55.53 4.06
N GLU B 148 -25.86 -56.88 4.07
CA GLU B 148 -24.73 -57.73 3.72
C GLU B 148 -24.27 -57.49 2.27
N ASN B 149 -25.24 -57.32 1.38
CA ASN B 149 -24.97 -57.05 -0.02
C ASN B 149 -24.03 -55.83 -0.16
N ALA B 150 -24.29 -54.77 0.60
CA ALA B 150 -23.47 -53.56 0.52
C ALA B 150 -22.09 -53.80 1.12
N MET B 151 -22.00 -54.58 2.20
CA MET B 151 -20.71 -54.95 2.75
C MET B 151 -19.83 -55.60 1.68
N LYS B 152 -20.40 -56.54 0.93
CA LYS B 152 -19.63 -57.34 -0.03
C LYS B 152 -19.19 -56.50 -1.23
N ALA B 153 -20.12 -55.72 -1.77
CA ALA B 153 -19.81 -54.78 -2.86
C ALA B 153 -18.66 -53.85 -2.48
N ASP B 154 -18.78 -53.19 -1.32
CA ASP B 154 -17.78 -52.27 -0.83
C ASP B 154 -16.45 -53.02 -0.62
N ALA B 155 -16.51 -54.15 0.09
CA ALA B 155 -15.32 -54.96 0.34
C ALA B 155 -14.60 -55.35 -0.95
N LYS B 156 -15.36 -55.73 -1.98
CA LYS B 156 -14.76 -56.12 -3.24
C LYS B 156 -14.10 -54.93 -3.94
N ALA B 157 -14.75 -53.75 -3.92
CA ALA B 157 -14.18 -52.55 -4.54
C ALA B 157 -12.87 -52.12 -3.85
N PHE B 158 -12.88 -52.15 -2.51
CA PHE B 158 -11.74 -51.73 -1.70
C PHE B 158 -10.57 -52.65 -1.91
N LYS B 159 -10.84 -53.97 -1.95
CA LYS B 159 -9.83 -54.98 -2.18
C LYS B 159 -9.22 -54.78 -3.56
N THR B 160 -10.05 -54.46 -4.55
CA THR B 160 -9.58 -54.18 -5.90
C THR B 160 -8.66 -52.95 -5.93
N LEU B 161 -9.05 -51.88 -5.20
CA LEU B 161 -8.22 -50.71 -5.06
C LEU B 161 -6.85 -51.09 -4.51
N VAL B 162 -6.85 -51.86 -3.43
CA VAL B 162 -5.62 -52.13 -2.72
C VAL B 162 -4.73 -53.07 -3.53
N GLU B 163 -5.33 -54.07 -4.19
CA GLU B 163 -4.63 -54.91 -5.15
C GLU B 163 -3.89 -54.06 -6.16
N HIS B 164 -4.57 -53.06 -6.73
CA HIS B 164 -3.97 -52.15 -7.71
C HIS B 164 -2.81 -51.38 -7.07
N ILE B 165 -3.00 -50.91 -5.84
CA ILE B 165 -1.94 -50.19 -5.14
C ILE B 165 -0.71 -51.08 -4.98
N LYS B 166 -0.91 -52.33 -4.55
CA LYS B 166 0.18 -53.30 -4.48
C LYS B 166 0.90 -53.37 -5.84
N LYS B 167 0.11 -53.43 -6.90
CA LYS B 167 0.59 -53.68 -8.26
C LYS B 167 1.45 -52.51 -8.78
N VAL B 168 1.17 -51.27 -8.36
CA VAL B 168 1.89 -50.12 -8.87
C VAL B 168 2.80 -49.49 -7.81
N ASP B 169 2.80 -50.00 -6.57
CA ASP B 169 3.42 -49.28 -5.45
C ASP B 169 4.07 -50.19 -4.39
N GLN B 170 4.01 -51.50 -4.55
CA GLN B 170 4.57 -52.39 -3.54
C GLN B 170 6.06 -52.12 -3.31
N ALA B 171 6.81 -51.69 -4.33
CA ALA B 171 8.22 -51.40 -4.14
C ALA B 171 8.45 -50.00 -3.56
N THR B 172 7.88 -48.94 -4.13
CA THR B 172 8.20 -47.59 -3.72
C THR B 172 7.53 -47.26 -2.37
N GLY B 173 6.31 -47.77 -2.15
CA GLY B 173 5.58 -47.56 -0.90
C GLY B 173 5.22 -46.10 -0.66
N THR B 174 4.77 -45.42 -1.73
CA THR B 174 4.21 -44.09 -1.64
C THR B 174 2.99 -44.10 -0.70
N VAL B 175 2.13 -45.12 -0.80
CA VAL B 175 0.96 -45.30 0.05
C VAL B 175 1.36 -46.03 1.33
N ILE B 176 1.19 -45.34 2.47
CA ILE B 176 1.68 -45.81 3.77
C ILE B 176 0.54 -46.14 4.74
N ALA B 177 -0.72 -45.80 4.38
CA ALA B 177 -1.85 -46.06 5.25
C ALA B 177 -3.17 -45.94 4.51
N LEU B 178 -4.22 -46.56 5.07
CA LEU B 178 -5.56 -46.62 4.49
C LEU B 178 -6.60 -46.23 5.54
N GLN B 179 -7.60 -45.47 5.10
CA GLN B 179 -8.70 -45.13 5.99
C GLN B 179 -9.99 -45.64 5.35
N PRO B 180 -10.53 -46.80 5.72
CA PRO B 180 -11.77 -47.30 5.13
C PRO B 180 -13.00 -46.53 5.61
N GLU B 181 -13.78 -45.95 4.68
CA GLU B 181 -14.92 -45.11 5.03
C GLU B 181 -14.45 -43.81 5.70
N ASN B 182 -15.40 -42.96 6.10
CA ASN B 182 -15.09 -41.66 6.68
C ASN B 182 -16.22 -41.28 7.64
N GLU B 183 -15.91 -41.24 8.94
CA GLU B 183 -16.89 -40.81 9.93
C GLU B 183 -18.22 -41.54 9.77
N VAL B 184 -18.24 -42.85 10.05
CA VAL B 184 -19.45 -43.63 9.84
C VAL B 184 -20.40 -43.39 11.02
N GLY B 185 -21.68 -43.74 10.77
CA GLY B 185 -22.76 -43.78 11.76
C GLY B 185 -24.04 -43.09 11.28
N ILE B 186 -25.08 -43.14 12.13
CA ILE B 186 -26.39 -42.58 11.83
C ILE B 186 -26.74 -41.49 12.85
N PHE B 187 -27.46 -40.47 12.38
CA PHE B 187 -27.99 -39.42 13.24
C PHE B 187 -29.32 -39.87 13.83
N GLN B 188 -29.32 -41.02 14.50
CA GLN B 188 -30.54 -41.63 15.00
C GLN B 188 -30.16 -42.56 16.14
N GLY B 189 -31.15 -42.87 17.00
CA GLY B 189 -30.95 -43.77 18.14
C GLY B 189 -30.55 -45.16 17.68
N MET B 190 -31.10 -45.56 16.53
CA MET B 190 -30.87 -46.84 15.88
C MET B 190 -31.44 -46.76 14.46
N ASP B 191 -31.07 -47.72 13.62
CA ASP B 191 -31.69 -47.95 12.32
C ASP B 191 -33.02 -48.68 12.51
N TYR B 192 -34.07 -48.25 11.79
CA TYR B 192 -35.40 -48.86 11.88
C TYR B 192 -35.69 -49.78 10.70
N SER B 193 -34.67 -50.11 9.90
CA SER B 193 -34.80 -51.14 8.89
C SER B 193 -35.11 -52.47 9.56
N LYS B 194 -35.72 -53.37 8.79
CA LYS B 194 -36.23 -54.61 9.33
C LYS B 194 -35.04 -55.43 9.84
N ALA B 195 -33.96 -55.49 9.06
CA ALA B 195 -32.78 -56.24 9.48
C ALA B 195 -32.23 -55.62 10.76
N SER B 196 -32.22 -54.26 10.84
CA SER B 196 -31.71 -53.61 12.05
C SER B 196 -32.51 -54.07 13.28
N LEU B 197 -33.85 -54.05 13.18
CA LEU B 197 -34.72 -54.37 14.33
C LEU B 197 -34.54 -55.83 14.76
N ALA B 198 -34.33 -56.75 13.81
CA ALA B 198 -34.13 -58.15 14.12
C ALA B 198 -32.79 -58.35 14.80
N ALA B 199 -31.75 -57.67 14.27
CA ALA B 199 -30.42 -57.75 14.86
C ALA B 199 -30.44 -57.29 16.32
N TYR B 200 -31.30 -56.33 16.66
CA TYR B 200 -31.35 -55.82 18.02
C TYR B 200 -31.82 -56.90 18.99
N GLU B 201 -32.53 -57.94 18.51
CA GLU B 201 -33.11 -58.97 19.36
C GLU B 201 -32.16 -60.16 19.53
N GLN B 202 -30.99 -60.10 18.89
CA GLN B 202 -30.08 -61.23 18.79
C GLN B 202 -29.17 -61.32 20.01
N GLU B 203 -28.57 -62.51 20.18
CA GLU B 203 -27.57 -62.81 21.19
C GLU B 203 -26.41 -61.83 21.06
N VAL B 204 -25.94 -61.24 22.18
CA VAL B 204 -24.71 -60.45 22.11
C VAL B 204 -23.59 -61.36 21.62
N PRO B 205 -22.80 -60.99 20.59
CA PRO B 205 -21.67 -61.82 20.17
C PRO B 205 -20.72 -62.10 21.32
N GLN B 206 -20.23 -63.34 21.36
CA GLN B 206 -19.35 -63.79 22.42
C GLN B 206 -18.03 -63.03 22.33
N ALA B 207 -17.61 -62.67 21.11
CA ALA B 207 -16.42 -61.87 20.89
C ALA B 207 -16.42 -60.63 21.78
N LEU B 208 -17.58 -59.96 21.91
CA LEU B 208 -17.72 -58.79 22.75
C LEU B 208 -17.68 -59.18 24.23
N ILE B 209 -18.42 -60.24 24.58
CA ILE B 209 -18.45 -60.74 25.94
C ILE B 209 -17.03 -61.10 26.40
N GLN B 210 -16.34 -61.92 25.60
CA GLN B 210 -14.99 -62.35 25.94
C GLN B 210 -14.06 -61.15 26.07
N TYR B 211 -14.13 -60.21 25.13
CA TYR B 211 -13.28 -59.03 25.20
C TYR B 211 -13.52 -58.33 26.53
N MET B 212 -14.79 -58.15 26.89
CA MET B 212 -15.10 -57.38 28.08
C MET B 212 -14.54 -58.06 29.34
N LYS B 213 -14.85 -59.35 29.52
CA LYS B 213 -14.43 -60.09 30.70
C LYS B 213 -12.92 -59.92 30.87
N LYS B 214 -12.19 -60.23 29.79
CA LYS B 214 -10.75 -60.09 29.75
C LYS B 214 -10.31 -58.69 30.17
N ASN B 215 -10.89 -57.63 29.58
CA ASN B 215 -10.30 -56.30 29.67
C ASN B 215 -11.06 -55.39 30.63
N ARG B 216 -11.76 -55.98 31.61
CA ARG B 216 -12.75 -55.28 32.44
C ARG B 216 -12.19 -54.05 33.15
N LYS B 217 -11.04 -54.23 33.78
CA LYS B 217 -10.42 -53.18 34.57
C LYS B 217 -10.00 -52.03 33.66
N ASN B 218 -10.01 -52.25 32.33
CA ASN B 218 -9.50 -51.26 31.42
C ASN B 218 -10.60 -50.71 30.51
N LEU B 219 -11.84 -51.16 30.69
CA LEU B 219 -12.92 -50.82 29.77
C LEU B 219 -13.28 -49.35 29.94
N ARG B 220 -13.79 -48.73 28.87
CA ARG B 220 -14.42 -47.43 28.97
C ARG B 220 -15.52 -47.51 30.04
N LYS B 221 -15.62 -46.49 30.89
CA LYS B 221 -16.60 -46.48 31.96
C LYS B 221 -17.99 -46.28 31.35
N GLU B 222 -18.07 -45.81 30.10
CA GLU B 222 -19.35 -45.74 29.40
C GLU B 222 -19.90 -47.15 29.13
N LEU B 223 -19.04 -48.07 28.71
CA LEU B 223 -19.43 -49.46 28.48
C LEU B 223 -19.61 -50.16 29.83
N LEU B 224 -18.62 -50.03 30.70
CA LEU B 224 -18.58 -50.79 31.94
C LEU B 224 -19.82 -50.51 32.78
N SER B 225 -20.20 -49.24 32.91
CA SER B 225 -21.26 -48.86 33.83
C SER B 225 -22.62 -49.41 33.37
N VAL B 226 -22.79 -49.57 32.04
CA VAL B 226 -24.05 -50.05 31.49
C VAL B 226 -24.11 -51.57 31.66
N TRP B 227 -22.99 -52.22 31.35
CA TRP B 227 -22.86 -53.66 31.53
C TRP B 227 -23.11 -54.01 32.99
N GLU B 228 -22.36 -53.37 33.91
CA GLU B 228 -22.48 -53.64 35.34
C GLU B 228 -23.87 -53.29 35.88
N GLU B 229 -24.48 -52.20 35.40
CA GLU B 229 -25.81 -51.82 35.83
C GLU B 229 -26.82 -52.95 35.59
N ASN B 230 -26.60 -53.75 34.53
CA ASN B 230 -27.53 -54.79 34.12
C ASN B 230 -26.98 -56.17 34.48
N GLY B 231 -26.04 -56.23 35.44
CA GLY B 231 -25.66 -57.49 36.07
C GLY B 231 -24.42 -58.13 35.48
N ALA B 232 -23.72 -57.43 34.57
CA ALA B 232 -22.46 -57.90 33.99
C ALA B 232 -22.58 -59.35 33.50
N ARG B 233 -23.71 -59.62 32.82
CA ARG B 233 -24.00 -60.93 32.25
C ARG B 233 -23.09 -61.27 31.08
N THR B 234 -22.85 -62.58 30.87
CA THR B 234 -21.92 -63.09 29.88
C THR B 234 -22.68 -63.80 28.75
N SER B 235 -24.00 -63.70 28.76
CA SER B 235 -24.82 -64.18 27.65
C SER B 235 -26.21 -63.57 27.77
N GLY B 236 -27.00 -63.71 26.70
CA GLY B 236 -28.23 -62.97 26.57
C GLY B 236 -28.19 -62.05 25.34
N ALA B 237 -29.38 -61.61 24.92
CA ALA B 237 -29.54 -60.65 23.83
C ALA B 237 -29.11 -59.26 24.30
N TRP B 238 -29.03 -58.32 23.35
CA TRP B 238 -28.50 -56.99 23.63
C TRP B 238 -29.23 -56.33 24.81
N LYS B 239 -30.57 -56.39 24.81
CA LYS B 239 -31.35 -55.67 25.82
C LYS B 239 -31.22 -56.31 27.20
N THR B 240 -30.87 -57.61 27.23
CA THR B 240 -30.61 -58.31 28.49
C THR B 240 -29.28 -57.83 29.07
N VAL B 241 -28.22 -57.86 28.25
CA VAL B 241 -26.87 -57.61 28.72
C VAL B 241 -26.68 -56.12 29.00
N PHE B 242 -27.34 -55.24 28.24
CA PHE B 242 -27.04 -53.82 28.32
C PHE B 242 -28.29 -52.96 28.60
N GLY B 243 -29.43 -53.61 28.88
CA GLY B 243 -30.66 -52.89 29.17
C GLY B 243 -31.39 -52.50 27.89
N ASP B 244 -32.63 -52.05 28.06
CA ASP B 244 -33.43 -51.49 26.99
C ASP B 244 -33.32 -49.97 27.07
N ASN B 245 -32.44 -49.39 26.23
CA ASN B 245 -32.12 -47.97 26.35
C ASN B 245 -31.28 -47.50 25.16
N ALA B 246 -30.88 -46.22 25.22
CA ALA B 246 -30.14 -45.60 24.14
C ALA B 246 -28.78 -46.26 23.99
N TRP B 247 -28.21 -46.73 25.10
CA TRP B 247 -26.85 -47.24 25.11
C TRP B 247 -26.77 -48.62 24.44
N SER B 248 -27.70 -49.52 24.77
CA SER B 248 -27.72 -50.83 24.13
C SER B 248 -27.96 -50.65 22.64
N LYS B 249 -28.82 -49.70 22.25
CA LYS B 249 -29.00 -49.33 20.86
C LYS B 249 -27.68 -48.87 20.22
N SER B 250 -26.95 -47.97 20.87
CA SER B 250 -25.67 -47.52 20.32
C SER B 250 -24.68 -48.69 20.21
N PHE B 251 -24.73 -49.62 21.17
CA PHE B 251 -23.71 -50.66 21.22
C PHE B 251 -23.89 -51.68 20.10
N TYR B 252 -25.13 -52.08 19.78
CA TYR B 252 -25.32 -53.05 18.72
C TYR B 252 -25.16 -52.36 17.36
N THR B 253 -25.46 -51.04 17.27
CA THR B 253 -25.20 -50.28 16.05
C THR B 253 -23.70 -50.20 15.77
N THR B 254 -22.91 -49.84 16.79
CA THR B 254 -21.45 -49.73 16.68
C THR B 254 -20.82 -51.10 16.34
N TRP B 255 -21.27 -52.17 17.00
CA TRP B 255 -20.84 -53.52 16.67
C TRP B 255 -21.01 -53.78 15.18
N GLN B 256 -22.18 -53.38 14.66
CA GLN B 256 -22.50 -53.70 13.30
C GLN B 256 -21.58 -52.93 12.35
N TYR B 257 -21.38 -51.64 12.62
CA TYR B 257 -20.45 -50.87 11.82
C TYR B 257 -19.07 -51.48 11.86
N ALA B 258 -18.56 -51.73 13.07
CA ALA B 258 -17.21 -52.23 13.22
C ALA B 258 -17.05 -53.58 12.51
N THR B 259 -18.08 -54.44 12.61
CA THR B 259 -18.06 -55.76 11.94
C THR B 259 -18.06 -55.62 10.42
N TYR B 260 -18.95 -54.76 9.88
CA TYR B 260 -18.98 -54.50 8.44
C TYR B 260 -17.64 -53.97 7.90
N ILE B 261 -17.01 -53.03 8.61
CA ILE B 261 -15.82 -52.38 8.09
C ILE B 261 -14.61 -53.29 8.27
N ASP B 262 -14.65 -54.13 9.33
CA ASP B 262 -13.58 -55.08 9.52
C ASP B 262 -13.49 -56.02 8.31
N PHE B 263 -14.64 -56.49 7.84
CA PHE B 263 -14.69 -57.35 6.67
C PHE B 263 -14.03 -56.66 5.47
N ILE B 264 -14.36 -55.37 5.29
CA ILE B 264 -13.79 -54.57 4.22
C ILE B 264 -12.28 -54.59 4.34
N SER B 265 -11.78 -54.31 5.55
CA SER B 265 -10.35 -54.21 5.78
C SER B 265 -9.67 -55.59 5.63
N ALA B 266 -10.26 -56.64 6.22
CA ALA B 266 -9.67 -57.98 6.14
C ALA B 266 -9.32 -58.38 4.71
N GLY B 267 -10.22 -58.11 3.76
CA GLY B 267 -10.01 -58.46 2.37
C GLY B 267 -8.72 -57.84 1.83
N ALA B 268 -8.43 -56.62 2.28
CA ALA B 268 -7.23 -55.91 1.87
C ALA B 268 -6.00 -56.41 2.60
N LYS B 269 -6.14 -56.59 3.91
CA LYS B 269 -5.03 -57.02 4.74
C LYS B 269 -4.45 -58.35 4.21
N GLU B 270 -5.36 -59.21 3.76
CA GLU B 270 -5.01 -60.54 3.24
C GLU B 270 -4.07 -60.42 2.06
N ILE B 271 -4.20 -59.38 1.23
CA ILE B 271 -3.43 -59.30 -0.01
C ILE B 271 -2.29 -58.30 0.11
N TYR B 272 -2.48 -57.24 0.92
CA TYR B 272 -1.48 -56.21 1.07
C TYR B 272 -1.73 -55.39 2.33
N PRO B 273 -1.20 -55.84 3.48
CA PRO B 273 -1.50 -55.24 4.78
C PRO B 273 -0.77 -53.92 4.93
N LEU B 274 -1.56 -52.83 5.08
CA LEU B 274 -1.03 -51.50 5.40
C LEU B 274 -1.64 -51.05 6.72
N PRO B 275 -1.00 -50.15 7.49
CA PRO B 275 -1.64 -49.52 8.65
C PRO B 275 -3.01 -48.98 8.26
N THR B 276 -4.04 -49.40 8.99
CA THR B 276 -5.43 -49.08 8.65
C THR B 276 -6.11 -48.44 9.85
N PHE B 277 -6.82 -47.33 9.57
CA PHE B 277 -7.48 -46.57 10.63
C PHE B 277 -8.87 -46.12 10.19
N CYS B 278 -9.76 -46.06 11.18
CA CYS B 278 -11.11 -45.51 11.03
C CYS B 278 -11.22 -44.26 11.90
N ASN B 279 -11.87 -43.23 11.33
CA ASN B 279 -11.94 -41.92 11.94
C ASN B 279 -13.36 -41.62 12.44
N CYS B 280 -13.49 -40.75 13.44
CA CYS B 280 -14.78 -40.46 14.04
C CYS B 280 -15.08 -38.97 14.07
N TRP B 281 -16.35 -38.66 13.82
CA TRP B 281 -16.98 -37.40 14.20
C TRP B 281 -17.21 -37.43 15.72
N LEU B 282 -16.50 -36.55 16.43
CA LEU B 282 -16.44 -36.56 17.89
C LEU B 282 -17.82 -36.32 18.51
N VAL B 283 -18.00 -36.89 19.72
CA VAL B 283 -19.02 -36.42 20.64
C VAL B 283 -18.73 -34.95 20.88
N GLN B 284 -19.57 -34.07 20.32
CA GLN B 284 -19.23 -32.66 20.21
C GLN B 284 -19.32 -31.99 21.58
N LYS B 285 -20.37 -32.30 22.33
CA LYS B 285 -20.58 -31.75 23.66
C LYS B 285 -20.84 -32.87 24.64
N PRO B 286 -20.44 -32.73 25.93
CA PRO B 286 -20.45 -33.88 26.85
C PRO B 286 -21.79 -34.56 27.09
N ASP B 287 -22.90 -33.82 26.94
CA ASP B 287 -24.23 -34.38 27.18
C ASP B 287 -24.80 -35.06 25.92
N ASP B 288 -24.09 -35.00 24.81
CA ASP B 288 -24.66 -35.45 23.55
C ASP B 288 -24.91 -36.95 23.58
N MET B 289 -26.11 -37.36 23.18
CA MET B 289 -26.44 -38.78 23.10
C MET B 289 -26.08 -39.33 21.72
N PRO B 290 -25.86 -40.65 21.56
CA PRO B 290 -25.67 -41.23 20.24
C PRO B 290 -26.75 -40.77 19.27
N GLY B 291 -26.33 -40.39 18.06
CA GLY B 291 -27.26 -39.89 17.08
C GLY B 291 -27.21 -38.38 16.93
N VAL B 292 -26.75 -37.66 17.95
CA VAL B 292 -26.43 -36.24 17.80
C VAL B 292 -25.15 -36.17 16.95
N TYR B 293 -24.21 -37.06 17.30
CA TYR B 293 -23.08 -37.40 16.47
C TYR B 293 -23.40 -38.73 15.81
N PRO B 294 -22.64 -39.11 14.75
CA PRO B 294 -22.85 -40.39 14.09
C PRO B 294 -22.73 -41.56 15.07
N ASN B 295 -23.87 -42.21 15.26
CA ASN B 295 -24.06 -43.36 16.12
C ASN B 295 -23.59 -44.60 15.36
N GLY B 296 -22.48 -45.18 15.82
CA GLY B 296 -21.81 -46.28 15.15
C GLY B 296 -20.32 -46.02 14.98
N GLY B 297 -19.96 -44.73 14.91
CA GLY B 297 -18.58 -44.36 14.65
C GLY B 297 -17.67 -44.68 15.82
N PRO B 298 -16.34 -44.78 15.58
CA PRO B 298 -15.39 -45.06 16.65
C PRO B 298 -15.04 -43.92 17.60
N VAL B 299 -16.06 -43.31 18.21
CA VAL B 299 -15.81 -42.36 19.30
C VAL B 299 -15.26 -43.12 20.50
N SER B 300 -14.53 -42.41 21.35
CA SER B 300 -13.81 -43.01 22.47
C SER B 300 -14.74 -43.85 23.36
N ARG B 301 -15.99 -43.41 23.56
CA ARG B 301 -16.96 -44.07 24.41
C ARG B 301 -17.14 -45.55 24.03
N VAL B 302 -17.01 -45.88 22.74
CA VAL B 302 -17.19 -47.25 22.24
C VAL B 302 -15.89 -47.83 21.68
N MET B 303 -14.74 -47.30 22.10
CA MET B 303 -13.43 -47.82 21.70
C MET B 303 -13.34 -49.34 21.90
N ASP B 304 -13.87 -49.84 23.04
CA ASP B 304 -13.80 -51.26 23.36
C ASP B 304 -14.59 -52.10 22.36
N ILE B 305 -15.75 -51.56 21.93
CA ILE B 305 -16.60 -52.29 21.01
C ILE B 305 -15.88 -52.42 19.67
N TRP B 306 -15.28 -51.30 19.21
CA TRP B 306 -14.55 -51.31 17.96
C TRP B 306 -13.37 -52.27 18.05
N LYS B 307 -12.64 -52.27 19.17
CA LYS B 307 -11.45 -53.10 19.28
C LYS B 307 -11.81 -54.59 19.20
N ALA B 308 -12.91 -54.95 19.86
CA ALA B 308 -13.39 -56.34 19.97
C ALA B 308 -13.92 -56.83 18.64
N ALA B 309 -14.59 -55.94 17.91
CA ALA B 309 -15.21 -56.26 16.63
C ALA B 309 -14.24 -56.16 15.45
N ALA B 310 -13.22 -55.29 15.48
CA ALA B 310 -12.51 -55.00 14.24
C ALA B 310 -10.99 -55.11 14.41
N PRO B 311 -10.44 -56.34 14.56
CA PRO B 311 -9.00 -56.53 14.71
C PRO B 311 -8.14 -56.23 13.48
N HIS B 312 -8.79 -56.01 12.32
CA HIS B 312 -8.15 -55.64 11.08
C HIS B 312 -8.16 -54.11 10.93
N ILE B 313 -8.69 -53.42 11.94
CA ILE B 313 -8.54 -51.98 12.03
C ILE B 313 -7.56 -51.68 13.15
N ASP B 314 -6.45 -51.00 12.80
CA ASP B 314 -5.31 -50.80 13.66
C ASP B 314 -5.49 -49.62 14.61
N VAL B 315 -6.09 -48.51 14.13
CA VAL B 315 -6.15 -47.29 14.92
C VAL B 315 -7.53 -46.67 14.79
N LEU B 316 -8.07 -46.21 15.92
CA LEU B 316 -9.27 -45.40 15.94
C LEU B 316 -8.78 -43.96 16.07
N ALA B 317 -9.10 -43.14 15.05
CA ALA B 317 -8.50 -41.82 14.86
C ALA B 317 -9.50 -40.68 15.02
N PRO B 318 -9.30 -39.75 15.99
CA PRO B 318 -10.25 -38.64 16.20
C PRO B 318 -10.10 -37.53 15.17
N ASP B 319 -11.22 -36.96 14.72
CA ASP B 319 -11.17 -35.78 13.87
C ASP B 319 -11.46 -34.54 14.72
N ILE B 320 -10.44 -33.70 14.95
CA ILE B 320 -10.52 -32.73 16.04
C ILE B 320 -10.57 -31.31 15.50
N TYR B 321 -11.74 -30.69 15.64
CA TYR B 321 -11.93 -29.30 15.26
C TYR B 321 -12.32 -28.49 16.48
N LEU B 322 -12.27 -29.08 17.68
CA LEU B 322 -12.76 -28.42 18.87
C LEU B 322 -11.56 -27.89 19.65
N SER B 323 -11.80 -26.84 20.45
CA SER B 323 -10.70 -26.15 21.13
C SER B 323 -10.12 -26.94 22.32
N ASP B 324 -10.79 -27.99 22.82
CA ASP B 324 -10.40 -28.71 24.04
C ASP B 324 -9.36 -29.80 23.73
N PHE B 325 -8.26 -29.41 23.08
CA PHE B 325 -7.42 -30.33 22.33
C PHE B 325 -6.73 -31.34 23.25
N LYS B 326 -6.25 -30.83 24.39
CA LYS B 326 -5.47 -31.64 25.30
C LYS B 326 -6.30 -32.78 25.88
N ASN B 327 -7.53 -32.47 26.33
CA ASN B 327 -8.38 -33.50 26.90
C ASN B 327 -8.80 -34.50 25.83
N ILE B 328 -9.07 -34.01 24.61
CA ILE B 328 -9.51 -34.90 23.54
C ILE B 328 -8.41 -35.91 23.21
N VAL B 329 -7.16 -35.45 23.04
CA VAL B 329 -6.10 -36.34 22.60
C VAL B 329 -5.78 -37.37 23.69
N ALA B 330 -5.85 -37.00 24.97
CA ALA B 330 -5.62 -37.94 26.07
C ALA B 330 -6.76 -38.96 26.12
N ASP B 331 -7.94 -38.56 25.66
CA ASP B 331 -9.09 -39.45 25.70
C ASP B 331 -8.91 -40.59 24.70
N TYR B 332 -8.34 -40.30 23.54
CA TYR B 332 -8.26 -41.26 22.43
C TYR B 332 -6.97 -42.07 22.46
N HIS B 333 -5.93 -41.55 23.10
CA HIS B 333 -4.63 -42.22 23.18
C HIS B 333 -4.67 -43.21 24.33
N ARG B 334 -4.60 -44.52 24.00
CA ARG B 334 -4.55 -45.63 24.94
C ARG B 334 -3.39 -46.54 24.55
N ALA B 335 -3.04 -47.51 25.41
CA ALA B 335 -1.94 -48.42 25.08
C ALA B 335 -2.26 -49.25 23.84
N ASP B 336 -3.56 -49.46 23.52
CA ASP B 336 -3.97 -50.21 22.34
C ASP B 336 -4.41 -49.27 21.21
N ASN B 337 -4.13 -47.97 21.34
CA ASN B 337 -4.64 -47.00 20.38
C ASN B 337 -3.70 -45.81 20.32
N PRO B 338 -2.70 -45.85 19.41
CA PRO B 338 -1.85 -44.68 19.16
C PRO B 338 -2.70 -43.50 18.71
N LEU B 339 -2.18 -42.31 19.01
CA LEU B 339 -2.78 -41.05 18.56
C LEU B 339 -2.50 -40.86 17.08
N LEU B 340 -3.59 -40.81 16.31
CA LEU B 340 -3.54 -40.54 14.88
C LEU B 340 -4.67 -39.56 14.55
N ILE B 341 -4.33 -38.33 14.15
CA ILE B 341 -5.31 -37.28 13.95
C ILE B 341 -5.36 -36.94 12.47
N PRO B 342 -6.30 -37.49 11.65
CA PRO B 342 -6.27 -37.23 10.21
C PRO B 342 -6.94 -35.95 9.75
N GLU B 343 -7.70 -35.34 10.67
CA GLU B 343 -8.42 -34.11 10.44
C GLU B 343 -8.30 -33.22 11.67
N ALA B 344 -7.78 -32.01 11.46
CA ALA B 344 -7.62 -31.05 12.55
C ALA B 344 -7.59 -29.61 12.03
N VAL B 345 -7.36 -28.66 12.94
CA VAL B 345 -7.23 -27.27 12.55
C VAL B 345 -5.76 -27.02 12.24
N MET B 346 -5.53 -25.96 11.45
CA MET B 346 -4.19 -25.60 11.04
C MET B 346 -3.59 -24.71 12.14
N LYS B 347 -3.23 -25.36 13.24
CA LYS B 347 -2.68 -24.68 14.41
C LYS B 347 -1.40 -25.42 14.78
N PRO B 348 -0.22 -24.75 14.70
CA PRO B 348 1.05 -25.45 14.94
C PRO B 348 1.18 -26.04 16.33
N ALA B 349 0.59 -25.36 17.34
CA ALA B 349 0.72 -25.82 18.71
C ALA B 349 0.17 -27.24 18.86
N ASN B 350 -0.96 -27.52 18.17
CA ASN B 350 -1.64 -28.79 18.25
C ASN B 350 -0.68 -29.89 17.79
N ALA B 351 0.05 -29.62 16.71
CA ALA B 351 1.00 -30.60 16.18
C ALA B 351 2.07 -30.90 17.21
N PHE B 352 2.66 -29.85 17.80
CA PHE B 352 3.73 -30.05 18.76
C PHE B 352 3.24 -30.84 19.96
N TRP B 353 2.01 -30.55 20.42
CA TRP B 353 1.46 -31.26 21.56
C TRP B 353 1.21 -32.73 21.23
N ALA B 354 0.59 -33.00 20.07
CA ALA B 354 0.33 -34.39 19.67
C ALA B 354 1.62 -35.21 19.60
N PHE B 355 2.62 -34.68 18.90
CA PHE B 355 3.87 -35.41 18.68
C PHE B 355 4.65 -35.51 20.00
N GLY B 356 4.77 -34.39 20.74
CA GLY B 356 5.64 -34.35 21.91
C GLY B 356 5.05 -35.04 23.14
N GLU B 357 3.78 -34.71 23.46
CA GLU B 357 3.13 -35.21 24.65
C GLU B 357 2.64 -36.64 24.44
N HIS B 358 2.16 -36.97 23.25
CA HIS B 358 1.45 -38.23 23.05
C HIS B 358 2.08 -39.13 21.97
N SER B 359 3.26 -38.78 21.44
CA SER B 359 3.96 -39.61 20.49
C SER B 359 3.11 -39.90 19.24
N ALA B 360 2.30 -38.94 18.76
CA ALA B 360 1.34 -39.18 17.69
C ALA B 360 2.02 -39.67 16.41
N LEU B 361 1.28 -40.50 15.66
CA LEU B 361 1.68 -41.00 14.35
C LEU B 361 1.42 -39.94 13.25
N CYS B 362 0.39 -39.12 13.45
CA CYS B 362 -0.13 -38.25 12.41
C CYS B 362 -0.79 -37.01 13.01
N TYR B 363 -0.49 -35.84 12.42
CA TYR B 363 -1.25 -34.63 12.62
C TYR B 363 -1.55 -34.10 11.22
N SER B 364 -2.83 -33.76 10.95
CA SER B 364 -3.30 -33.44 9.61
C SER B 364 -4.39 -32.38 9.62
N PRO B 365 -4.06 -31.10 9.34
CA PRO B 365 -5.11 -30.10 9.14
C PRO B 365 -6.00 -30.44 7.94
N PHE B 366 -7.31 -30.26 8.12
CA PHE B 366 -8.27 -30.48 7.05
C PHE B 366 -8.26 -29.28 6.13
N GLY B 367 -8.43 -29.52 4.82
CA GLY B 367 -8.49 -28.43 3.86
C GLY B 367 -7.13 -27.73 3.69
N ILE B 368 -6.06 -28.51 3.83
CA ILE B 368 -4.70 -28.01 3.89
C ILE B 368 -4.34 -27.14 2.67
N GLU B 369 -4.88 -27.44 1.47
CA GLU B 369 -4.50 -26.72 0.26
C GLU B 369 -4.85 -25.23 0.35
N ASP B 370 -5.81 -24.89 1.23
CA ASP B 370 -6.28 -23.53 1.43
C ASP B 370 -5.30 -22.71 2.27
N GLY B 371 -4.37 -23.36 2.98
CA GLY B 371 -3.54 -22.68 3.96
C GLY B 371 -2.10 -22.45 3.49
N ALA B 372 -1.90 -22.41 2.17
CA ALA B 372 -0.58 -22.28 1.56
C ALA B 372 0.20 -21.07 2.06
N ASP B 373 -0.48 -19.97 2.39
CA ASP B 373 0.21 -18.76 2.80
C ASP B 373 0.59 -18.78 4.30
N ASN B 374 0.35 -19.89 5.02
CA ASN B 374 0.54 -19.94 6.47
C ASN B 374 2.00 -20.26 6.79
N PHE B 375 2.82 -19.21 6.82
CA PHE B 375 4.27 -19.31 6.91
C PHE B 375 4.65 -19.98 8.23
N VAL B 376 3.94 -19.62 9.30
CA VAL B 376 4.30 -20.05 10.62
C VAL B 376 4.06 -21.55 10.72
N PHE B 377 3.00 -22.02 10.06
CA PHE B 377 2.70 -23.44 10.07
C PHE B 377 3.75 -24.18 9.24
N ALA B 378 4.09 -23.63 8.06
CA ALA B 378 5.08 -24.25 7.18
C ALA B 378 6.41 -24.41 7.92
N GLN B 379 6.83 -23.36 8.65
CA GLN B 379 8.10 -23.35 9.36
C GLN B 379 8.06 -24.33 10.54
N SER B 380 6.88 -24.45 11.16
CA SER B 380 6.66 -25.42 12.23
C SER B 380 6.89 -26.86 11.74
N TYR B 381 6.29 -27.21 10.59
CA TYR B 381 6.51 -28.50 9.96
C TYR B 381 7.99 -28.64 9.60
N LYS B 382 8.63 -27.56 9.17
CA LYS B 382 10.04 -27.67 8.86
C LYS B 382 10.82 -28.09 10.11
N VAL B 383 10.51 -27.45 11.26
CA VAL B 383 11.19 -27.79 12.50
C VAL B 383 10.85 -29.21 12.94
N LEU B 384 9.59 -29.61 12.85
CA LEU B 384 9.23 -30.97 13.23
C LEU B 384 9.98 -31.99 12.36
N ASN B 385 10.17 -31.68 11.07
CA ASN B 385 10.86 -32.62 10.21
C ASN B 385 12.29 -32.81 10.71
N GLU B 386 12.97 -31.69 11.02
CA GLU B 386 14.30 -31.74 11.59
C GLU B 386 14.34 -32.70 12.78
N LEU B 387 13.24 -32.77 13.56
CA LEU B 387 13.23 -33.45 14.84
C LEU B 387 12.68 -34.88 14.71
N ILE B 388 12.22 -35.31 13.52
CA ILE B 388 11.60 -36.64 13.44
C ILE B 388 12.50 -37.72 14.06
N PRO B 389 13.82 -37.81 13.75
CA PRO B 389 14.66 -38.84 14.36
C PRO B 389 14.65 -38.84 15.88
N LEU B 390 14.74 -37.64 16.48
CA LEU B 390 14.75 -37.51 17.94
C LEU B 390 13.38 -37.76 18.54
N ILE B 391 12.32 -37.26 17.91
CA ILE B 391 11.00 -37.59 18.40
C ILE B 391 10.80 -39.10 18.37
N SER B 392 11.17 -39.74 17.24
CA SER B 392 10.96 -41.18 17.04
C SER B 392 11.66 -41.98 18.13
N GLU B 393 12.93 -41.67 18.39
CA GLU B 393 13.74 -42.31 19.40
C GLU B 393 13.10 -42.29 20.81
N HIS B 394 12.31 -41.25 21.14
CA HIS B 394 11.79 -41.06 22.48
C HIS B 394 10.29 -41.31 22.55
N GLN B 395 9.69 -41.86 21.50
CA GLN B 395 8.26 -42.08 21.52
C GLN B 395 7.96 -42.99 22.71
N GLY B 396 7.01 -42.60 23.56
CA GLY B 396 6.63 -43.41 24.70
C GLY B 396 7.49 -43.21 25.95
N SER B 397 8.64 -42.51 25.87
CA SER B 397 9.48 -42.34 27.05
C SER B 397 8.96 -41.22 27.95
N ASP B 398 9.35 -41.18 29.23
CA ASP B 398 8.99 -40.02 30.05
C ASP B 398 10.03 -38.91 29.88
N ARG B 399 10.93 -39.03 28.90
CA ARG B 399 11.94 -38.01 28.64
C ARG B 399 11.50 -37.09 27.49
N MET B 400 10.25 -37.22 27.02
CA MET B 400 9.71 -36.32 26.01
C MET B 400 8.33 -35.83 26.45
N ILE B 401 8.11 -34.52 26.31
CA ILE B 401 6.82 -33.90 26.61
C ILE B 401 6.54 -32.85 25.53
N GLY B 402 5.26 -32.53 25.41
CA GLY B 402 4.84 -31.40 24.61
C GLY B 402 4.75 -30.14 25.47
N VAL B 403 4.63 -29.02 24.79
CA VAL B 403 4.39 -27.72 25.38
C VAL B 403 3.30 -27.04 24.58
N MET B 404 2.21 -26.63 25.26
CA MET B 404 1.15 -25.84 24.66
C MET B 404 0.37 -25.12 25.76
N LYS B 405 0.43 -23.80 25.74
CA LYS B 405 -0.35 -22.99 26.67
C LYS B 405 -1.80 -22.97 26.21
N MET B 406 -2.71 -23.20 27.17
CA MET B 406 -4.14 -22.97 27.00
C MET B 406 -4.56 -21.75 27.81
N PRO B 407 -5.65 -21.07 27.41
CA PRO B 407 -6.12 -19.90 28.16
C PRO B 407 -6.22 -20.22 29.65
N GLY B 408 -5.68 -19.33 30.48
CA GLY B 408 -5.85 -19.41 31.93
C GLY B 408 -4.82 -20.30 32.62
N GLU B 409 -3.93 -20.95 31.86
CA GLU B 409 -2.74 -21.61 32.40
C GLU B 409 -1.58 -20.61 32.41
N SER B 410 -0.75 -20.61 33.46
CA SER B 410 0.37 -19.67 33.50
C SER B 410 1.73 -20.38 33.37
N GLU B 411 1.88 -21.58 34.00
CA GLU B 411 3.13 -22.33 33.96
C GLU B 411 2.89 -23.83 34.05
N ARG B 412 3.86 -24.62 33.58
CA ARG B 412 3.93 -26.06 33.79
C ARG B 412 5.27 -26.45 34.41
N THR B 413 5.26 -27.38 35.39
CA THR B 413 6.46 -27.90 36.02
C THR B 413 6.51 -29.42 35.86
N VAL B 414 7.67 -29.96 35.45
CA VAL B 414 7.87 -31.39 35.28
C VAL B 414 9.22 -31.79 35.85
N THR B 415 9.35 -33.07 36.20
CA THR B 415 10.63 -33.68 36.56
C THR B 415 11.21 -34.34 35.33
N MET B 416 12.53 -34.20 35.16
CA MET B 416 13.25 -34.90 34.13
C MET B 416 14.59 -35.33 34.72
N GLY B 417 14.63 -36.55 35.24
CA GLY B 417 15.82 -37.08 35.90
C GLY B 417 16.22 -36.21 37.07
N ASP B 418 17.45 -35.68 37.01
CA ASP B 418 18.00 -34.87 38.07
C ASP B 418 17.40 -33.44 38.11
N TYR B 419 16.59 -33.04 37.11
CA TYR B 419 16.18 -31.65 36.98
C TYR B 419 14.66 -31.49 37.07
N GLN B 420 14.27 -30.38 37.69
CA GLN B 420 12.95 -29.80 37.60
C GLN B 420 12.98 -28.71 36.54
N LEU B 421 12.00 -28.76 35.63
CA LEU B 421 11.82 -27.79 34.57
C LEU B 421 10.55 -27.00 34.85
N CYS B 422 10.68 -25.67 34.97
CA CYS B 422 9.53 -24.78 35.12
C CYS B 422 9.36 -24.00 33.82
N ILE B 423 8.27 -24.32 33.11
CA ILE B 423 8.01 -23.78 31.79
C ILE B 423 7.07 -22.61 31.96
N LYS B 424 7.50 -21.38 31.66
CA LYS B 424 6.65 -20.22 31.80
C LYS B 424 6.39 -19.60 30.44
N TYR B 425 5.15 -19.16 30.21
CA TYR B 425 4.69 -18.71 28.91
C TYR B 425 4.80 -17.19 28.80
N ASP B 426 5.34 -16.74 27.66
CA ASP B 426 5.56 -15.33 27.38
C ASP B 426 4.48 -14.77 26.46
N ALA B 427 3.61 -15.62 25.90
CA ALA B 427 2.49 -15.16 25.10
C ALA B 427 1.40 -16.22 25.14
N GLU B 428 0.23 -15.91 24.60
CA GLU B 428 -0.89 -16.84 24.63
C GLU B 428 -0.56 -18.02 23.73
N ASP B 429 0.11 -17.69 22.63
CA ASP B 429 0.50 -18.60 21.59
C ASP B 429 1.93 -19.07 21.87
N ALA B 430 2.05 -20.08 22.75
CA ALA B 430 3.32 -20.59 23.22
C ALA B 430 3.24 -22.11 23.13
N TYR B 431 4.22 -22.72 22.45
CA TYR B 431 4.12 -24.14 22.19
C TYR B 431 5.49 -24.67 21.79
N GLY B 432 5.64 -26.00 21.91
CA GLY B 432 6.85 -26.67 21.50
C GLY B 432 6.90 -28.07 22.08
N LEU B 433 8.11 -28.57 22.28
CA LEU B 433 8.33 -29.87 22.89
C LEU B 433 9.71 -29.87 23.52
N ILE B 434 9.92 -30.77 24.49
CA ILE B 434 11.15 -30.87 25.24
C ILE B 434 11.53 -32.34 25.30
N ILE B 435 12.79 -32.64 24.98
CA ILE B 435 13.32 -33.98 25.02
C ILE B 435 14.58 -33.94 25.87
N GLN B 436 14.65 -34.80 26.90
CA GLN B 436 15.91 -34.99 27.59
C GLN B 436 16.73 -36.03 26.84
N THR B 437 17.83 -35.59 26.25
CA THR B 437 18.68 -36.44 25.43
C THR B 437 19.81 -37.04 26.28
N GLY B 438 20.00 -36.54 27.49
CA GLY B 438 21.12 -36.97 28.30
C GLY B 438 20.89 -36.63 29.76
N LYS B 439 21.71 -37.22 30.65
CA LYS B 439 21.62 -36.93 32.07
C LYS B 439 21.58 -35.40 32.25
N ASN B 440 22.42 -34.71 31.49
CA ASN B 440 22.64 -33.27 31.61
C ASN B 440 22.44 -32.55 30.26
N GLU B 441 21.49 -33.02 29.45
CA GLU B 441 21.30 -32.44 28.14
C GLU B 441 19.84 -32.51 27.69
N PHE B 442 19.37 -31.41 27.08
CA PHE B 442 17.99 -31.27 26.64
C PHE B 442 17.94 -30.62 25.27
N VAL B 443 16.93 -31.05 24.50
CA VAL B 443 16.54 -30.36 23.29
C VAL B 443 15.18 -29.74 23.53
N VAL B 444 15.11 -28.43 23.36
CA VAL B 444 13.87 -27.68 23.52
C VAL B 444 13.54 -27.05 22.19
N ALA B 445 12.34 -27.38 21.70
CA ALA B 445 11.85 -26.82 20.47
C ALA B 445 10.61 -25.99 20.78
N GLY B 446 10.44 -24.87 20.08
CA GLY B 446 9.19 -24.12 20.17
C GLY B 446 9.40 -22.60 20.24
N ILE B 447 8.39 -21.91 20.77
CA ILE B 447 8.27 -20.47 20.67
C ILE B 447 7.45 -19.93 21.84
N ASN B 448 7.87 -18.72 22.31
CA ASN B 448 7.12 -17.90 23.26
C ASN B 448 6.99 -18.59 24.61
N PHE B 449 8.00 -19.39 24.99
CA PHE B 449 8.07 -19.82 26.37
C PHE B 449 9.52 -19.76 26.84
N LYS B 450 9.67 -19.90 28.16
CA LYS B 450 10.94 -19.94 28.86
C LYS B 450 10.98 -21.22 29.69
N VAL B 451 12.18 -21.76 29.95
CA VAL B 451 12.35 -22.93 30.79
C VAL B 451 13.40 -22.60 31.83
N TYR B 452 13.05 -22.82 33.12
CA TYR B 452 13.97 -22.71 34.25
C TYR B 452 14.32 -24.12 34.71
N PHE B 453 15.63 -24.41 34.79
CA PHE B 453 16.17 -25.69 35.23
C PHE B 453 16.72 -25.54 36.65
N THR B 454 16.26 -26.39 37.58
CA THR B 454 16.79 -26.48 38.94
C THR B 454 17.00 -27.96 39.27
N SER B 455 17.61 -28.21 40.43
CA SER B 455 17.91 -29.55 40.90
C SER B 455 16.67 -30.14 41.58
N THR B 456 16.30 -31.37 41.20
CA THR B 456 15.32 -32.15 41.95
C THR B 456 15.78 -32.21 43.41
N ASP B 457 16.95 -32.82 43.59
CA ASP B 457 17.59 -32.97 44.89
C ASP B 457 18.03 -31.60 45.41
N LYS B 458 17.39 -31.13 46.49
CA LYS B 458 17.58 -29.78 46.98
C LYS B 458 18.89 -29.62 47.77
N LYS B 459 19.70 -30.67 47.91
CA LYS B 459 21.03 -30.56 48.50
C LYS B 459 22.03 -30.11 47.42
N LYS B 460 21.53 -29.91 46.19
CA LYS B 460 22.37 -29.51 45.06
C LYS B 460 21.76 -28.28 44.40
N THR B 461 22.62 -27.51 43.70
CA THR B 461 22.18 -26.42 42.84
C THR B 461 22.35 -26.88 41.38
N GLY B 462 21.24 -26.81 40.64
CA GLY B 462 21.23 -27.07 39.21
C GLY B 462 21.16 -25.75 38.43
N TYR B 463 21.86 -25.72 37.29
CA TYR B 463 21.95 -24.52 36.47
C TYR B 463 22.14 -24.93 35.02
N ILE B 464 21.69 -24.07 34.10
CA ILE B 464 22.11 -24.16 32.72
C ILE B 464 23.63 -24.02 32.68
N LYS B 465 24.23 -24.90 31.89
CA LYS B 465 25.67 -24.87 31.64
C LYS B 465 25.93 -24.09 30.35
N GLN B 466 25.32 -24.50 29.23
CA GLN B 466 25.46 -23.78 27.97
C GLN B 466 24.22 -23.96 27.09
N VAL B 467 23.90 -22.98 26.23
CA VAL B 467 22.77 -23.04 25.29
C VAL B 467 23.26 -22.77 23.87
N TRP B 468 22.87 -23.65 22.94
CA TRP B 468 23.09 -23.42 21.52
C TRP B 468 21.73 -23.40 20.83
N GLU B 469 21.55 -22.41 19.95
CA GLU B 469 20.44 -22.39 19.00
C GLU B 469 20.96 -23.10 17.77
N GLY B 470 20.09 -23.88 17.09
CA GLY B 470 20.45 -24.43 15.80
C GLY B 470 19.30 -25.20 15.15
N GLY B 471 19.68 -26.23 14.41
CA GLY B 471 18.77 -27.06 13.65
C GLY B 471 19.55 -28.24 13.08
N TYR B 472 18.84 -29.15 12.38
CA TYR B 472 19.45 -30.34 11.79
C TYR B 472 19.45 -30.17 10.28
N ASP B 473 20.61 -30.35 9.62
CA ASP B 473 20.76 -30.16 8.19
C ASP B 473 20.11 -31.32 7.45
N THR B 474 20.20 -31.33 6.10
CA THR B 474 19.51 -32.34 5.29
C THR B 474 20.10 -33.73 5.51
N ASP B 475 21.32 -33.80 6.03
CA ASP B 475 21.97 -35.04 6.42
C ASP B 475 21.51 -35.54 7.79
N GLY B 476 20.76 -34.73 8.54
CA GLY B 476 20.38 -35.11 9.89
C GLY B 476 21.40 -34.68 10.93
N GLU B 477 22.38 -33.85 10.55
CA GLU B 477 23.41 -33.43 11.50
C GLU B 477 22.99 -32.13 12.20
N TRP B 478 23.22 -32.06 13.52
CA TRP B 478 23.03 -30.82 14.25
C TRP B 478 24.02 -29.77 13.77
N LYS B 479 23.51 -28.57 13.49
CA LYS B 479 24.32 -27.41 13.18
C LYS B 479 23.85 -26.23 14.03
N ALA B 480 24.73 -25.78 14.94
CA ALA B 480 24.45 -24.63 15.80
C ALA B 480 24.59 -23.36 14.98
N THR B 481 23.61 -22.44 15.14
CA THR B 481 23.66 -21.13 14.53
C THR B 481 24.20 -20.09 15.52
N ARG B 482 23.96 -20.27 16.83
CA ARG B 482 24.51 -19.37 17.84
C ARG B 482 24.72 -20.14 19.15
N LEU B 483 25.71 -19.72 19.92
CA LEU B 483 25.80 -20.04 21.33
C LEU B 483 25.12 -18.86 22.03
N LEU B 484 23.95 -19.17 22.56
CA LEU B 484 23.08 -18.19 23.18
C LEU B 484 23.57 -18.01 24.62
N ASN B 485 23.87 -16.76 24.97
CA ASN B 485 24.33 -16.42 26.32
C ASN B 485 24.03 -14.93 26.51
N GLY B 486 24.38 -14.39 27.68
CA GLY B 486 24.14 -12.99 27.96
C GLY B 486 22.66 -12.69 27.94
N ASP B 487 22.29 -11.60 27.26
CA ASP B 487 20.89 -11.22 27.20
C ASP B 487 20.04 -12.38 26.69
N GLU B 488 20.61 -13.20 25.81
CA GLU B 488 19.82 -14.21 25.11
C GLU B 488 19.41 -15.36 26.05
N THR B 489 20.06 -15.51 27.23
CA THR B 489 19.68 -16.52 28.22
C THR B 489 19.58 -15.94 29.64
N TYR B 490 19.49 -14.60 29.75
CA TYR B 490 19.63 -13.89 31.04
C TYR B 490 20.79 -14.46 31.83
N HIS B 491 21.95 -14.56 31.17
CA HIS B 491 23.18 -14.98 31.81
C HIS B 491 23.06 -16.41 32.33
N ASN B 492 22.40 -17.28 31.55
CA ASN B 492 22.14 -18.68 31.83
C ASN B 492 21.18 -18.90 33.01
N ALA B 493 20.40 -17.88 33.36
CA ALA B 493 19.31 -18.05 34.32
C ALA B 493 18.14 -18.83 33.72
N VAL B 494 17.98 -18.83 32.40
CA VAL B 494 16.74 -19.33 31.80
C VAL B 494 17.03 -19.67 30.34
N LEU B 495 16.33 -20.68 29.82
CA LEU B 495 16.26 -20.86 28.37
C LEU B 495 15.11 -20.02 27.83
N ILE B 496 15.39 -19.22 26.82
CA ILE B 496 14.38 -18.43 26.16
C ILE B 496 14.14 -19.04 24.79
N ALA B 497 12.94 -19.62 24.60
CA ALA B 497 12.55 -20.21 23.33
C ALA B 497 11.85 -19.12 22.52
N LYS B 498 12.66 -18.20 22.00
CA LYS B 498 12.13 -17.04 21.31
C LYS B 498 11.65 -17.44 19.92
N GLY B 499 12.33 -18.42 19.32
CA GLY B 499 11.99 -18.97 18.00
C GLY B 499 12.92 -18.45 16.92
N ARG B 500 12.80 -19.01 15.70
CA ARG B 500 13.52 -18.52 14.55
C ARG B 500 12.84 -17.28 13.96
N ARG B 501 13.66 -16.33 13.49
CA ARG B 501 13.22 -15.03 13.04
C ARG B 501 13.42 -14.92 11.53
N THR B 502 12.44 -14.29 10.85
CA THR B 502 12.53 -13.87 9.47
C THR B 502 12.33 -12.37 9.39
N VAL B 530 8.69 -11.64 11.83
CA VAL B 530 7.82 -12.84 12.09
C VAL B 530 8.67 -13.87 12.82
N TRP B 531 8.00 -14.67 13.67
CA TRP B 531 8.65 -15.66 14.50
C TRP B 531 7.95 -17.01 14.41
N SER B 532 8.76 -18.07 14.38
CA SER B 532 8.31 -19.45 14.26
C SER B 532 9.10 -20.31 15.23
N PRO B 533 8.76 -21.59 15.48
CA PRO B 533 9.50 -22.39 16.46
C PRO B 533 11.00 -22.50 16.16
N GLY B 534 11.81 -22.46 17.22
CA GLY B 534 13.24 -22.69 17.11
C GLY B 534 13.65 -24.01 17.76
N ILE B 535 14.93 -24.39 17.65
CA ILE B 535 15.43 -25.58 18.34
C ILE B 535 16.64 -25.19 19.16
N TYR B 536 16.66 -25.58 20.44
CA TYR B 536 17.70 -25.19 21.37
C TYR B 536 18.27 -26.43 22.04
N ARG B 537 19.60 -26.52 22.09
CA ARG B 537 20.28 -27.59 22.82
C ARG B 537 20.78 -26.99 24.13
N VAL B 538 20.31 -27.52 25.26
CA VAL B 538 20.68 -27.02 26.57
C VAL B 538 21.45 -28.10 27.33
N THR B 539 22.66 -27.74 27.77
CA THR B 539 23.43 -28.57 28.67
C THR B 539 23.26 -27.96 30.06
N THR B 540 23.12 -28.81 31.08
CA THR B 540 22.93 -28.37 32.44
C THR B 540 24.06 -28.92 33.30
N TYR B 541 24.12 -28.52 34.58
CA TYR B 541 25.05 -29.14 35.53
C TYR B 541 24.53 -28.96 36.96
N LEU B 542 25.00 -29.87 37.85
CA LEU B 542 24.77 -29.81 39.29
C LEU B 542 26.07 -29.53 40.04
N ARG B 543 25.96 -28.93 41.23
CA ARG B 543 27.14 -28.59 42.02
C ARG B 543 26.79 -28.47 43.51
N VAL C 13 53.05 -0.62 17.89
CA VAL C 13 51.59 -0.90 17.97
C VAL C 13 50.85 0.07 17.04
N PRO C 14 49.83 -0.39 16.29
CA PRO C 14 49.10 0.49 15.40
C PRO C 14 47.89 1.19 16.03
N SER C 15 47.74 1.12 17.35
CA SER C 15 46.71 1.88 18.06
C SER C 15 47.22 2.35 19.41
N ARG C 16 47.08 3.65 19.68
CA ARG C 16 47.71 4.31 20.81
C ARG C 16 46.84 5.48 21.30
N LEU C 17 46.77 5.71 22.61
CA LEU C 17 46.23 6.94 23.16
C LEU C 17 47.36 7.97 23.30
N VAL C 18 47.11 9.22 22.90
CA VAL C 18 48.12 10.28 22.90
C VAL C 18 47.43 11.62 23.19
N LYS C 19 48.00 12.39 24.13
CA LYS C 19 47.43 13.66 24.56
C LYS C 19 47.85 14.74 23.56
N ASN C 20 46.90 15.59 23.13
CA ASN C 20 47.20 16.70 22.23
C ASN C 20 47.56 17.94 23.04
N GLU C 21 47.82 19.05 22.33
CA GLU C 21 48.20 20.34 22.93
C GLU C 21 47.13 20.87 23.90
N HIS C 22 45.86 20.51 23.71
CA HIS C 22 44.80 21.01 24.58
C HIS C 22 44.56 20.08 25.77
N GLY C 23 45.44 19.07 25.93
CA GLY C 23 45.31 18.11 27.02
C GLY C 23 44.24 17.05 26.74
N SER C 24 43.81 16.90 25.49
CA SER C 24 42.76 15.93 25.20
C SER C 24 43.40 14.63 24.76
N TRP C 25 42.88 13.49 25.24
CA TRP C 25 43.34 12.20 24.78
C TRP C 25 42.71 11.89 23.43
N GLN C 26 43.55 11.56 22.44
CA GLN C 26 43.11 11.12 21.13
C GLN C 26 43.59 9.70 20.86
N LEU C 27 42.80 9.00 20.06
CA LEU C 27 43.14 7.67 19.60
C LEU C 27 43.87 7.85 18.28
N ILE C 28 45.10 7.31 18.20
CA ILE C 28 45.91 7.38 16.99
C ILE C 28 46.01 5.96 16.40
N VAL C 29 45.44 5.77 15.21
CA VAL C 29 45.36 4.46 14.57
C VAL C 29 46.05 4.58 13.21
N ASN C 30 47.02 3.70 12.93
CA ASN C 30 47.76 3.72 11.67
C ASN C 30 48.29 5.13 11.39
N GLY C 31 48.84 5.80 12.42
CA GLY C 31 49.49 7.09 12.26
C GLY C 31 48.54 8.29 12.23
N LYS C 32 47.21 8.06 12.29
CA LYS C 32 46.22 9.10 12.08
C LYS C 32 45.25 9.15 13.27
N PRO C 33 44.81 10.36 13.69
CA PRO C 33 43.74 10.47 14.68
C PRO C 33 42.51 9.68 14.19
N PHE C 34 41.82 9.03 15.14
CA PHE C 34 40.73 8.11 14.83
C PHE C 34 39.66 8.23 15.90
N ILE C 35 38.41 8.36 15.46
CA ILE C 35 37.27 8.44 16.36
C ILE C 35 36.38 7.23 16.06
N MET C 36 35.92 6.53 17.09
CA MET C 36 35.13 5.33 16.82
C MET C 36 33.68 5.73 16.58
N LEU C 37 33.27 5.69 15.31
CA LEU C 37 31.88 5.70 14.90
C LEU C 37 31.40 4.26 14.90
N ALA C 38 30.95 3.83 16.09
CA ALA C 38 30.91 2.43 16.45
C ALA C 38 29.48 1.95 16.67
N GLY C 39 29.42 0.64 16.83
CA GLY C 39 28.25 -0.10 17.22
C GLY C 39 28.68 -1.41 17.83
N GLU C 40 27.90 -1.87 18.81
CA GLU C 40 28.19 -3.12 19.48
C GLU C 40 27.11 -4.14 19.12
N LEU C 41 27.59 -5.34 18.75
CA LEU C 41 26.73 -6.46 18.39
C LEU C 41 25.96 -6.93 19.64
N HIS C 42 24.77 -7.49 19.42
CA HIS C 42 24.13 -8.28 20.46
C HIS C 42 25.10 -9.35 21.00
N ASN C 43 24.87 -9.74 22.24
CA ASN C 43 25.82 -10.56 22.97
C ASN C 43 26.21 -11.81 22.20
N SER C 44 25.24 -12.51 21.64
CA SER C 44 25.46 -13.81 21.03
C SER C 44 25.78 -13.77 19.53
N SER C 45 25.94 -12.58 18.95
CA SER C 45 26.01 -12.38 17.51
C SER C 45 27.37 -12.75 16.90
N ALA C 46 28.38 -12.87 17.76
CA ALA C 46 29.72 -13.25 17.32
C ALA C 46 30.05 -14.69 17.71
N SER C 47 29.04 -15.49 18.09
CA SER C 47 29.22 -16.84 18.62
C SER C 47 29.47 -17.93 17.56
N THR C 48 29.08 -17.72 16.29
CA THR C 48 29.51 -18.57 15.20
C THR C 48 29.99 -17.67 14.05
N THR C 49 30.80 -18.23 13.14
CA THR C 49 31.27 -17.48 11.99
C THR C 49 30.10 -17.18 11.06
N GLU C 50 29.14 -18.12 10.95
CA GLU C 50 28.05 -17.98 9.99
C GLU C 50 27.13 -16.84 10.47
N TYR C 51 26.89 -16.74 11.78
CA TYR C 51 25.95 -15.73 12.25
C TYR C 51 26.57 -14.34 12.10
N LEU C 52 27.82 -14.16 12.51
CA LEU C 52 28.50 -12.88 12.37
C LEU C 52 28.56 -12.48 10.89
N ASN C 53 28.96 -13.43 10.01
CA ASN C 53 29.19 -13.10 8.61
C ASN C 53 27.89 -12.66 7.94
N SER C 54 26.74 -13.03 8.51
CA SER C 54 25.45 -12.60 7.97
C SER C 54 25.18 -11.13 8.26
N LEU C 55 26.02 -10.45 9.08
CA LEU C 55 25.73 -9.10 9.57
C LEU C 55 26.50 -8.00 8.83
N TRP C 56 27.63 -8.30 8.20
CA TRP C 56 28.54 -7.24 7.77
C TRP C 56 27.89 -6.25 6.80
N THR C 57 27.09 -6.74 5.84
CA THR C 57 26.52 -5.85 4.84
C THR C 57 25.62 -4.83 5.52
N SER C 58 24.84 -5.28 6.51
CA SER C 58 23.95 -4.45 7.32
C SER C 58 24.72 -3.36 8.06
N LEU C 59 25.81 -3.78 8.71
CA LEU C 59 26.68 -2.89 9.45
C LEU C 59 27.26 -1.82 8.52
N LYS C 60 27.52 -2.17 7.26
CA LYS C 60 28.07 -1.21 6.32
C LYS C 60 27.03 -0.14 5.98
N THR C 61 25.74 -0.51 5.99
CA THR C 61 24.73 0.47 5.61
C THR C 61 24.65 1.59 6.66
N LEU C 62 25.15 1.34 7.88
CA LEU C 62 25.12 2.35 8.94
C LEU C 62 26.37 3.23 8.96
N ASN C 63 27.38 2.95 8.14
CA ASN C 63 28.56 3.79 7.98
C ASN C 63 29.41 3.81 9.24
N LEU C 64 29.43 2.66 9.91
CA LEU C 64 30.30 2.44 11.06
C LEU C 64 31.73 2.54 10.58
N ASN C 65 32.67 3.00 11.44
CA ASN C 65 34.06 2.68 11.16
C ASN C 65 34.65 1.61 12.08
N THR C 66 33.92 1.19 13.15
CA THR C 66 34.44 0.27 14.16
C THR C 66 33.30 -0.64 14.61
N VAL C 67 33.57 -1.92 14.79
CA VAL C 67 32.61 -2.80 15.42
C VAL C 67 33.12 -3.27 16.77
N LEU C 68 32.25 -3.24 17.78
CA LEU C 68 32.52 -3.83 19.08
C LEU C 68 31.89 -5.20 19.08
N ALA C 69 32.71 -6.23 19.28
CA ALA C 69 32.22 -7.59 19.27
C ALA C 69 32.96 -8.38 20.33
N PRO C 70 32.27 -9.33 20.99
CA PRO C 70 32.89 -10.17 22.01
C PRO C 70 33.62 -11.42 21.52
N ILE C 71 34.62 -11.84 22.32
CA ILE C 71 35.21 -13.16 22.37
C ILE C 71 34.95 -13.71 23.76
N ALA C 72 34.44 -14.94 23.81
CA ALA C 72 33.95 -15.57 25.02
C ALA C 72 34.96 -16.64 25.43
N TRP C 73 35.39 -16.59 26.68
CA TRP C 73 36.39 -17.51 27.20
C TRP C 73 35.93 -18.95 27.02
N GLU C 74 34.64 -19.20 27.28
CA GLU C 74 34.07 -20.55 27.16
C GLU C 74 34.33 -21.13 25.77
N GLN C 75 34.36 -20.29 24.72
CA GLN C 75 34.60 -20.77 23.37
C GLN C 75 36.08 -20.67 22.99
N PHE C 76 36.80 -19.67 23.50
CA PHE C 76 38.20 -19.47 23.18
C PHE C 76 39.09 -20.54 23.83
N GLU C 77 38.81 -20.88 25.08
CA GLU C 77 39.54 -21.92 25.80
C GLU C 77 38.55 -23.00 26.24
N PRO C 78 38.06 -23.84 25.31
CA PRO C 78 36.99 -24.79 25.63
C PRO C 78 37.40 -25.92 26.59
N GLN C 79 38.66 -26.33 26.50
CA GLN C 79 39.31 -27.14 27.53
C GLN C 79 40.58 -26.37 27.93
N GLU C 80 40.98 -26.53 29.21
CA GLU C 80 42.11 -25.79 29.76
C GLU C 80 43.36 -26.14 28.96
N GLY C 81 44.00 -25.11 28.39
CA GLY C 81 45.22 -25.28 27.60
C GLY C 81 44.94 -25.51 26.12
N ILE C 82 43.66 -25.58 25.70
CA ILE C 82 43.31 -25.80 24.29
C ILE C 82 42.58 -24.55 23.78
N PHE C 83 43.07 -23.96 22.69
CA PHE C 83 42.60 -22.65 22.30
C PHE C 83 42.03 -22.75 20.89
N ASP C 84 40.86 -22.13 20.71
CA ASP C 84 40.17 -22.16 19.43
C ASP C 84 40.11 -20.74 18.89
N TYR C 85 40.86 -20.52 17.82
CA TYR C 85 41.07 -19.20 17.24
C TYR C 85 40.11 -18.95 16.08
N THR C 86 39.14 -19.85 15.87
CA THR C 86 38.25 -19.73 14.72
C THR C 86 37.54 -18.37 14.73
N LEU C 87 36.99 -17.96 15.89
CA LEU C 87 36.06 -16.84 15.96
C LEU C 87 36.79 -15.52 15.82
N ILE C 88 37.93 -15.39 16.51
CA ILE C 88 38.77 -14.21 16.41
C ILE C 88 39.34 -14.10 15.00
N ASN C 89 39.77 -15.21 14.40
CA ASN C 89 40.31 -15.15 13.05
C ASN C 89 39.25 -14.67 12.08
N ASN C 90 38.05 -15.26 12.17
CA ASN C 90 36.99 -14.94 11.23
C ASN C 90 36.54 -13.48 11.43
N MET C 91 36.53 -13.00 12.67
CA MET C 91 36.08 -11.66 12.99
C MET C 91 37.02 -10.64 12.37
N ILE C 92 38.32 -10.84 12.55
CA ILE C 92 39.31 -9.96 11.94
C ILE C 92 39.19 -10.00 10.41
N ASP C 93 38.98 -11.19 9.85
CA ASP C 93 38.89 -11.33 8.41
C ASP C 93 37.72 -10.53 7.87
N GLY C 94 36.54 -10.70 8.49
CA GLY C 94 35.35 -10.00 8.06
C GLY C 94 35.48 -8.49 8.21
N ALA C 95 36.04 -8.06 9.34
CA ALA C 95 36.23 -6.64 9.60
C ALA C 95 37.08 -6.03 8.49
N ARG C 96 38.16 -6.72 8.10
CA ARG C 96 39.02 -6.22 7.03
C ARG C 96 38.28 -6.16 5.70
N LYS C 97 37.53 -7.21 5.36
CA LYS C 97 36.82 -7.26 4.09
C LYS C 97 35.71 -6.21 4.02
N ASN C 98 35.20 -5.72 5.16
CA ASN C 98 34.07 -4.80 5.16
C ASN C 98 34.47 -3.40 5.60
N GLY C 99 35.77 -3.15 5.81
CA GLY C 99 36.27 -1.81 6.06
C GLY C 99 36.04 -1.33 7.50
N PHE C 100 36.05 -2.25 8.48
CA PHE C 100 35.82 -1.91 9.88
C PHE C 100 37.07 -2.17 10.72
N LYS C 101 37.30 -1.33 11.74
CA LYS C 101 38.15 -1.65 12.88
C LYS C 101 37.35 -2.39 13.94
N LEU C 102 38.06 -3.08 14.86
CA LEU C 102 37.44 -3.86 15.92
C LEU C 102 37.88 -3.36 17.28
N SER C 103 36.94 -3.26 18.23
CA SER C 103 37.29 -3.32 19.65
C SER C 103 36.81 -4.65 20.21
N ILE C 104 37.73 -5.40 20.80
CA ILE C 104 37.43 -6.76 21.19
C ILE C 104 36.95 -6.72 22.63
N LEU C 105 35.74 -7.26 22.89
CA LEU C 105 35.21 -7.46 24.23
C LEU C 105 35.58 -8.86 24.71
N TRP C 106 36.25 -8.92 25.87
CA TRP C 106 36.60 -10.16 26.53
C TRP C 106 35.55 -10.55 27.56
N PHE C 107 34.62 -11.42 27.15
CA PHE C 107 33.64 -11.99 28.06
C PHE C 107 34.32 -13.16 28.75
N GLY C 108 34.98 -12.86 29.87
CA GLY C 108 35.82 -13.81 30.60
C GLY C 108 35.11 -14.15 31.90
N SER C 109 35.76 -13.83 33.03
CA SER C 109 35.29 -14.09 34.37
C SER C 109 33.89 -13.52 34.61
N TRP C 110 33.64 -12.29 34.13
CA TRP C 110 32.40 -11.61 34.41
C TRP C 110 31.85 -10.88 33.18
N LYS C 111 30.52 -10.94 33.05
CA LYS C 111 29.75 -10.24 32.06
C LYS C 111 28.43 -9.91 32.73
N ASN C 112 28.11 -8.61 32.86
CA ASN C 112 26.97 -8.13 33.62
C ASN C 112 26.98 -8.76 35.01
N GLY C 113 28.12 -8.70 35.70
CA GLY C 113 28.27 -9.22 37.05
C GLY C 113 28.56 -10.73 37.14
N GLU C 114 28.11 -11.55 36.16
CA GLU C 114 28.02 -13.00 36.38
C GLU C 114 29.08 -13.77 35.60
N SER C 115 29.20 -15.08 35.86
CA SER C 115 30.26 -15.89 35.26
C SER C 115 29.74 -16.88 34.21
N SER C 116 28.75 -16.44 33.39
CA SER C 116 28.05 -17.31 32.45
C SER C 116 28.92 -17.65 31.22
N TYR C 117 29.99 -16.88 30.99
CA TYR C 117 30.86 -17.11 29.85
C TYR C 117 32.19 -17.77 30.27
N ALA C 118 32.33 -18.06 31.56
CA ALA C 118 33.47 -18.84 32.02
C ALA C 118 33.40 -20.23 31.39
N PRO C 119 34.55 -20.85 31.04
CA PRO C 119 34.55 -22.22 30.50
C PRO C 119 33.81 -23.23 31.37
N THR C 120 33.29 -24.30 30.73
CA THR C 120 32.64 -25.39 31.43
C THR C 120 33.56 -25.94 32.52
N TRP C 121 34.87 -26.00 32.24
CA TRP C 121 35.87 -26.53 33.17
C TRP C 121 36.15 -25.55 34.31
N VAL C 122 35.85 -24.26 34.16
CA VAL C 122 35.88 -23.34 35.28
C VAL C 122 34.59 -23.44 36.09
N LYS C 123 33.44 -23.43 35.42
CA LYS C 123 32.16 -23.53 36.09
C LYS C 123 32.13 -24.73 37.05
N GLU C 124 32.64 -25.89 36.60
CA GLU C 124 32.37 -27.14 37.28
C GLU C 124 33.32 -27.41 38.44
N ASP C 125 34.40 -26.64 38.54
CA ASP C 125 35.31 -26.76 39.66
C ASP C 125 35.14 -25.55 40.60
N THR C 126 34.15 -25.62 41.50
CA THR C 126 33.91 -24.57 42.50
C THR C 126 34.96 -24.58 43.62
N LYS C 127 35.78 -25.64 43.71
CA LYS C 127 36.83 -25.69 44.71
C LYS C 127 37.97 -24.78 44.26
N ARG C 128 38.45 -24.99 43.04
CA ARG C 128 39.54 -24.21 42.49
C ARG C 128 39.09 -22.78 42.17
N PHE C 129 37.85 -22.62 41.68
CA PHE C 129 37.33 -21.33 41.25
C PHE C 129 36.06 -21.04 42.03
N PHE C 130 36.25 -20.56 43.26
CA PHE C 130 35.15 -20.50 44.21
C PHE C 130 34.30 -19.29 43.84
N ARG C 131 33.06 -19.35 44.32
CA ARG C 131 32.01 -18.43 43.91
C ARG C 131 31.83 -17.35 44.96
N VAL C 132 31.26 -16.24 44.51
CA VAL C 132 30.60 -15.32 45.43
C VAL C 132 29.55 -16.06 46.24
N LYS C 133 29.50 -15.77 47.54
CA LYS C 133 28.43 -16.26 48.41
C LYS C 133 27.58 -15.07 48.83
N SER C 134 26.27 -15.30 48.89
CA SER C 134 25.29 -14.34 49.33
C SER C 134 25.31 -14.24 50.86
N VAL C 135 24.62 -13.23 51.38
CA VAL C 135 24.48 -13.02 52.81
C VAL C 135 23.75 -14.21 53.44
N GLU C 136 22.88 -14.86 52.66
CA GLU C 136 22.17 -16.05 53.11
C GLU C 136 23.14 -17.23 53.14
N GLY C 137 24.23 -17.15 52.37
CA GLY C 137 25.24 -18.20 52.33
C GLY C 137 25.17 -19.06 51.07
N LYS C 138 24.37 -18.67 50.05
CA LYS C 138 24.28 -19.42 48.80
C LYS C 138 25.45 -19.06 47.88
N GLU C 139 25.99 -20.07 47.19
CA GLU C 139 27.00 -19.87 46.16
C GLU C 139 26.31 -19.49 44.85
N ILE C 140 26.68 -18.36 44.25
CA ILE C 140 25.97 -17.88 43.07
C ILE C 140 26.79 -18.16 41.80
N GLU C 141 26.20 -17.80 40.65
CA GLU C 141 26.76 -18.09 39.33
C GLU C 141 27.72 -16.96 38.97
N THR C 142 28.57 -16.61 39.95
CA THR C 142 29.56 -15.55 39.82
C THR C 142 30.83 -16.03 40.52
N ILE C 143 31.97 -15.97 39.81
CA ILE C 143 33.28 -16.30 40.36
C ILE C 143 33.68 -15.17 41.30
N SER C 144 34.20 -15.51 42.49
CA SER C 144 34.58 -14.47 43.43
C SER C 144 35.81 -13.73 42.91
N PRO C 145 35.86 -12.38 43.02
CA PRO C 145 37.05 -11.64 42.64
C PRO C 145 38.16 -11.79 43.67
N PHE C 146 37.87 -12.53 44.74
CA PHE C 146 38.89 -12.87 45.73
C PHE C 146 39.55 -14.19 45.36
N CYS C 147 39.16 -14.81 44.21
CA CYS C 147 39.76 -16.09 43.81
C CYS C 147 40.97 -15.88 42.88
N GLU C 148 42.19 -16.08 43.43
CA GLU C 148 43.44 -15.89 42.70
C GLU C 148 43.60 -16.88 41.55
N ASN C 149 43.21 -18.14 41.76
CA ASN C 149 43.20 -19.11 40.68
C ASN C 149 42.42 -18.56 39.47
N ALA C 150 41.23 -17.99 39.73
CA ALA C 150 40.40 -17.50 38.64
C ALA C 150 41.11 -16.32 37.94
N MET C 151 41.67 -15.40 38.72
CA MET C 151 42.40 -14.29 38.12
C MET C 151 43.52 -14.77 37.21
N LYS C 152 44.27 -15.80 37.65
CA LYS C 152 45.39 -16.33 36.89
C LYS C 152 44.94 -17.00 35.60
N ALA C 153 43.89 -17.81 35.66
CA ALA C 153 43.37 -18.50 34.49
C ALA C 153 42.80 -17.50 33.50
N ASP C 154 42.10 -16.48 33.99
CA ASP C 154 41.51 -15.50 33.09
C ASP C 154 42.65 -14.75 32.40
N ALA C 155 43.58 -14.22 33.20
CA ALA C 155 44.79 -13.57 32.72
C ALA C 155 45.53 -14.41 31.65
N LYS C 156 45.67 -15.72 31.89
CA LYS C 156 46.44 -16.57 30.97
C LYS C 156 45.69 -16.65 29.65
N ALA C 157 44.37 -16.81 29.71
CA ALA C 157 43.55 -16.89 28.50
C ALA C 157 43.60 -15.56 27.74
N PHE C 158 43.47 -14.46 28.46
CA PHE C 158 43.39 -13.13 27.86
C PHE C 158 44.72 -12.83 27.14
N LYS C 159 45.83 -13.23 27.74
CA LYS C 159 47.13 -12.97 27.16
C LYS C 159 47.29 -13.80 25.90
N THR C 160 46.77 -15.05 25.93
CA THR C 160 46.84 -15.93 24.77
C THR C 160 46.07 -15.29 23.60
N LEU C 161 44.88 -14.73 23.89
CA LEU C 161 44.11 -14.04 22.87
C LEU C 161 44.91 -12.89 22.28
N VAL C 162 45.49 -12.06 23.12
CA VAL C 162 46.15 -10.87 22.62
C VAL C 162 47.45 -11.22 21.89
N GLU C 163 48.20 -12.23 22.36
CA GLU C 163 49.38 -12.72 21.65
C GLU C 163 49.01 -13.16 20.24
N HIS C 164 47.85 -13.80 20.11
CA HIS C 164 47.37 -14.27 18.82
C HIS C 164 47.01 -13.09 17.92
N ILE C 165 46.37 -12.06 18.49
CA ILE C 165 46.02 -10.85 17.76
C ILE C 165 47.30 -10.20 17.23
N LYS C 166 48.31 -10.07 18.08
CA LYS C 166 49.59 -9.51 17.66
C LYS C 166 50.13 -10.29 16.46
N LYS C 167 50.05 -11.62 16.56
CA LYS C 167 50.58 -12.56 15.58
C LYS C 167 49.86 -12.49 14.24
N VAL C 168 48.57 -12.10 14.22
CA VAL C 168 47.84 -12.02 12.96
C VAL C 168 47.48 -10.58 12.57
N ASP C 169 47.79 -9.58 13.39
CA ASP C 169 47.23 -8.23 13.21
C ASP C 169 48.19 -7.10 13.58
N GLN C 170 49.44 -7.43 13.90
CA GLN C 170 50.36 -6.41 14.37
C GLN C 170 50.69 -5.39 13.29
N ALA C 171 50.67 -5.81 12.02
CA ALA C 171 50.94 -4.88 10.94
C ALA C 171 49.67 -4.12 10.55
N THR C 172 48.54 -4.81 10.42
CA THR C 172 47.34 -4.19 9.90
C THR C 172 46.66 -3.32 10.97
N GLY C 173 46.56 -3.85 12.20
CA GLY C 173 45.91 -3.14 13.30
C GLY C 173 44.42 -2.93 13.07
N THR C 174 43.74 -3.98 12.62
CA THR C 174 42.29 -4.03 12.59
C THR C 174 41.75 -3.85 14.02
N VAL C 175 42.40 -4.51 14.98
CA VAL C 175 42.06 -4.44 16.39
C VAL C 175 42.73 -3.22 17.02
N ILE C 176 41.90 -2.23 17.41
CA ILE C 176 42.35 -0.94 17.91
C ILE C 176 42.11 -0.75 19.41
N ALA C 177 41.39 -1.66 20.11
CA ALA C 177 41.11 -1.52 21.53
C ALA C 177 40.58 -2.83 22.13
N LEU C 178 40.66 -2.92 23.47
CA LEU C 178 40.30 -4.12 24.20
C LEU C 178 39.42 -3.72 25.37
N GLN C 179 38.40 -4.52 25.64
CA GLN C 179 37.59 -4.34 26.84
C GLN C 179 37.63 -5.62 27.67
N PRO C 180 38.46 -5.69 28.74
CA PRO C 180 38.47 -6.87 29.61
C PRO C 180 37.27 -6.92 30.56
N GLU C 181 36.58 -8.06 30.51
CA GLU C 181 35.33 -8.29 31.22
C GLU C 181 34.25 -7.34 30.70
N ASN C 182 33.09 -7.40 31.35
CA ASN C 182 31.94 -6.60 30.95
C ASN C 182 31.05 -6.33 32.17
N GLU C 183 30.97 -5.05 32.54
CA GLU C 183 30.06 -4.61 33.59
C GLU C 183 30.20 -5.51 34.82
N VAL C 184 31.39 -5.50 35.46
CA VAL C 184 31.74 -6.42 36.53
C VAL C 184 31.08 -5.95 37.83
N GLY C 185 30.96 -6.86 38.82
CA GLY C 185 30.40 -6.48 40.11
C GLY C 185 29.37 -7.49 40.62
N ILE C 186 28.94 -7.32 41.88
CA ILE C 186 27.99 -8.17 42.56
C ILE C 186 26.75 -7.36 42.93
N PHE C 187 25.57 -8.00 42.83
CA PHE C 187 24.31 -7.41 43.26
C PHE C 187 24.11 -7.59 44.76
N GLN C 188 25.12 -7.16 45.53
CA GLN C 188 25.20 -7.41 46.96
C GLN C 188 26.02 -6.28 47.59
N GLY C 189 25.81 -6.04 48.89
CA GLY C 189 26.64 -5.14 49.69
C GLY C 189 28.10 -5.61 49.80
N MET C 190 28.31 -6.93 49.82
CA MET C 190 29.63 -7.52 49.74
C MET C 190 29.53 -9.01 49.42
N ASP C 191 30.66 -9.61 49.04
CA ASP C 191 30.82 -11.05 48.91
C ASP C 191 30.98 -11.65 50.30
N TYR C 192 30.25 -12.75 50.57
CA TYR C 192 30.29 -13.41 51.87
C TYR C 192 31.15 -14.67 51.86
N SER C 193 31.94 -14.85 50.80
CA SER C 193 32.94 -15.91 50.79
C SER C 193 33.95 -15.63 51.90
N LYS C 194 34.57 -16.69 52.43
CA LYS C 194 35.59 -16.56 53.47
C LYS C 194 36.70 -15.61 53.00
N ALA C 195 37.22 -15.81 51.79
CA ALA C 195 38.26 -14.90 51.31
C ALA C 195 37.78 -13.46 51.46
N SER C 196 36.59 -13.17 50.92
CA SER C 196 36.08 -11.81 50.90
C SER C 196 36.02 -11.20 52.31
N LEU C 197 35.39 -11.92 53.25
CA LEU C 197 35.25 -11.45 54.63
C LEU C 197 36.61 -11.18 55.28
N ALA C 198 37.62 -12.00 54.98
CA ALA C 198 38.94 -11.83 55.56
C ALA C 198 39.71 -10.70 54.87
N ALA C 199 39.52 -10.50 53.56
CA ALA C 199 40.12 -9.35 52.89
C ALA C 199 39.54 -8.03 53.44
N TYR C 200 38.30 -8.06 53.94
CA TYR C 200 37.67 -6.87 54.51
C TYR C 200 38.36 -6.41 55.79
N GLU C 201 39.07 -7.34 56.47
CA GLU C 201 39.76 -7.04 57.73
C GLU C 201 41.20 -6.54 57.50
N GLN C 202 41.62 -6.44 56.23
CA GLN C 202 43.00 -6.13 55.92
C GLN C 202 43.24 -4.62 55.92
N GLU C 203 44.53 -4.27 55.96
CA GLU C 203 45.04 -2.91 55.85
C GLU C 203 44.65 -2.32 54.50
N VAL C 204 44.08 -1.11 54.49
CA VAL C 204 43.87 -0.39 53.25
C VAL C 204 45.19 -0.32 52.50
N PRO C 205 45.26 -0.73 51.21
CA PRO C 205 46.50 -0.62 50.45
C PRO C 205 47.05 0.81 50.37
N GLN C 206 48.37 0.93 50.51
CA GLN C 206 49.03 2.23 50.51
C GLN C 206 48.86 2.91 49.16
N ALA C 207 48.78 2.12 48.07
CA ALA C 207 48.55 2.68 46.74
C ALA C 207 47.31 3.58 46.73
N LEU C 208 46.28 3.22 47.53
CA LEU C 208 45.01 3.93 47.59
C LEU C 208 45.15 5.14 48.53
N ILE C 209 45.77 4.94 49.69
CA ILE C 209 46.00 6.06 50.60
C ILE C 209 46.72 7.16 49.82
N GLN C 210 47.81 6.77 49.17
CA GLN C 210 48.70 7.71 48.48
C GLN C 210 47.96 8.41 47.35
N TYR C 211 47.11 7.67 46.63
CA TYR C 211 46.34 8.26 45.55
C TYR C 211 45.45 9.34 46.14
N MET C 212 44.80 9.02 47.26
CA MET C 212 43.82 9.94 47.83
C MET C 212 44.51 11.20 48.39
N LYS C 213 45.73 11.01 48.91
CA LYS C 213 46.53 12.11 49.43
C LYS C 213 46.91 13.03 48.28
N LYS C 214 47.46 12.42 47.22
CA LYS C 214 47.99 13.18 46.11
C LYS C 214 46.87 13.92 45.37
N ASN C 215 45.68 13.31 45.25
CA ASN C 215 44.66 13.76 44.33
C ASN C 215 43.46 14.34 45.09
N ARG C 216 43.69 14.70 46.35
CA ARG C 216 42.63 15.07 47.28
C ARG C 216 41.61 16.03 46.68
N LYS C 217 42.09 17.05 45.95
CA LYS C 217 41.27 18.14 45.47
C LYS C 217 40.41 17.67 44.29
N ASN C 218 40.74 16.51 43.72
CA ASN C 218 40.11 16.05 42.50
C ASN C 218 39.32 14.77 42.75
N LEU C 219 39.26 14.36 44.02
CA LEU C 219 38.60 13.11 44.40
C LEU C 219 37.12 13.27 44.13
N ARG C 220 36.44 12.15 43.93
CA ARG C 220 34.99 12.07 43.99
C ARG C 220 34.54 12.39 45.41
N LYS C 221 33.53 13.25 45.52
CA LYS C 221 32.91 13.59 46.81
C LYS C 221 32.40 12.33 47.51
N GLU C 222 32.00 11.32 46.74
CA GLU C 222 31.51 10.06 47.31
C GLU C 222 32.61 9.37 48.14
N LEU C 223 33.87 9.43 47.67
CA LEU C 223 34.99 8.78 48.35
C LEU C 223 35.56 9.72 49.42
N LEU C 224 35.75 10.99 49.05
CA LEU C 224 36.37 11.97 49.94
C LEU C 224 35.53 12.15 51.20
N SER C 225 34.21 12.30 51.04
CA SER C 225 33.35 12.59 52.17
C SER C 225 33.39 11.45 53.18
N VAL C 226 33.54 10.20 52.71
CA VAL C 226 33.56 9.05 53.61
C VAL C 226 34.91 8.96 54.29
N TRP C 227 35.99 9.19 53.51
CA TRP C 227 37.34 9.26 54.05
C TRP C 227 37.41 10.30 55.19
N GLU C 228 36.92 11.52 54.90
CA GLU C 228 36.97 12.63 55.83
C GLU C 228 36.05 12.41 57.04
N GLU C 229 34.90 11.75 56.86
CA GLU C 229 33.99 11.52 57.96
C GLU C 229 34.64 10.64 59.02
N ASN C 230 35.59 9.78 58.60
CA ASN C 230 36.29 8.89 59.50
C ASN C 230 37.69 9.42 59.81
N GLY C 231 37.97 10.69 59.51
CA GLY C 231 39.16 11.36 60.02
C GLY C 231 40.35 11.26 59.08
N ALA C 232 40.08 11.05 57.78
CA ALA C 232 41.07 11.16 56.71
C ALA C 232 42.38 10.48 57.09
N ARG C 233 42.26 9.27 57.64
CA ARG C 233 43.41 8.51 58.10
C ARG C 233 44.26 8.00 56.94
N THR C 234 45.58 7.93 57.17
CA THR C 234 46.52 7.48 56.16
C THR C 234 46.99 6.07 56.49
N SER C 235 46.32 5.40 57.44
CA SER C 235 46.57 3.99 57.70
C SER C 235 45.43 3.35 58.48
N GLY C 236 45.44 2.00 58.55
CA GLY C 236 44.43 1.21 59.23
C GLY C 236 43.73 0.27 58.25
N ALA C 237 42.77 -0.48 58.79
CA ALA C 237 41.97 -1.42 58.02
C ALA C 237 40.78 -0.71 57.37
N TRP C 238 40.14 -1.38 56.42
CA TRP C 238 39.08 -0.76 55.63
C TRP C 238 38.07 -0.06 56.53
N LYS C 239 37.64 -0.72 57.60
CA LYS C 239 36.57 -0.17 58.44
C LYS C 239 37.11 0.97 59.31
N THR C 240 38.43 0.94 59.58
CA THR C 240 39.12 2.05 60.25
C THR C 240 39.07 3.28 59.36
N VAL C 241 39.58 3.14 58.14
CA VAL C 241 39.78 4.29 57.24
C VAL C 241 38.43 4.80 56.73
N PHE C 242 37.47 3.90 56.48
CA PHE C 242 36.24 4.31 55.81
C PHE C 242 34.98 4.02 56.61
N GLY C 243 35.13 3.58 57.86
CA GLY C 243 33.98 3.25 58.68
C GLY C 243 33.41 1.86 58.37
N ASP C 244 32.48 1.43 59.22
CA ASP C 244 31.75 0.18 59.08
C ASP C 244 30.36 0.47 58.53
N ASN C 245 30.21 0.28 57.20
CA ASN C 245 29.04 0.74 56.47
C ASN C 245 29.09 0.19 55.04
N ALA C 246 28.09 0.56 54.22
CA ALA C 246 27.95 0.07 52.85
C ALA C 246 29.08 0.59 51.95
N TRP C 247 29.63 1.76 52.26
CA TRP C 247 30.62 2.39 51.42
C TRP C 247 31.97 1.69 51.54
N SER C 248 32.44 1.44 52.78
CA SER C 248 33.71 0.74 52.94
C SER C 248 33.64 -0.65 52.31
N LYS C 249 32.47 -1.31 52.36
CA LYS C 249 32.25 -2.57 51.67
C LYS C 249 32.39 -2.41 50.14
N SER C 250 31.78 -1.37 49.58
CA SER C 250 31.92 -1.04 48.17
C SER C 250 33.37 -0.73 47.79
N PHE C 251 34.07 0.07 48.62
CA PHE C 251 35.44 0.46 48.33
C PHE C 251 36.36 -0.75 48.17
N TYR C 252 36.29 -1.70 49.11
CA TYR C 252 37.27 -2.78 49.11
C TYR C 252 36.90 -3.80 48.03
N THR C 253 35.59 -3.99 47.80
CA THR C 253 35.10 -4.83 46.69
C THR C 253 35.58 -4.26 45.35
N THR C 254 35.45 -2.93 45.18
CA THR C 254 35.90 -2.25 43.98
C THR C 254 37.41 -2.41 43.85
N TRP C 255 38.15 -2.23 44.96
CA TRP C 255 39.59 -2.39 44.94
C TRP C 255 39.94 -3.77 44.39
N GLN C 256 39.22 -4.76 44.88
CA GLN C 256 39.48 -6.13 44.52
C GLN C 256 39.26 -6.36 43.02
N TYR C 257 38.07 -6.00 42.50
CA TYR C 257 37.80 -6.06 41.06
C TYR C 257 38.86 -5.34 40.20
N ALA C 258 39.15 -4.05 40.48
CA ALA C 258 40.12 -3.33 39.68
C ALA C 258 41.48 -4.02 39.73
N THR C 259 41.88 -4.47 40.93
CA THR C 259 43.13 -5.21 41.08
C THR C 259 43.14 -6.48 40.22
N TYR C 260 42.13 -7.34 40.38
CA TYR C 260 42.04 -8.55 39.57
C TYR C 260 42.14 -8.25 38.08
N ILE C 261 41.40 -7.25 37.61
CA ILE C 261 41.33 -7.00 36.18
C ILE C 261 42.60 -6.30 35.70
N ASP C 262 43.22 -5.48 36.56
CA ASP C 262 44.51 -4.89 36.23
C ASP C 262 45.55 -5.97 35.95
N PHE C 263 45.64 -6.99 36.83
CA PHE C 263 46.51 -8.13 36.57
C PHE C 263 46.28 -8.69 35.16
N ILE C 264 45.01 -8.84 34.78
CA ILE C 264 44.64 -9.39 33.49
C ILE C 264 45.17 -8.50 32.36
N SER C 265 44.93 -7.20 32.48
CA SER C 265 45.37 -6.29 31.45
C SER C 265 46.91 -6.26 31.38
N ALA C 266 47.59 -6.29 32.54
CA ALA C 266 49.06 -6.15 32.58
C ALA C 266 49.73 -7.18 31.67
N GLY C 267 49.26 -8.44 31.71
CA GLY C 267 49.83 -9.50 30.89
C GLY C 267 49.74 -9.19 29.40
N ALA C 268 48.59 -8.65 28.96
CA ALA C 268 48.43 -8.22 27.58
C ALA C 268 49.34 -7.03 27.28
N LYS C 269 49.28 -6.00 28.15
CA LYS C 269 50.04 -4.78 27.95
C LYS C 269 51.52 -5.09 27.73
N GLU C 270 52.02 -6.15 28.39
CA GLU C 270 53.44 -6.46 28.40
C GLU C 270 53.87 -7.04 27.05
N ILE C 271 52.96 -7.69 26.31
CA ILE C 271 53.33 -8.27 25.02
C ILE C 271 52.79 -7.45 23.84
N TYR C 272 51.69 -6.72 24.01
CA TYR C 272 51.11 -5.99 22.89
C TYR C 272 50.13 -4.94 23.41
N PRO C 273 50.61 -3.76 23.86
CA PRO C 273 49.77 -2.78 24.56
C PRO C 273 48.82 -2.10 23.58
N LEU C 274 47.51 -2.28 23.84
CA LEU C 274 46.44 -1.60 23.13
C LEU C 274 45.63 -0.76 24.10
N PRO C 275 44.98 0.32 23.64
CA PRO C 275 44.05 1.08 24.49
C PRO C 275 43.06 0.11 25.12
N THR C 276 42.96 0.16 26.46
CA THR C 276 42.16 -0.82 27.20
C THR C 276 41.12 -0.05 28.02
N PHE C 277 39.86 -0.51 27.96
CA PHE C 277 38.82 0.13 28.74
C PHE C 277 37.97 -0.89 29.47
N CYS C 278 37.49 -0.52 30.68
CA CYS C 278 36.47 -1.29 31.39
C CYS C 278 35.18 -0.47 31.46
N ASN C 279 34.06 -1.18 31.25
CA ASN C 279 32.76 -0.57 31.07
C ASN C 279 31.91 -0.80 32.32
N CYS C 280 30.97 0.09 32.64
CA CYS C 280 30.15 -0.10 33.83
C CYS C 280 28.66 0.00 33.55
N TRP C 281 27.91 -0.83 34.28
CA TRP C 281 26.48 -0.68 34.49
C TRP C 281 26.26 0.48 35.46
N LEU C 282 25.56 1.50 34.99
CA LEU C 282 25.48 2.78 35.67
C LEU C 282 24.63 2.65 36.94
N VAL C 283 24.94 3.51 37.91
CA VAL C 283 24.04 3.85 39.00
C VAL C 283 22.75 4.35 38.37
N GLN C 284 21.70 3.54 38.41
CA GLN C 284 20.53 3.75 37.57
C GLN C 284 19.68 4.89 38.10
N LYS C 285 19.58 4.99 39.42
CA LYS C 285 18.85 6.06 40.09
C LYS C 285 19.72 6.61 41.21
N PRO C 286 19.65 7.93 41.50
CA PRO C 286 20.64 8.54 42.39
C PRO C 286 20.68 8.00 43.82
N ASP C 287 19.56 7.48 44.33
CA ASP C 287 19.54 6.91 45.67
C ASP C 287 20.14 5.50 45.72
N ASP C 288 20.33 4.86 44.54
CA ASP C 288 20.68 3.45 44.50
C ASP C 288 21.97 3.20 45.29
N MET C 289 21.97 2.21 46.19
CA MET C 289 23.16 1.85 46.94
C MET C 289 23.96 0.80 46.17
N PRO C 290 25.27 0.59 46.46
CA PRO C 290 26.04 -0.46 45.79
C PRO C 290 25.32 -1.78 45.93
N GLY C 291 25.22 -2.51 44.81
CA GLY C 291 24.55 -3.79 44.80
C GLY C 291 23.25 -3.75 44.03
N VAL C 292 22.55 -2.60 44.04
CA VAL C 292 21.40 -2.38 43.17
C VAL C 292 21.94 -2.43 41.74
N TYR C 293 23.07 -1.74 41.53
CA TYR C 293 23.91 -1.88 40.36
C TYR C 293 25.08 -2.76 40.79
N PRO C 294 25.86 -3.32 39.84
CA PRO C 294 27.00 -4.16 40.19
C PRO C 294 28.08 -3.44 41.01
N ASN C 295 28.22 -3.94 42.24
CA ASN C 295 29.12 -3.44 43.27
C ASN C 295 30.50 -4.00 42.95
N GLY C 296 31.37 -3.08 42.51
CA GLY C 296 32.71 -3.42 42.04
C GLY C 296 33.04 -2.74 40.71
N GLY C 297 32.00 -2.44 39.94
CA GLY C 297 32.16 -1.90 38.59
C GLY C 297 32.66 -0.47 38.63
N PRO C 298 33.27 0.00 37.51
CA PRO C 298 33.83 1.34 37.43
C PRO C 298 32.82 2.46 37.18
N VAL C 299 31.82 2.55 38.08
CA VAL C 299 30.96 3.72 38.14
C VAL C 299 31.78 4.92 38.64
N SER C 300 31.32 6.12 38.20
CA SER C 300 31.97 7.39 38.46
C SER C 300 32.25 7.57 39.97
N ARG C 301 31.34 7.10 40.85
CA ARG C 301 31.48 7.29 42.29
C ARG C 301 32.81 6.75 42.80
N VAL C 302 33.32 5.66 42.17
CA VAL C 302 34.51 4.94 42.59
C VAL C 302 35.61 5.03 41.53
N MET C 303 35.53 6.05 40.66
CA MET C 303 36.50 6.26 39.61
C MET C 303 37.92 6.35 40.21
N ASP C 304 38.03 6.93 41.41
CA ASP C 304 39.33 7.13 42.04
C ASP C 304 39.94 5.79 42.44
N ILE C 305 39.08 4.88 42.91
CA ILE C 305 39.55 3.59 43.36
C ILE C 305 40.09 2.83 42.15
N TRP C 306 39.34 2.88 41.04
CA TRP C 306 39.76 2.22 39.82
C TRP C 306 41.06 2.81 39.28
N LYS C 307 41.23 4.14 39.27
CA LYS C 307 42.45 4.72 38.75
C LYS C 307 43.64 4.27 39.62
N ALA C 308 43.46 4.27 40.94
CA ALA C 308 44.53 3.95 41.88
C ALA C 308 44.96 2.48 41.76
N ALA C 309 43.97 1.60 41.54
CA ALA C 309 44.22 0.17 41.55
C ALA C 309 44.61 -0.37 40.18
N ALA C 310 44.27 0.31 39.08
CA ALA C 310 44.36 -0.33 37.78
C ALA C 310 45.01 0.57 36.73
N PRO C 311 46.31 0.86 36.86
CA PRO C 311 47.05 1.64 35.85
C PRO C 311 47.15 1.00 34.48
N HIS C 312 46.84 -0.31 34.37
CA HIS C 312 46.87 -0.99 33.08
C HIS C 312 45.50 -0.94 32.41
N ILE C 313 44.56 -0.21 33.02
CA ILE C 313 43.29 0.10 32.36
C ILE C 313 43.28 1.61 32.03
N ASP C 314 43.04 1.94 30.76
CA ASP C 314 43.24 3.29 30.25
C ASP C 314 42.02 4.16 30.52
N VAL C 315 40.82 3.61 30.25
CA VAL C 315 39.59 4.38 30.35
C VAL C 315 38.50 3.61 31.10
N LEU C 316 37.71 4.38 31.87
CA LEU C 316 36.48 3.89 32.45
C LEU C 316 35.34 4.39 31.58
N ALA C 317 34.54 3.44 31.10
CA ALA C 317 33.61 3.64 30.00
C ALA C 317 32.17 3.38 30.45
N PRO C 318 31.30 4.41 30.46
CA PRO C 318 29.90 4.24 30.85
C PRO C 318 29.06 3.62 29.73
N ASP C 319 28.18 2.70 30.11
CA ASP C 319 27.18 2.14 29.25
C ASP C 319 25.87 2.90 29.45
N ILE C 320 25.43 3.67 28.46
CA ILE C 320 24.42 4.69 28.72
C ILE C 320 23.13 4.37 27.97
N TYR C 321 22.14 3.93 28.73
CA TYR C 321 20.83 3.67 28.17
C TYR C 321 19.80 4.69 28.68
N LEU C 322 20.20 5.63 29.55
CA LEU C 322 19.27 6.50 30.23
C LEU C 322 19.18 7.85 29.54
N SER C 323 18.09 8.57 29.79
CA SER C 323 17.77 9.73 29.00
C SER C 323 18.60 10.96 29.42
N ASP C 324 19.09 10.98 30.67
CA ASP C 324 19.86 12.12 31.19
C ASP C 324 21.31 12.11 30.66
N PHE C 325 21.45 12.20 29.35
CA PHE C 325 22.68 11.87 28.64
C PHE C 325 23.75 12.92 28.95
N LYS C 326 23.39 14.21 28.95
CA LYS C 326 24.36 15.28 29.11
C LYS C 326 25.02 15.26 30.49
N ASN C 327 24.23 15.01 31.53
CA ASN C 327 24.74 14.97 32.89
C ASN C 327 25.65 13.75 33.07
N ILE C 328 25.24 12.60 32.49
CA ILE C 328 25.99 11.34 32.63
C ILE C 328 27.37 11.49 31.99
N VAL C 329 27.41 11.97 30.73
CA VAL C 329 28.68 12.02 30.03
C VAL C 329 29.61 13.00 30.73
N ALA C 330 29.08 14.05 31.36
CA ALA C 330 29.92 15.04 32.02
C ALA C 330 30.48 14.45 33.30
N ASP C 331 29.68 13.57 33.88
CA ASP C 331 30.05 12.94 35.13
C ASP C 331 31.26 12.03 34.91
N TYR C 332 31.35 11.39 33.74
CA TYR C 332 32.37 10.36 33.46
C TYR C 332 33.61 10.99 32.81
N HIS C 333 33.45 12.14 32.14
CA HIS C 333 34.55 12.77 31.42
C HIS C 333 35.31 13.63 32.41
N ARG C 334 36.57 13.25 32.68
CA ARG C 334 37.50 13.96 33.57
C ARG C 334 38.84 14.10 32.83
N ALA C 335 39.74 14.93 33.37
CA ALA C 335 41.07 15.08 32.80
C ALA C 335 41.75 13.73 32.69
N ASP C 336 41.52 12.82 33.65
CA ASP C 336 42.22 11.54 33.63
C ASP C 336 41.37 10.44 32.96
N ASN C 337 40.27 10.81 32.32
CA ASN C 337 39.31 9.82 31.83
C ASN C 337 38.56 10.40 30.63
N PRO C 338 39.02 10.07 29.41
CA PRO C 338 38.35 10.51 28.19
C PRO C 338 36.98 9.83 28.11
N LEU C 339 36.03 10.47 27.40
CA LEU C 339 34.70 9.91 27.28
C LEU C 339 34.72 8.78 26.24
N LEU C 340 34.33 7.57 26.64
CA LEU C 340 34.32 6.42 25.75
C LEU C 340 33.07 5.61 26.07
N ILE C 341 32.12 5.59 25.12
CA ILE C 341 30.79 5.06 25.33
C ILE C 341 30.66 3.81 24.47
N PRO C 342 30.85 2.58 25.00
CA PRO C 342 30.75 1.38 24.18
C PRO C 342 29.35 0.81 23.92
N GLU C 343 28.40 1.31 24.72
CA GLU C 343 27.04 0.81 24.76
C GLU C 343 26.11 2.00 25.03
N ALA C 344 25.22 2.28 24.07
CA ALA C 344 24.33 3.44 24.08
C ALA C 344 23.07 3.12 23.26
N VAL C 345 22.12 4.06 23.28
CA VAL C 345 20.93 3.96 22.44
C VAL C 345 21.29 4.45 21.03
N MET C 346 20.52 4.02 20.03
CA MET C 346 20.76 4.47 18.66
C MET C 346 20.09 5.82 18.45
N LYS C 347 20.67 6.88 19.00
CA LYS C 347 20.15 8.23 18.88
C LYS C 347 21.24 9.11 18.31
N PRO C 348 21.10 9.67 17.09
CA PRO C 348 22.19 10.44 16.50
C PRO C 348 22.60 11.64 17.35
N ALA C 349 21.65 12.31 18.01
CA ALA C 349 21.92 13.47 18.86
C ALA C 349 23.00 13.14 19.90
N ASN C 350 22.93 11.94 20.48
CA ASN C 350 23.88 11.55 21.51
C ASN C 350 25.29 11.51 20.94
N ALA C 351 25.43 11.02 19.69
CA ALA C 351 26.76 10.97 19.08
C ALA C 351 27.35 12.39 18.92
N PHE C 352 26.59 13.32 18.35
CA PHE C 352 27.05 14.67 18.12
C PHE C 352 27.44 15.33 19.45
N TRP C 353 26.60 15.17 20.46
CA TRP C 353 26.93 15.75 21.75
C TRP C 353 28.20 15.16 22.33
N ALA C 354 28.29 13.82 22.31
CA ALA C 354 29.50 13.17 22.83
C ALA C 354 30.77 13.66 22.12
N PHE C 355 30.79 13.60 20.78
CA PHE C 355 31.97 13.97 20.00
C PHE C 355 32.21 15.48 20.07
N GLY C 356 31.13 16.29 20.01
CA GLY C 356 31.27 17.75 19.92
C GLY C 356 31.56 18.42 21.27
N GLU C 357 30.74 18.11 22.27
CA GLU C 357 30.90 18.73 23.57
C GLU C 357 32.06 18.11 24.36
N HIS C 358 32.28 16.80 24.23
CA HIS C 358 33.22 16.11 25.10
C HIS C 358 34.41 15.45 24.41
N SER C 359 34.64 15.71 23.10
CA SER C 359 35.78 15.16 22.38
C SER C 359 35.88 13.64 22.54
N ALA C 360 34.73 12.93 22.53
CA ALA C 360 34.69 11.50 22.85
C ALA C 360 35.52 10.67 21.88
N LEU C 361 36.00 9.52 22.37
CA LEU C 361 36.77 8.62 21.56
C LEU C 361 35.84 7.69 20.79
N CYS C 362 34.65 7.46 21.34
CA CYS C 362 33.79 6.37 20.88
C CYS C 362 32.35 6.64 21.25
N TYR C 363 31.45 6.41 20.27
CA TYR C 363 30.02 6.29 20.48
C TYR C 363 29.56 5.02 19.77
N SER C 364 28.75 4.23 20.48
CA SER C 364 28.45 2.86 20.09
C SER C 364 27.06 2.41 20.53
N PRO C 365 26.00 2.52 19.71
CA PRO C 365 24.73 1.87 20.06
C PRO C 365 24.91 0.36 20.21
N PHE C 366 24.21 -0.15 21.21
CA PHE C 366 24.17 -1.57 21.50
C PHE C 366 23.11 -2.24 20.63
N GLY C 367 23.40 -3.44 20.13
CA GLY C 367 22.44 -4.14 19.27
C GLY C 367 22.39 -3.51 17.87
N ILE C 368 23.53 -2.98 17.45
CA ILE C 368 23.65 -2.18 16.25
C ILE C 368 23.07 -2.92 15.04
N GLU C 369 23.23 -4.24 14.97
CA GLU C 369 22.78 -5.00 13.81
C GLU C 369 21.25 -4.90 13.64
N ASP C 370 20.53 -4.62 14.72
CA ASP C 370 19.08 -4.46 14.68
C ASP C 370 18.67 -3.17 13.95
N GLY C 371 19.63 -2.26 13.78
CA GLY C 371 19.32 -0.88 13.46
C GLY C 371 19.56 -0.54 11.99
N ALA C 372 19.65 -1.55 11.13
CA ALA C 372 20.15 -1.37 9.77
C ALA C 372 19.28 -0.44 8.92
N ASP C 373 17.98 -0.32 9.21
CA ASP C 373 17.11 0.55 8.41
C ASP C 373 17.04 1.99 8.94
N ASN C 374 17.88 2.33 9.93
CA ASN C 374 17.84 3.67 10.51
C ASN C 374 18.64 4.61 9.59
N PHE C 375 17.97 5.08 8.55
CA PHE C 375 18.54 6.00 7.57
C PHE C 375 19.19 7.19 8.26
N VAL C 376 18.48 7.82 9.19
CA VAL C 376 18.95 9.09 9.71
C VAL C 376 20.24 8.85 10.51
N PHE C 377 20.33 7.70 11.21
CA PHE C 377 21.51 7.40 12.00
C PHE C 377 22.67 7.09 11.06
N ALA C 378 22.42 6.36 9.96
CA ALA C 378 23.41 6.10 8.93
C ALA C 378 23.98 7.41 8.38
N GLN C 379 23.09 8.37 8.09
CA GLN C 379 23.51 9.64 7.49
C GLN C 379 24.29 10.48 8.49
N SER C 380 23.90 10.42 9.76
CA SER C 380 24.61 11.10 10.81
C SER C 380 26.06 10.61 10.89
N TYR C 381 26.28 9.29 10.71
CA TYR C 381 27.59 8.68 10.81
C TYR C 381 28.42 9.09 9.60
N LYS C 382 27.74 9.16 8.44
CA LYS C 382 28.34 9.67 7.22
C LYS C 382 28.85 11.09 7.44
N VAL C 383 28.03 11.96 8.07
CA VAL C 383 28.44 13.34 8.37
C VAL C 383 29.56 13.36 9.42
N LEU C 384 29.49 12.48 10.43
CA LEU C 384 30.53 12.50 11.45
C LEU C 384 31.88 12.07 10.87
N ASN C 385 31.85 11.10 9.97
CA ASN C 385 33.04 10.63 9.29
C ASN C 385 33.68 11.77 8.52
N GLU C 386 32.85 12.52 7.79
CA GLU C 386 33.31 13.67 7.03
C GLU C 386 34.03 14.66 7.94
N LEU C 387 33.59 14.77 9.21
CA LEU C 387 34.09 15.78 10.15
C LEU C 387 35.24 15.26 11.01
N ILE C 388 35.63 13.98 10.89
CA ILE C 388 36.58 13.42 11.85
C ILE C 388 37.86 14.26 11.89
N PRO C 389 38.49 14.65 10.74
CA PRO C 389 39.70 15.48 10.80
C PRO C 389 39.54 16.82 11.51
N LEU C 390 38.42 17.50 11.26
CA LEU C 390 38.15 18.76 11.94
C LEU C 390 37.81 18.51 13.43
N ILE C 391 37.03 17.44 13.74
CA ILE C 391 36.77 17.14 15.13
C ILE C 391 38.08 16.85 15.86
N SER C 392 38.94 16.05 15.22
CA SER C 392 40.23 15.65 15.75
C SER C 392 41.10 16.83 16.11
N GLU C 393 41.16 17.81 15.21
CA GLU C 393 42.00 19.00 15.36
C GLU C 393 41.55 19.92 16.48
N HIS C 394 40.28 19.82 16.91
CA HIS C 394 39.77 20.74 17.90
C HIS C 394 39.37 20.02 19.17
N GLN C 395 39.82 18.78 19.36
CA GLN C 395 39.49 18.05 20.57
C GLN C 395 40.14 18.74 21.78
N GLY C 396 39.32 18.96 22.82
CA GLY C 396 39.75 19.59 24.05
C GLY C 396 39.70 21.12 24.00
N SER C 397 39.57 21.73 22.81
CA SER C 397 39.67 23.17 22.70
C SER C 397 38.32 23.79 23.01
N ASP C 398 38.29 25.09 23.33
CA ASP C 398 37.03 25.75 23.61
C ASP C 398 36.42 26.32 22.33
N ARG C 399 36.92 25.89 21.15
CA ARG C 399 36.35 26.32 19.89
C ARG C 399 35.38 25.25 19.36
N MET C 400 35.14 24.18 20.12
CA MET C 400 34.24 23.14 19.63
C MET C 400 33.23 22.82 20.73
N ILE C 401 31.94 22.86 20.36
CA ILE C 401 30.85 22.46 21.22
C ILE C 401 29.99 21.45 20.48
N GLY C 402 29.20 20.72 21.28
CA GLY C 402 28.11 19.92 20.77
C GLY C 402 26.81 20.73 20.80
N VAL C 403 25.82 20.25 20.07
CA VAL C 403 24.47 20.79 20.12
C VAL C 403 23.53 19.61 20.29
N MET C 404 22.65 19.68 21.32
CA MET C 404 21.59 18.72 21.60
C MET C 404 20.53 19.36 22.51
N LYS C 405 19.30 19.45 21.99
CA LYS C 405 18.18 19.96 22.77
C LYS C 405 17.66 18.83 23.65
N MET C 406 17.39 19.15 24.92
CA MET C 406 16.66 18.28 25.83
C MET C 406 15.28 18.89 26.07
N PRO C 407 14.25 18.10 26.43
CA PRO C 407 12.92 18.66 26.71
C PRO C 407 13.03 19.79 27.73
N GLY C 408 12.30 20.89 27.47
CA GLY C 408 12.23 22.00 28.41
C GLY C 408 13.44 22.93 28.39
N GLU C 409 14.33 22.81 27.39
CA GLU C 409 15.31 23.84 27.06
C GLU C 409 14.88 24.48 25.75
N SER C 410 15.13 25.77 25.51
CA SER C 410 14.78 26.36 24.23
C SER C 410 15.94 27.11 23.55
N GLU C 411 16.98 27.55 24.30
CA GLU C 411 18.11 28.17 23.65
C GLU C 411 19.39 28.00 24.47
N ARG C 412 20.52 28.00 23.75
CA ARG C 412 21.85 28.04 24.33
C ARG C 412 22.66 29.18 23.72
N THR C 413 23.28 30.01 24.56
CA THR C 413 24.21 31.07 24.15
C THR C 413 25.63 30.69 24.56
N VAL C 414 26.59 30.87 23.64
CA VAL C 414 28.01 30.60 23.88
C VAL C 414 28.84 31.74 23.32
N THR C 415 30.02 31.96 23.91
CA THR C 415 31.00 32.90 23.39
C THR C 415 32.05 32.12 22.61
N MET C 416 32.39 32.65 21.44
CA MET C 416 33.38 32.04 20.55
C MET C 416 34.27 33.15 20.00
N GLY C 417 35.35 33.46 20.71
CA GLY C 417 36.21 34.57 20.32
C GLY C 417 35.42 35.88 20.28
N ASP C 418 35.43 36.52 19.12
CA ASP C 418 34.76 37.80 18.94
C ASP C 418 33.24 37.72 18.86
N TYR C 419 32.65 36.51 18.72
CA TYR C 419 31.22 36.44 18.49
C TYR C 419 30.49 35.72 19.61
N GLN C 420 29.20 36.02 19.68
CA GLN C 420 28.24 35.35 20.54
C GLN C 420 27.31 34.56 19.64
N LEU C 421 27.23 33.24 19.90
CA LEU C 421 26.37 32.35 19.15
C LEU C 421 25.13 32.08 20.00
N CYS C 422 23.97 32.53 19.52
CA CYS C 422 22.69 32.12 20.07
C CYS C 422 22.11 30.98 19.25
N ILE C 423 21.99 29.80 19.86
CA ILE C 423 21.52 28.60 19.20
C ILE C 423 20.06 28.43 19.61
N LYS C 424 19.14 28.49 18.65
CA LYS C 424 17.73 28.34 18.93
C LYS C 424 17.16 27.15 18.18
N TYR C 425 16.33 26.36 18.85
CA TYR C 425 15.91 25.07 18.34
C TYR C 425 14.60 25.21 17.59
N ASP C 426 14.51 24.56 16.43
CA ASP C 426 13.32 24.60 15.59
C ASP C 426 12.46 23.36 15.76
N ALA C 427 12.96 22.33 16.48
CA ALA C 427 12.19 21.13 16.73
C ALA C 427 12.79 20.42 17.96
N GLU C 428 12.10 19.40 18.48
CA GLU C 428 12.55 18.74 19.70
C GLU C 428 13.83 17.96 19.41
N ASP C 429 13.88 17.39 18.21
CA ASP C 429 14.99 16.61 17.72
C ASP C 429 15.91 17.56 16.95
N ALA C 430 16.80 18.23 17.70
CA ALA C 430 17.69 19.29 17.23
C ALA C 430 19.08 19.01 17.81
N TYR C 431 20.07 18.85 16.94
CA TYR C 431 21.38 18.42 17.38
C TYR C 431 22.41 18.67 16.29
N GLY C 432 23.68 18.60 16.71
CA GLY C 432 24.80 18.74 15.80
C GLY C 432 26.03 19.18 16.57
N LEU C 433 26.90 19.99 15.93
CA LEU C 433 28.10 20.46 16.59
C LEU C 433 28.60 21.70 15.88
N ILE C 434 29.35 22.55 16.61
CA ILE C 434 29.84 23.82 16.12
C ILE C 434 31.33 23.91 16.40
N ILE C 435 32.11 24.24 15.35
CA ILE C 435 33.55 24.47 15.43
C ILE C 435 33.86 25.87 14.93
N GLN C 436 34.60 26.65 15.72
CA GLN C 436 35.18 27.86 15.16
C GLN C 436 36.52 27.49 14.51
N THR C 437 36.59 27.54 13.18
CA THR C 437 37.79 27.13 12.48
C THR C 437 38.67 28.35 12.23
N GLY C 438 38.10 29.57 12.30
CA GLY C 438 38.86 30.80 12.06
C GLY C 438 38.37 31.96 12.92
N LYS C 439 39.11 33.09 12.91
CA LYS C 439 38.66 34.25 13.66
C LYS C 439 37.24 34.62 13.24
N ASN C 440 36.97 34.56 11.93
CA ASN C 440 35.66 34.88 11.35
C ASN C 440 35.08 33.71 10.53
N GLU C 441 35.27 32.49 11.05
CA GLU C 441 34.78 31.33 10.32
C GLU C 441 34.32 30.22 11.26
N PHE C 442 33.18 29.59 10.91
CA PHE C 442 32.65 28.47 11.67
C PHE C 442 32.23 27.34 10.74
N VAL C 443 32.35 26.11 11.25
CA VAL C 443 31.67 24.98 10.66
C VAL C 443 30.58 24.54 11.63
N VAL C 444 29.34 24.49 11.13
CA VAL C 444 28.22 24.04 11.93
C VAL C 444 27.70 22.79 11.26
N ALA C 445 27.61 21.69 12.00
CA ALA C 445 26.92 20.50 11.54
C ALA C 445 25.64 20.28 12.34
N GLY C 446 24.63 19.70 11.65
CA GLY C 446 23.45 19.18 12.32
C GLY C 446 22.14 19.59 11.65
N ILE C 447 21.07 19.60 12.46
CA ILE C 447 19.70 19.59 11.97
C ILE C 447 18.80 20.22 13.04
N ASN C 448 17.87 21.06 12.57
CA ASN C 448 16.66 21.47 13.32
C ASN C 448 17.01 22.52 14.38
N PHE C 449 18.07 23.30 14.13
CA PHE C 449 18.37 24.47 14.95
C PHE C 449 18.81 25.60 14.02
N LYS C 450 18.88 26.80 14.61
CA LYS C 450 19.32 28.02 13.96
C LYS C 450 20.42 28.65 14.81
N VAL C 451 21.38 29.38 14.16
CA VAL C 451 22.44 30.05 14.86
C VAL C 451 22.46 31.53 14.45
N TYR C 452 22.36 32.39 15.49
CA TYR C 452 22.53 33.84 15.39
C TYR C 452 23.92 34.24 15.89
N PHE C 453 24.66 34.93 15.02
CA PHE C 453 25.98 35.46 15.33
C PHE C 453 25.84 36.96 15.61
N THR C 454 26.28 37.41 16.80
CA THR C 454 26.45 38.82 17.15
C THR C 454 27.87 39.05 17.65
N SER C 455 28.21 40.32 17.84
CA SER C 455 29.48 40.80 18.36
C SER C 455 29.54 40.60 19.86
N THR C 456 30.64 40.03 20.37
CA THR C 456 30.91 40.06 21.80
C THR C 456 31.03 41.51 22.25
N ASP C 457 31.89 42.26 21.54
CA ASP C 457 32.11 43.68 21.81
C ASP C 457 30.95 44.49 21.23
N LYS C 458 30.15 45.08 22.14
CA LYS C 458 28.88 45.70 21.82
C LYS C 458 29.06 47.05 21.11
N LYS C 459 30.32 47.51 20.93
CA LYS C 459 30.56 48.72 20.17
C LYS C 459 30.72 48.37 18.68
N LYS C 460 30.72 47.08 18.35
CA LYS C 460 30.72 46.60 16.99
C LYS C 460 29.38 45.91 16.67
N THR C 461 29.07 45.78 15.38
CA THR C 461 27.99 44.92 14.92
C THR C 461 28.61 43.74 14.20
N GLY C 462 28.30 42.54 14.70
CA GLY C 462 28.70 41.31 14.07
C GLY C 462 27.56 40.72 13.22
N TYR C 463 27.92 40.12 12.10
CA TYR C 463 26.92 39.59 11.18
C TYR C 463 27.51 38.43 10.39
N ILE C 464 26.61 37.57 9.89
CA ILE C 464 27.01 36.57 8.92
C ILE C 464 27.49 37.27 7.66
N LYS C 465 28.59 36.77 7.10
CA LYS C 465 29.13 37.34 5.87
C LYS C 465 28.63 36.54 4.67
N GLN C 466 29.00 35.26 4.62
CA GLN C 466 28.46 34.27 3.69
C GLN C 466 28.24 32.91 4.37
N VAL C 467 27.37 32.08 3.78
CA VAL C 467 27.06 30.71 4.18
C VAL C 467 27.14 29.78 2.96
N TRP C 468 27.84 28.65 3.14
CA TRP C 468 27.82 27.56 2.18
C TRP C 468 27.40 26.27 2.90
N GLU C 469 26.53 25.52 2.22
CA GLU C 469 26.22 24.16 2.58
C GLU C 469 27.15 23.28 1.78
N GLY C 470 27.59 22.17 2.39
CA GLY C 470 28.35 21.21 1.63
C GLY C 470 28.78 20.02 2.48
N GLY C 471 29.93 19.47 2.10
CA GLY C 471 30.44 18.26 2.70
C GLY C 471 31.89 18.07 2.29
N TYR C 472 32.52 17.03 2.85
CA TYR C 472 33.89 16.65 2.55
C TYR C 472 33.86 15.39 1.69
N ASP C 473 34.59 15.42 0.57
CA ASP C 473 34.73 14.32 -0.36
C ASP C 473 35.64 13.23 0.21
N THR C 474 35.75 12.11 -0.55
CA THR C 474 36.57 10.96 -0.15
C THR C 474 38.04 11.33 0.04
N ASP C 475 38.48 12.47 -0.50
CA ASP C 475 39.82 12.98 -0.28
C ASP C 475 39.91 13.89 0.94
N GLY C 476 38.80 14.20 1.60
CA GLY C 476 38.88 15.10 2.73
C GLY C 476 38.78 16.58 2.32
N GLU C 477 38.49 16.86 1.04
CA GLU C 477 38.36 18.22 0.55
C GLU C 477 36.91 18.71 0.67
N TRP C 478 36.76 19.96 1.14
CA TRP C 478 35.45 20.60 1.20
C TRP C 478 34.92 20.88 -0.20
N LYS C 479 33.64 20.59 -0.41
CA LYS C 479 32.93 20.92 -1.63
C LYS C 479 31.57 21.50 -1.24
N ALA C 480 31.34 22.77 -1.57
CA ALA C 480 30.05 23.39 -1.36
C ALA C 480 29.07 22.87 -2.42
N THR C 481 27.84 22.61 -1.97
CA THR C 481 26.72 22.24 -2.83
C THR C 481 25.87 23.48 -3.11
N ARG C 482 25.80 24.43 -2.17
CA ARG C 482 25.10 25.69 -2.39
C ARG C 482 25.82 26.77 -1.58
N LEU C 483 25.82 27.98 -2.11
CA LEU C 483 25.92 29.18 -1.31
C LEU C 483 24.50 29.45 -0.84
N LEU C 484 24.23 29.37 0.46
CA LEU C 484 22.90 29.64 1.01
C LEU C 484 22.80 31.14 1.30
N ASN C 485 21.66 31.70 0.87
CA ASN C 485 21.36 33.11 1.04
C ASN C 485 19.85 33.28 0.83
N GLY C 486 19.37 34.53 0.92
CA GLY C 486 17.96 34.85 0.73
C GLY C 486 17.11 34.08 1.73
N ASP C 487 16.02 33.44 1.27
CA ASP C 487 15.17 32.68 2.17
C ASP C 487 16.00 31.69 2.97
N GLU C 488 17.07 31.12 2.37
CA GLU C 488 17.78 30.01 3.01
C GLU C 488 18.58 30.50 4.22
N THR C 489 18.75 31.83 4.39
CA THR C 489 19.48 32.38 5.54
C THR C 489 18.76 33.58 6.18
N TYR C 490 17.48 33.77 5.83
CA TYR C 490 16.76 35.00 6.10
C TYR C 490 17.66 36.21 5.86
N HIS C 491 18.24 36.28 4.63
CA HIS C 491 19.03 37.40 4.14
C HIS C 491 20.21 37.65 5.08
N ASN C 492 20.81 36.53 5.49
CA ASN C 492 21.97 36.40 6.36
C ASN C 492 21.68 36.91 7.78
N ALA C 493 20.41 36.94 8.24
CA ALA C 493 20.10 37.14 9.65
C ALA C 493 20.41 35.92 10.52
N VAL C 494 20.51 34.72 9.92
CA VAL C 494 20.59 33.50 10.72
C VAL C 494 21.17 32.36 9.88
N LEU C 495 21.88 31.44 10.54
CA LEU C 495 22.20 30.16 9.92
C LEU C 495 21.06 29.20 10.25
N ILE C 496 20.43 28.64 9.23
CA ILE C 496 19.42 27.62 9.42
C ILE C 496 20.08 26.27 9.14
N ALA C 497 20.18 25.41 10.17
CA ALA C 497 20.76 24.09 9.99
C ALA C 497 19.63 23.15 9.62
N LYS C 498 19.23 23.20 8.35
CA LYS C 498 18.00 22.50 7.97
C LYS C 498 18.27 21.00 7.81
N GLY C 499 19.48 20.68 7.37
CA GLY C 499 19.95 19.31 7.15
C GLY C 499 20.03 18.96 5.70
N ARG C 500 20.60 17.79 5.39
CA ARG C 500 20.56 17.26 4.04
C ARG C 500 19.23 16.53 3.87
N ARG C 501 18.66 16.68 2.68
CA ARG C 501 17.32 16.22 2.34
C ARG C 501 17.40 15.06 1.35
N THR C 502 16.37 14.21 1.39
CA THR C 502 16.25 13.04 0.53
C THR C 502 14.77 12.70 0.31
N ALA C 529 10.01 13.76 1.76
CA ALA C 529 11.36 14.24 2.16
C ALA C 529 11.73 13.69 3.54
N VAL C 530 12.89 13.01 3.65
CA VAL C 530 13.48 12.66 4.94
C VAL C 530 14.78 13.47 5.14
N TRP C 531 15.07 13.82 6.40
CA TRP C 531 16.10 14.81 6.70
C TRP C 531 17.14 14.28 7.68
N SER C 532 18.39 14.66 7.44
CA SER C 532 19.50 14.26 8.30
C SER C 532 20.46 15.43 8.45
N PRO C 533 21.48 15.35 9.31
CA PRO C 533 22.41 16.45 9.49
C PRO C 533 23.11 16.97 8.23
N GLY C 534 23.22 18.29 8.15
CA GLY C 534 24.02 18.97 7.15
C GLY C 534 25.32 19.50 7.75
N ILE C 535 26.17 20.01 6.88
CA ILE C 535 27.36 20.71 7.28
C ILE C 535 27.37 22.06 6.57
N TYR C 536 27.63 23.13 7.32
CA TYR C 536 27.54 24.51 6.83
C TYR C 536 28.83 25.22 7.21
N ARG C 537 29.37 26.00 6.28
CA ARG C 537 30.49 26.88 6.50
C ARG C 537 29.94 28.30 6.55
N VAL C 538 30.25 28.98 7.66
CA VAL C 538 29.77 30.32 7.94
C VAL C 538 30.98 31.22 8.10
N THR C 539 31.12 32.23 7.22
CA THR C 539 32.03 33.33 7.46
C THR C 539 31.21 34.48 8.04
N THR C 540 31.78 35.18 9.05
CA THR C 540 31.20 36.29 9.77
C THR C 540 32.08 37.52 9.56
N TYR C 541 31.56 38.69 9.90
CA TYR C 541 32.38 39.89 9.93
C TYR C 541 31.87 40.83 11.02
N LEU C 542 32.77 41.74 11.46
CA LEU C 542 32.46 42.85 12.35
C LEU C 542 32.57 44.16 11.56
N ARG C 543 31.68 45.12 11.84
CA ARG C 543 31.75 46.45 11.23
C ARG C 543 31.51 47.53 12.30
N VAL D 13 -28.63 -12.47 -46.46
CA VAL D 13 -28.15 -11.64 -45.32
C VAL D 13 -27.53 -12.56 -44.28
N PRO D 14 -26.46 -12.13 -43.59
CA PRO D 14 -25.82 -12.96 -42.58
C PRO D 14 -26.33 -12.72 -41.16
N SER D 15 -27.45 -11.99 -41.04
CA SER D 15 -28.15 -11.84 -39.77
C SER D 15 -29.65 -11.77 -40.00
N ARG D 16 -30.42 -12.61 -39.27
CA ARG D 16 -31.87 -12.65 -39.36
C ARG D 16 -32.50 -13.17 -38.05
N LEU D 17 -33.74 -12.74 -37.77
CA LEU D 17 -34.55 -13.28 -36.69
C LEU D 17 -35.39 -14.42 -37.25
N VAL D 18 -35.36 -15.57 -36.56
CA VAL D 18 -36.17 -16.71 -36.92
C VAL D 18 -36.87 -17.21 -35.66
N LYS D 19 -38.16 -17.53 -35.77
CA LYS D 19 -38.91 -18.12 -34.66
C LYS D 19 -38.58 -19.62 -34.60
N ASN D 20 -38.34 -20.13 -33.38
CA ASN D 20 -38.12 -21.56 -33.17
C ASN D 20 -39.42 -22.25 -32.74
N GLU D 21 -39.30 -23.55 -32.42
CA GLU D 21 -40.44 -24.43 -32.19
C GLU D 21 -41.22 -24.05 -30.93
N HIS D 22 -40.56 -23.37 -29.97
CA HIS D 22 -41.24 -22.95 -28.76
C HIS D 22 -41.88 -21.57 -28.91
N GLY D 23 -41.75 -20.96 -30.09
CA GLY D 23 -42.36 -19.66 -30.37
C GLY D 23 -41.41 -18.49 -30.12
N SER D 24 -40.15 -18.78 -29.77
CA SER D 24 -39.20 -17.76 -29.36
C SER D 24 -38.36 -17.29 -30.54
N TRP D 25 -38.16 -15.97 -30.61
CA TRP D 25 -37.40 -15.34 -31.68
C TRP D 25 -35.93 -15.48 -31.35
N GLN D 26 -35.18 -15.95 -32.36
CA GLN D 26 -33.75 -16.16 -32.23
C GLN D 26 -33.03 -15.35 -33.31
N LEU D 27 -31.86 -14.82 -32.94
CA LEU D 27 -30.94 -14.21 -33.89
C LEU D 27 -30.09 -15.33 -34.49
N ILE D 28 -30.12 -15.47 -35.81
CA ILE D 28 -29.25 -16.40 -36.51
C ILE D 28 -28.18 -15.60 -37.23
N VAL D 29 -26.91 -15.77 -36.81
CA VAL D 29 -25.80 -15.03 -37.34
C VAL D 29 -24.79 -16.01 -37.92
N ASN D 30 -24.43 -15.80 -39.20
CA ASN D 30 -23.53 -16.68 -39.92
C ASN D 30 -24.03 -18.11 -39.76
N GLY D 31 -25.37 -18.29 -39.77
CA GLY D 31 -26.03 -19.58 -39.77
C GLY D 31 -26.04 -20.31 -38.42
N LYS D 32 -25.75 -19.61 -37.30
CA LYS D 32 -25.80 -20.22 -35.98
C LYS D 32 -26.57 -19.29 -35.03
N PRO D 33 -27.35 -19.86 -34.07
CA PRO D 33 -27.99 -19.06 -33.02
C PRO D 33 -26.92 -18.22 -32.35
N PHE D 34 -27.24 -16.94 -32.15
CA PHE D 34 -26.32 -15.96 -31.61
C PHE D 34 -27.11 -15.16 -30.57
N ILE D 35 -26.42 -14.86 -29.47
CA ILE D 35 -26.96 -14.02 -28.41
C ILE D 35 -25.95 -12.91 -28.19
N MET D 36 -26.41 -11.65 -28.19
CA MET D 36 -25.57 -10.48 -28.02
C MET D 36 -25.19 -10.32 -26.55
N LEU D 37 -23.94 -10.70 -26.24
CA LEU D 37 -23.30 -10.37 -24.97
C LEU D 37 -22.60 -9.03 -25.19
N ALA D 38 -23.37 -7.96 -25.00
CA ALA D 38 -23.07 -6.70 -25.64
C ALA D 38 -22.64 -5.64 -24.63
N GLY D 39 -22.21 -4.51 -25.19
CA GLY D 39 -21.96 -3.29 -24.45
C GLY D 39 -22.13 -2.13 -25.43
N GLU D 40 -22.64 -1.00 -24.94
CA GLU D 40 -22.78 0.15 -25.78
C GLU D 40 -21.78 1.20 -25.33
N LEU D 41 -21.07 1.77 -26.30
CA LEU D 41 -20.15 2.87 -26.05
C LEU D 41 -20.87 4.13 -25.58
N HIS D 42 -20.17 5.00 -24.83
CA HIS D 42 -20.68 6.35 -24.60
C HIS D 42 -20.89 7.03 -25.94
N ASN D 43 -21.78 8.04 -25.93
CA ASN D 43 -22.31 8.63 -27.16
C ASN D 43 -21.23 9.14 -28.12
N SER D 44 -20.17 9.80 -27.59
CA SER D 44 -19.19 10.50 -28.40
C SER D 44 -17.95 9.63 -28.73
N SER D 45 -17.95 8.36 -28.33
CA SER D 45 -16.80 7.47 -28.34
C SER D 45 -16.44 6.90 -29.72
N ALA D 46 -17.34 7.01 -30.73
CA ALA D 46 -17.05 6.59 -32.10
C ALA D 46 -16.98 7.79 -33.03
N SER D 47 -16.76 8.97 -32.47
CA SER D 47 -16.77 10.20 -33.25
C SER D 47 -15.43 10.46 -33.94
N THR D 48 -14.33 9.77 -33.56
CA THR D 48 -13.11 9.75 -34.36
C THR D 48 -12.58 8.33 -34.41
N THR D 49 -11.79 8.02 -35.46
CA THR D 49 -11.15 6.72 -35.55
C THR D 49 -10.20 6.52 -34.37
N GLU D 50 -9.49 7.58 -33.96
CA GLU D 50 -8.47 7.41 -32.92
C GLU D 50 -9.08 7.07 -31.56
N TYR D 51 -10.19 7.73 -31.22
CA TYR D 51 -10.80 7.55 -29.90
C TYR D 51 -11.36 6.13 -29.84
N LEU D 52 -12.07 5.70 -30.90
CA LEU D 52 -12.66 4.36 -30.92
C LEU D 52 -11.55 3.31 -30.81
N ASN D 53 -10.47 3.51 -31.58
CA ASN D 53 -9.43 2.51 -31.67
C ASN D 53 -8.72 2.39 -30.32
N SER D 54 -8.76 3.43 -29.50
CA SER D 54 -8.18 3.32 -28.17
C SER D 54 -8.96 2.38 -27.24
N LEU D 55 -10.17 1.93 -27.61
CA LEU D 55 -11.05 1.22 -26.68
C LEU D 55 -11.02 -0.30 -26.90
N TRP D 56 -10.64 -0.78 -28.09
CA TRP D 56 -10.89 -2.18 -28.45
C TRP D 56 -10.35 -3.11 -27.38
N THR D 57 -9.13 -2.87 -26.85
CA THR D 57 -8.50 -3.85 -25.97
C THR D 57 -9.26 -3.90 -24.63
N SER D 58 -9.76 -2.75 -24.18
CA SER D 58 -10.56 -2.66 -22.95
C SER D 58 -11.80 -3.53 -23.06
N LEU D 59 -12.45 -3.43 -24.23
CA LEU D 59 -13.71 -4.09 -24.48
C LEU D 59 -13.47 -5.60 -24.48
N LYS D 60 -12.30 -6.01 -24.96
CA LYS D 60 -11.96 -7.41 -25.08
C LYS D 60 -11.85 -8.01 -23.69
N THR D 61 -11.31 -7.28 -22.72
CA THR D 61 -11.21 -7.81 -21.38
C THR D 61 -12.61 -8.10 -20.81
N LEU D 62 -13.66 -7.49 -21.37
CA LEU D 62 -15.00 -7.67 -20.81
C LEU D 62 -15.71 -8.88 -21.42
N ASN D 63 -15.07 -9.55 -22.38
CA ASN D 63 -15.64 -10.73 -23.04
C ASN D 63 -16.95 -10.40 -23.76
N LEU D 64 -17.13 -9.18 -24.28
CA LEU D 64 -18.17 -8.83 -25.25
C LEU D 64 -18.11 -9.72 -26.50
N ASN D 65 -19.25 -10.11 -27.12
CA ASN D 65 -19.23 -10.60 -28.48
C ASN D 65 -19.77 -9.55 -29.45
N THR D 66 -20.36 -8.47 -28.92
CA THR D 66 -21.08 -7.47 -29.72
C THR D 66 -20.87 -6.12 -29.07
N VAL D 67 -20.60 -5.11 -29.92
CA VAL D 67 -20.46 -3.71 -29.54
C VAL D 67 -21.55 -2.91 -30.27
N LEU D 68 -22.24 -2.08 -29.48
CA LEU D 68 -23.23 -1.12 -29.92
C LEU D 68 -22.57 0.26 -30.00
N ALA D 69 -22.63 0.85 -31.21
CA ALA D 69 -21.88 2.04 -31.50
C ALA D 69 -22.61 2.88 -32.54
N PRO D 70 -22.57 4.20 -32.38
CA PRO D 70 -23.35 5.07 -33.27
C PRO D 70 -22.57 5.50 -34.49
N ILE D 71 -23.33 5.73 -35.57
CA ILE D 71 -22.95 6.56 -36.70
C ILE D 71 -23.87 7.79 -36.63
N ALA D 72 -23.28 8.98 -36.65
CA ALA D 72 -24.04 10.21 -36.51
C ALA D 72 -24.26 10.79 -37.90
N TRP D 73 -25.50 11.17 -38.19
CA TRP D 73 -25.85 11.77 -39.46
C TRP D 73 -24.96 12.98 -39.76
N GLU D 74 -24.70 13.81 -38.75
CA GLU D 74 -23.95 15.03 -38.97
C GLU D 74 -22.55 14.73 -39.53
N GLN D 75 -21.98 13.56 -39.21
CA GLN D 75 -20.64 13.21 -39.67
C GLN D 75 -20.72 12.40 -40.96
N PHE D 76 -21.79 11.62 -41.09
CA PHE D 76 -21.98 10.71 -42.21
C PHE D 76 -22.29 11.47 -43.49
N GLU D 77 -23.15 12.51 -43.39
CA GLU D 77 -23.50 13.35 -44.51
C GLU D 77 -23.24 14.82 -44.14
N PRO D 78 -21.96 15.25 -44.10
CA PRO D 78 -21.62 16.56 -43.56
C PRO D 78 -22.08 17.69 -44.47
N GLN D 79 -22.18 17.43 -45.77
CA GLN D 79 -22.87 18.28 -46.71
C GLN D 79 -23.87 17.39 -47.45
N GLU D 80 -25.01 17.98 -47.83
CA GLU D 80 -26.07 17.22 -48.50
C GLU D 80 -25.52 16.50 -49.73
N GLY D 81 -25.71 15.18 -49.78
CA GLY D 81 -25.32 14.34 -50.91
C GLY D 81 -23.83 13.96 -50.89
N ILE D 82 -23.10 14.38 -49.86
CA ILE D 82 -21.69 14.02 -49.69
C ILE D 82 -21.55 13.11 -48.47
N PHE D 83 -20.96 11.91 -48.65
CA PHE D 83 -20.99 10.91 -47.61
C PHE D 83 -19.57 10.56 -47.18
N ASP D 84 -19.35 10.51 -45.86
CA ASP D 84 -18.06 10.21 -45.31
C ASP D 84 -18.12 8.82 -44.65
N TYR D 85 -17.45 7.84 -45.28
CA TYR D 85 -17.50 6.45 -44.84
C TYR D 85 -16.36 6.16 -43.87
N THR D 86 -15.59 7.20 -43.49
CA THR D 86 -14.42 7.00 -42.65
C THR D 86 -14.77 6.22 -41.38
N LEU D 87 -15.82 6.65 -40.65
CA LEU D 87 -16.07 6.13 -39.31
C LEU D 87 -16.66 4.71 -39.36
N ILE D 88 -17.61 4.46 -40.28
CA ILE D 88 -18.21 3.14 -40.40
C ILE D 88 -17.16 2.13 -40.86
N ASN D 89 -16.30 2.53 -41.80
CA ASN D 89 -15.23 1.67 -42.27
C ASN D 89 -14.34 1.18 -41.13
N ASN D 90 -13.82 2.12 -40.34
CA ASN D 90 -12.85 1.80 -39.29
C ASN D 90 -13.52 1.05 -38.14
N MET D 91 -14.79 1.37 -37.87
CA MET D 91 -15.57 0.64 -36.87
C MET D 91 -15.63 -0.84 -37.27
N ILE D 92 -15.98 -1.12 -38.54
CA ILE D 92 -16.13 -2.50 -39.00
C ILE D 92 -14.76 -3.18 -38.92
N ASP D 93 -13.74 -2.43 -39.35
CA ASP D 93 -12.38 -2.93 -39.37
C ASP D 93 -11.95 -3.34 -37.95
N GLY D 94 -12.24 -2.47 -36.97
CA GLY D 94 -11.83 -2.70 -35.60
C GLY D 94 -12.57 -3.87 -34.96
N ALA D 95 -13.87 -3.96 -35.22
CA ALA D 95 -14.67 -5.07 -34.74
C ALA D 95 -14.12 -6.38 -35.26
N ARG D 96 -13.79 -6.40 -36.56
CA ARG D 96 -13.24 -7.60 -37.17
C ARG D 96 -11.92 -8.02 -36.51
N LYS D 97 -11.02 -7.05 -36.34
CA LYS D 97 -9.69 -7.29 -35.80
C LYS D 97 -9.75 -7.69 -34.33
N ASN D 98 -10.84 -7.39 -33.63
CA ASN D 98 -10.94 -7.66 -32.20
C ASN D 98 -12.00 -8.72 -31.89
N GLY D 99 -12.61 -9.28 -32.92
CA GLY D 99 -13.55 -10.38 -32.73
C GLY D 99 -14.93 -9.95 -32.23
N PHE D 100 -15.42 -8.77 -32.64
CA PHE D 100 -16.74 -8.30 -32.24
C PHE D 100 -17.67 -8.31 -33.44
N LYS D 101 -18.94 -8.64 -33.22
CA LYS D 101 -20.05 -8.17 -34.05
C LYS D 101 -20.46 -6.75 -33.65
N LEU D 102 -21.21 -6.08 -34.53
CA LEU D 102 -21.67 -4.71 -34.32
C LEU D 102 -23.19 -4.65 -34.44
N SER D 103 -23.82 -3.92 -33.52
CA SER D 103 -25.12 -3.31 -33.81
C SER D 103 -24.90 -1.81 -34.02
N ILE D 104 -25.33 -1.28 -35.15
CA ILE D 104 -25.10 0.12 -35.51
C ILE D 104 -26.27 0.97 -35.04
N LEU D 105 -25.99 1.99 -34.22
CA LEU D 105 -26.99 2.94 -33.78
C LEU D 105 -26.96 4.09 -34.79
N TRP D 106 -28.14 4.50 -35.29
CA TRP D 106 -28.19 5.60 -36.25
C TRP D 106 -28.74 6.85 -35.56
N PHE D 107 -27.82 7.77 -35.23
CA PHE D 107 -28.14 9.02 -34.58
C PHE D 107 -28.48 10.02 -35.69
N GLY D 108 -29.73 9.94 -36.14
CA GLY D 108 -30.22 10.74 -37.24
C GLY D 108 -31.04 11.92 -36.75
N SER D 109 -32.30 11.97 -37.21
CA SER D 109 -33.27 12.98 -36.83
C SER D 109 -33.30 13.20 -35.31
N TRP D 110 -33.31 12.08 -34.54
CA TRP D 110 -33.50 12.15 -33.10
C TRP D 110 -32.56 11.22 -32.32
N LYS D 111 -32.08 11.80 -31.21
CA LYS D 111 -31.32 11.11 -30.20
C LYS D 111 -31.71 11.74 -28.86
N ASN D 112 -32.34 10.94 -27.98
CA ASN D 112 -32.89 11.38 -26.69
C ASN D 112 -33.89 12.50 -26.91
N GLY D 113 -34.74 12.32 -27.92
CA GLY D 113 -35.85 13.22 -28.16
C GLY D 113 -35.46 14.35 -29.10
N GLU D 114 -34.17 14.74 -29.08
CA GLU D 114 -33.71 15.97 -29.72
C GLU D 114 -32.94 15.68 -31.00
N SER D 115 -32.64 16.74 -31.75
CA SER D 115 -32.05 16.68 -33.07
C SER D 115 -30.63 17.26 -33.12
N SER D 116 -29.86 17.06 -32.05
CA SER D 116 -28.50 17.60 -31.97
C SER D 116 -27.51 16.90 -32.92
N TYR D 117 -27.87 15.71 -33.44
CA TYR D 117 -26.98 15.04 -34.39
C TYR D 117 -27.39 15.21 -35.85
N ALA D 118 -28.41 16.02 -36.13
CA ALA D 118 -28.77 16.35 -37.51
C ALA D 118 -27.64 17.17 -38.15
N PRO D 119 -27.35 17.04 -39.46
CA PRO D 119 -26.28 17.80 -40.08
C PRO D 119 -26.48 19.30 -39.95
N THR D 120 -25.37 20.04 -40.00
CA THR D 120 -25.40 21.49 -39.92
C THR D 120 -26.42 22.02 -40.93
N TRP D 121 -26.44 21.41 -42.12
CA TRP D 121 -27.27 21.92 -43.21
C TRP D 121 -28.75 21.63 -42.97
N VAL D 122 -29.07 20.65 -42.12
CA VAL D 122 -30.44 20.36 -41.71
C VAL D 122 -30.83 21.33 -40.59
N LYS D 123 -29.95 21.51 -39.60
CA LYS D 123 -30.24 22.43 -38.51
C LYS D 123 -30.53 23.85 -39.04
N GLU D 124 -29.78 24.28 -40.06
CA GLU D 124 -29.76 25.69 -40.44
C GLU D 124 -30.94 26.06 -41.32
N ASP D 125 -31.65 25.04 -41.80
CA ASP D 125 -32.81 25.27 -42.66
C ASP D 125 -34.07 24.84 -41.93
N THR D 126 -34.61 25.76 -41.11
CA THR D 126 -35.80 25.53 -40.31
C THR D 126 -37.07 25.73 -41.14
N LYS D 127 -36.95 26.19 -42.39
CA LYS D 127 -38.06 26.26 -43.33
C LYS D 127 -38.31 24.88 -43.93
N ARG D 128 -37.26 24.28 -44.51
CA ARG D 128 -37.34 22.98 -45.14
C ARG D 128 -37.55 21.88 -44.08
N PHE D 129 -36.83 22.00 -42.96
CA PHE D 129 -36.85 21.01 -41.89
C PHE D 129 -37.37 21.71 -40.63
N PHE D 130 -38.69 21.81 -40.51
CA PHE D 130 -39.30 22.61 -39.46
C PHE D 130 -39.20 21.88 -38.14
N ARG D 131 -39.19 22.67 -37.07
CA ARG D 131 -39.00 22.20 -35.71
C ARG D 131 -40.35 21.98 -35.04
N VAL D 132 -40.30 21.16 -34.00
CA VAL D 132 -41.35 21.12 -33.02
C VAL D 132 -41.52 22.52 -32.43
N LYS D 133 -42.77 22.88 -32.10
CA LYS D 133 -43.06 24.03 -31.27
C LYS D 133 -43.68 23.59 -29.96
N SER D 134 -43.30 24.34 -28.90
CA SER D 134 -43.83 24.23 -27.55
C SER D 134 -45.20 24.89 -27.50
N VAL D 135 -45.86 24.78 -26.35
CA VAL D 135 -47.19 25.37 -26.15
C VAL D 135 -47.09 26.90 -26.05
N GLU D 136 -45.91 27.46 -25.78
CA GLU D 136 -45.76 28.91 -25.76
C GLU D 136 -45.32 29.41 -27.14
N GLY D 137 -45.12 28.48 -28.09
CA GLY D 137 -44.85 28.82 -29.48
C GLY D 137 -43.37 28.76 -29.89
N LYS D 138 -42.43 28.46 -28.98
CA LYS D 138 -41.02 28.50 -29.34
C LYS D 138 -40.60 27.23 -30.11
N GLU D 139 -39.77 27.43 -31.14
CA GLU D 139 -39.19 26.33 -31.89
C GLU D 139 -38.04 25.77 -31.08
N ILE D 140 -38.02 24.46 -30.85
CA ILE D 140 -37.00 23.83 -30.02
C ILE D 140 -35.99 23.12 -30.93
N GLU D 141 -34.92 22.55 -30.31
CA GLU D 141 -33.84 21.89 -31.05
C GLU D 141 -34.22 20.45 -31.35
N THR D 142 -35.46 20.27 -31.84
CA THR D 142 -36.00 18.99 -32.24
C THR D 142 -36.77 19.19 -33.54
N ILE D 143 -36.41 18.40 -34.56
CA ILE D 143 -37.10 18.36 -35.85
C ILE D 143 -38.49 17.73 -35.66
N SER D 144 -39.51 18.34 -36.27
CA SER D 144 -40.88 17.85 -36.12
C SER D 144 -41.04 16.46 -36.75
N PRO D 145 -41.69 15.48 -36.07
CA PRO D 145 -42.04 14.24 -36.75
C PRO D 145 -43.09 14.38 -37.85
N PHE D 146 -43.68 15.58 -38.00
CA PHE D 146 -44.65 15.85 -39.05
C PHE D 146 -43.95 16.41 -40.29
N CYS D 147 -42.63 16.63 -40.22
CA CYS D 147 -41.90 17.22 -41.33
C CYS D 147 -41.44 16.13 -42.31
N GLU D 148 -42.13 16.04 -43.46
CA GLU D 148 -41.89 15.01 -44.45
C GLU D 148 -40.52 15.18 -45.11
N ASN D 149 -40.07 16.43 -45.27
CA ASN D 149 -38.77 16.69 -45.85
C ASN D 149 -37.66 16.02 -45.02
N ALA D 150 -37.77 16.10 -43.68
CA ALA D 150 -36.78 15.49 -42.79
C ALA D 150 -36.83 13.97 -42.92
N MET D 151 -38.05 13.42 -42.97
CA MET D 151 -38.22 11.99 -43.10
C MET D 151 -37.45 11.46 -44.31
N LYS D 152 -37.59 12.13 -45.47
CA LYS D 152 -36.98 11.69 -46.72
C LYS D 152 -35.46 11.87 -46.71
N ALA D 153 -34.99 12.98 -46.11
CA ALA D 153 -33.57 13.21 -46.01
C ALA D 153 -32.92 12.20 -45.04
N ASP D 154 -33.60 11.91 -43.93
CA ASP D 154 -33.11 10.90 -42.98
C ASP D 154 -33.07 9.54 -43.69
N ALA D 155 -34.21 9.12 -44.26
CA ALA D 155 -34.31 7.85 -44.97
C ALA D 155 -33.22 7.68 -46.02
N LYS D 156 -32.90 8.75 -46.77
CA LYS D 156 -31.96 8.64 -47.87
C LYS D 156 -30.55 8.41 -47.30
N ALA D 157 -30.18 9.13 -46.24
CA ALA D 157 -28.89 8.93 -45.60
C ALA D 157 -28.81 7.54 -44.95
N PHE D 158 -29.85 7.14 -44.21
CA PHE D 158 -29.82 5.83 -43.58
C PHE D 158 -29.65 4.78 -44.68
N LYS D 159 -30.39 4.94 -45.78
CA LYS D 159 -30.34 3.96 -46.86
C LYS D 159 -28.92 3.90 -47.40
N THR D 160 -28.27 5.07 -47.50
CA THR D 160 -26.93 5.16 -48.07
C THR D 160 -25.93 4.44 -47.17
N LEU D 161 -26.10 4.61 -45.86
CA LEU D 161 -25.31 3.89 -44.88
C LEU D 161 -25.46 2.39 -45.06
N VAL D 162 -26.71 1.91 -45.13
CA VAL D 162 -26.95 0.48 -45.18
C VAL D 162 -26.45 -0.13 -46.51
N GLU D 163 -26.60 0.59 -47.64
CA GLU D 163 -26.06 0.11 -48.92
C GLU D 163 -24.56 -0.11 -48.77
N HIS D 164 -23.87 0.85 -48.15
CA HIS D 164 -22.44 0.77 -47.94
C HIS D 164 -22.08 -0.44 -47.09
N ILE D 165 -22.86 -0.67 -46.03
CA ILE D 165 -22.58 -1.81 -45.15
C ILE D 165 -22.70 -3.09 -45.98
N LYS D 166 -23.70 -3.14 -46.85
CA LYS D 166 -23.88 -4.31 -47.71
C LYS D 166 -22.62 -4.48 -48.56
N LYS D 167 -22.12 -3.35 -49.06
CA LYS D 167 -21.04 -3.31 -50.03
C LYS D 167 -19.76 -3.78 -49.39
N VAL D 168 -19.55 -3.49 -48.08
CA VAL D 168 -18.32 -3.86 -47.42
C VAL D 168 -18.48 -5.01 -46.41
N ASP D 169 -19.70 -5.57 -46.27
CA ASP D 169 -19.97 -6.44 -45.12
C ASP D 169 -20.98 -7.56 -45.40
N GLN D 170 -21.48 -7.66 -46.62
CA GLN D 170 -22.49 -8.65 -46.92
C GLN D 170 -21.98 -10.09 -46.76
N ALA D 171 -20.69 -10.35 -46.97
CA ALA D 171 -20.16 -11.71 -46.86
C ALA D 171 -19.79 -12.04 -45.42
N THR D 172 -19.20 -11.09 -44.68
CA THR D 172 -18.70 -11.34 -43.33
C THR D 172 -19.83 -11.22 -42.29
N GLY D 173 -20.70 -10.24 -42.46
CA GLY D 173 -21.76 -9.97 -41.49
C GLY D 173 -21.21 -9.61 -40.11
N THR D 174 -20.26 -8.68 -40.08
CA THR D 174 -19.83 -8.06 -38.83
C THR D 174 -21.02 -7.33 -38.19
N VAL D 175 -21.79 -6.60 -39.02
CA VAL D 175 -22.95 -5.84 -38.61
C VAL D 175 -24.16 -6.78 -38.59
N ILE D 176 -24.82 -6.88 -37.44
CA ILE D 176 -25.85 -7.89 -37.25
C ILE D 176 -27.21 -7.28 -36.94
N ALA D 177 -27.25 -5.97 -36.67
CA ALA D 177 -28.48 -5.29 -36.27
C ALA D 177 -28.33 -3.78 -36.47
N LEU D 178 -29.48 -3.11 -36.53
CA LEU D 178 -29.57 -1.69 -36.75
C LEU D 178 -30.58 -1.10 -35.78
N GLN D 179 -30.28 0.12 -35.33
CA GLN D 179 -31.16 0.86 -34.44
C GLN D 179 -31.40 2.22 -35.09
N PRO D 180 -32.49 2.42 -35.83
CA PRO D 180 -32.78 3.72 -36.41
C PRO D 180 -33.22 4.70 -35.31
N GLU D 181 -32.47 5.81 -35.19
CA GLU D 181 -32.70 6.84 -34.19
C GLU D 181 -32.39 6.27 -32.80
N ASN D 182 -32.66 7.09 -31.79
CA ASN D 182 -32.34 6.78 -30.41
C ASN D 182 -33.31 7.53 -29.51
N GLU D 183 -34.17 6.75 -28.80
CA GLU D 183 -35.09 7.28 -27.79
C GLU D 183 -35.83 8.48 -28.33
N VAL D 184 -36.72 8.24 -29.28
CA VAL D 184 -37.45 9.34 -29.92
C VAL D 184 -38.60 9.79 -29.03
N GLY D 185 -39.05 11.02 -29.29
CA GLY D 185 -40.21 11.63 -28.65
C GLY D 185 -39.97 13.08 -28.26
N ILE D 186 -41.04 13.73 -27.79
CA ILE D 186 -40.99 15.12 -27.34
C ILE D 186 -41.34 15.17 -25.87
N PHE D 187 -40.72 16.12 -25.19
CA PHE D 187 -41.04 16.44 -23.81
C PHE D 187 -42.21 17.42 -23.79
N GLN D 188 -43.33 17.05 -24.43
CA GLN D 188 -44.50 17.91 -24.55
C GLN D 188 -45.72 16.99 -24.72
N GLY D 189 -46.92 17.50 -24.39
CA GLY D 189 -48.15 16.73 -24.59
C GLY D 189 -48.38 16.42 -26.07
N MET D 190 -47.96 17.36 -26.90
CA MET D 190 -48.02 17.30 -28.35
C MET D 190 -47.07 18.35 -28.89
N ASP D 191 -46.67 18.19 -30.16
CA ASP D 191 -46.08 19.21 -30.99
C ASP D 191 -47.13 20.24 -31.36
N TYR D 192 -46.75 21.54 -31.35
CA TYR D 192 -47.66 22.64 -31.66
C TYR D 192 -47.38 23.24 -33.04
N SER D 193 -46.55 22.59 -33.85
CA SER D 193 -46.35 23.06 -35.22
C SER D 193 -47.71 23.00 -35.94
N LYS D 194 -47.92 23.89 -36.91
CA LYS D 194 -49.14 23.93 -37.70
C LYS D 194 -49.41 22.54 -38.27
N ALA D 195 -48.37 21.85 -38.76
CA ALA D 195 -48.53 20.52 -39.34
C ALA D 195 -49.00 19.51 -38.28
N SER D 196 -48.56 19.67 -37.03
CA SER D 196 -48.96 18.78 -35.95
C SER D 196 -50.44 19.04 -35.62
N LEU D 197 -50.83 20.33 -35.55
CA LEU D 197 -52.19 20.68 -35.18
C LEU D 197 -53.19 20.13 -36.20
N ALA D 198 -52.83 20.17 -37.50
CA ALA D 198 -53.59 19.57 -38.59
C ALA D 198 -53.70 18.05 -38.43
N ALA D 199 -52.58 17.37 -38.14
CA ALA D 199 -52.56 15.92 -38.07
C ALA D 199 -53.55 15.40 -37.04
N TYR D 200 -53.65 16.11 -35.91
CA TYR D 200 -54.47 15.70 -34.79
C TYR D 200 -55.95 15.70 -35.15
N GLU D 201 -56.31 16.48 -36.16
CA GLU D 201 -57.69 16.62 -36.57
C GLU D 201 -58.06 15.47 -37.50
N GLN D 202 -57.06 14.75 -38.01
CA GLN D 202 -57.22 13.86 -39.15
C GLN D 202 -57.94 12.57 -38.72
N GLU D 203 -58.33 11.78 -39.72
CA GLU D 203 -58.97 10.49 -39.50
C GLU D 203 -57.93 9.54 -38.89
N VAL D 204 -58.36 8.72 -37.93
CA VAL D 204 -57.52 7.66 -37.39
C VAL D 204 -57.23 6.65 -38.50
N PRO D 205 -55.95 6.30 -38.77
CA PRO D 205 -55.65 5.34 -39.83
C PRO D 205 -56.29 3.97 -39.59
N GLN D 206 -56.79 3.35 -40.69
CA GLN D 206 -57.52 2.10 -40.58
C GLN D 206 -56.55 1.01 -40.10
N ALA D 207 -55.27 1.12 -40.50
CA ALA D 207 -54.24 0.21 -40.01
C ALA D 207 -54.30 0.07 -38.48
N LEU D 208 -54.54 1.19 -37.76
CA LEU D 208 -54.58 1.16 -36.31
C LEU D 208 -55.87 0.48 -35.83
N ILE D 209 -57.00 0.90 -36.43
CA ILE D 209 -58.31 0.37 -36.08
C ILE D 209 -58.26 -1.14 -36.25
N GLN D 210 -57.79 -1.60 -37.42
CA GLN D 210 -57.81 -3.02 -37.76
C GLN D 210 -56.91 -3.82 -36.83
N TYR D 211 -55.75 -3.25 -36.49
CA TYR D 211 -54.82 -3.87 -35.56
C TYR D 211 -55.52 -4.10 -34.23
N MET D 212 -56.19 -3.05 -33.74
CA MET D 212 -56.83 -3.11 -32.44
C MET D 212 -57.95 -4.16 -32.45
N LYS D 213 -58.70 -4.23 -33.56
CA LYS D 213 -59.82 -5.17 -33.64
C LYS D 213 -59.27 -6.59 -33.56
N LYS D 214 -58.24 -6.85 -34.37
CA LYS D 214 -57.69 -8.19 -34.57
C LYS D 214 -56.90 -8.65 -33.35
N ASN D 215 -56.28 -7.71 -32.61
CA ASN D 215 -55.35 -8.09 -31.55
C ASN D 215 -55.90 -7.70 -30.17
N ARG D 216 -57.22 -7.54 -30.05
CA ARG D 216 -57.84 -6.92 -28.89
C ARG D 216 -57.43 -7.58 -27.57
N LYS D 217 -57.46 -8.92 -27.51
CA LYS D 217 -57.16 -9.66 -26.28
C LYS D 217 -55.72 -9.45 -25.85
N ASN D 218 -54.83 -8.99 -26.73
CA ASN D 218 -53.42 -8.82 -26.40
C ASN D 218 -53.05 -7.32 -26.31
N LEU D 219 -54.03 -6.43 -26.42
CA LEU D 219 -53.76 -5.00 -26.46
C LEU D 219 -53.30 -4.54 -25.09
N ARG D 220 -52.46 -3.51 -25.07
CA ARG D 220 -52.18 -2.80 -23.83
C ARG D 220 -53.48 -2.24 -23.26
N LYS D 221 -53.62 -2.31 -21.94
CA LYS D 221 -54.75 -1.74 -21.23
C LYS D 221 -54.78 -0.21 -21.36
N GLU D 222 -53.60 0.43 -21.52
CA GLU D 222 -53.55 1.89 -21.62
C GLU D 222 -54.20 2.36 -22.92
N LEU D 223 -54.15 1.53 -23.97
CA LEU D 223 -54.81 1.84 -25.22
C LEU D 223 -56.26 1.33 -25.23
N LEU D 224 -56.49 0.08 -24.80
CA LEU D 224 -57.82 -0.52 -24.86
C LEU D 224 -58.81 0.30 -24.04
N SER D 225 -58.40 0.73 -22.84
CA SER D 225 -59.25 1.45 -21.92
C SER D 225 -59.74 2.76 -22.55
N VAL D 226 -58.85 3.47 -23.26
CA VAL D 226 -59.17 4.78 -23.84
C VAL D 226 -60.10 4.56 -25.04
N TRP D 227 -59.75 3.61 -25.90
CA TRP D 227 -60.60 3.24 -27.02
C TRP D 227 -62.00 2.87 -26.53
N GLU D 228 -62.05 2.01 -25.50
CA GLU D 228 -63.30 1.46 -24.97
C GLU D 228 -64.12 2.60 -24.36
N GLU D 229 -63.46 3.51 -23.63
CA GLU D 229 -64.13 4.64 -22.99
C GLU D 229 -64.85 5.53 -24.00
N ASN D 230 -64.35 5.60 -25.24
CA ASN D 230 -64.91 6.48 -26.26
C ASN D 230 -65.75 5.68 -27.25
N GLY D 231 -66.15 4.45 -26.88
CA GLY D 231 -67.18 3.72 -27.59
C GLY D 231 -66.61 2.69 -28.57
N ALA D 232 -65.29 2.46 -28.51
CA ALA D 232 -64.61 1.50 -29.36
C ALA D 232 -64.93 1.72 -30.83
N ARG D 233 -64.86 2.98 -31.29
CA ARG D 233 -65.29 3.34 -32.63
C ARG D 233 -64.28 2.85 -33.67
N THR D 234 -64.77 2.58 -34.90
CA THR D 234 -63.99 1.93 -35.95
C THR D 234 -63.70 2.94 -37.08
N SER D 235 -64.08 4.20 -36.85
CA SER D 235 -63.75 5.31 -37.75
C SER D 235 -63.95 6.59 -36.95
N GLY D 236 -63.50 7.71 -37.53
CA GLY D 236 -63.55 8.99 -36.86
C GLY D 236 -62.13 9.55 -36.70
N ALA D 237 -62.05 10.85 -36.40
CA ALA D 237 -60.76 11.48 -36.13
C ALA D 237 -60.23 11.06 -34.75
N TRP D 238 -58.98 11.44 -34.47
CA TRP D 238 -58.28 11.05 -33.25
C TRP D 238 -59.11 11.36 -32.00
N LYS D 239 -59.67 12.57 -31.94
CA LYS D 239 -60.40 13.01 -30.76
C LYS D 239 -61.74 12.27 -30.61
N THR D 240 -62.32 11.79 -31.71
CA THR D 240 -63.58 11.07 -31.67
C THR D 240 -63.32 9.65 -31.16
N VAL D 241 -62.28 9.00 -31.71
CA VAL D 241 -61.99 7.59 -31.45
C VAL D 241 -61.35 7.42 -30.07
N PHE D 242 -60.60 8.45 -29.62
CA PHE D 242 -59.80 8.34 -28.42
C PHE D 242 -60.05 9.47 -27.44
N GLY D 243 -61.00 10.37 -27.74
CA GLY D 243 -61.34 11.44 -26.81
C GLY D 243 -60.37 12.60 -26.96
N ASP D 244 -60.69 13.72 -26.29
CA ASP D 244 -59.87 14.92 -26.31
C ASP D 244 -59.14 15.02 -24.97
N ASN D 245 -57.89 14.54 -24.97
CA ASN D 245 -57.13 14.32 -23.75
C ASN D 245 -55.67 14.04 -24.11
N ALA D 246 -54.86 13.82 -23.07
CA ALA D 246 -53.43 13.63 -23.21
C ALA D 246 -53.11 12.30 -23.92
N TRP D 247 -54.01 11.31 -23.77
CA TRP D 247 -53.77 10.00 -24.34
C TRP D 247 -53.95 10.01 -25.86
N SER D 248 -55.03 10.60 -26.37
CA SER D 248 -55.19 10.76 -27.81
C SER D 248 -54.03 11.57 -28.41
N LYS D 249 -53.55 12.58 -27.67
CA LYS D 249 -52.37 13.34 -28.10
C LYS D 249 -51.15 12.41 -28.21
N SER D 250 -50.91 11.60 -27.18
CA SER D 250 -49.79 10.67 -27.24
C SER D 250 -49.97 9.72 -28.43
N PHE D 251 -51.21 9.27 -28.68
CA PHE D 251 -51.46 8.24 -29.68
C PHE D 251 -51.14 8.74 -31.08
N TYR D 252 -51.63 9.93 -31.48
CA TYR D 252 -51.39 10.38 -32.84
C TYR D 252 -49.92 10.78 -32.97
N THR D 253 -49.32 11.31 -31.88
CA THR D 253 -47.87 11.58 -31.82
C THR D 253 -47.05 10.30 -32.00
N THR D 254 -47.37 9.24 -31.24
CA THR D 254 -46.67 7.97 -31.40
C THR D 254 -46.86 7.39 -32.80
N TRP D 255 -48.10 7.43 -33.33
CA TRP D 255 -48.35 6.99 -34.70
C TRP D 255 -47.39 7.69 -35.68
N GLN D 256 -47.24 9.00 -35.49
CA GLN D 256 -46.42 9.83 -36.35
C GLN D 256 -44.97 9.34 -36.35
N TYR D 257 -44.37 9.18 -35.16
CA TYR D 257 -42.98 8.77 -35.06
C TYR D 257 -42.81 7.38 -35.71
N ALA D 258 -43.72 6.46 -35.36
CA ALA D 258 -43.57 5.09 -35.80
C ALA D 258 -43.66 5.06 -37.32
N THR D 259 -44.51 5.94 -37.88
CA THR D 259 -44.68 6.01 -39.33
C THR D 259 -43.41 6.55 -39.98
N TYR D 260 -42.86 7.64 -39.42
CA TYR D 260 -41.71 8.32 -39.98
C TYR D 260 -40.50 7.38 -40.00
N ILE D 261 -40.31 6.68 -38.90
CA ILE D 261 -39.15 5.81 -38.77
C ILE D 261 -39.37 4.53 -39.56
N ASP D 262 -40.62 4.10 -39.73
CA ASP D 262 -40.89 2.89 -40.50
C ASP D 262 -40.41 3.08 -41.93
N PHE D 263 -40.68 4.25 -42.49
CA PHE D 263 -40.20 4.58 -43.83
C PHE D 263 -38.68 4.53 -43.94
N ILE D 264 -37.99 5.06 -42.95
CA ILE D 264 -36.54 5.06 -42.92
C ILE D 264 -36.05 3.61 -42.91
N SER D 265 -36.64 2.76 -42.06
CA SER D 265 -36.24 1.37 -42.02
C SER D 265 -36.57 0.65 -43.33
N ALA D 266 -37.76 0.89 -43.88
CA ALA D 266 -38.21 0.16 -45.08
C ALA D 266 -37.25 0.35 -46.25
N GLY D 267 -36.71 1.56 -46.41
CA GLY D 267 -35.76 1.83 -47.47
C GLY D 267 -34.52 0.97 -47.32
N ALA D 268 -34.11 0.73 -46.07
CA ALA D 268 -32.98 -0.12 -45.77
C ALA D 268 -33.36 -1.59 -45.94
N LYS D 269 -34.55 -1.99 -45.49
CA LYS D 269 -35.01 -3.37 -45.62
C LYS D 269 -35.06 -3.80 -47.10
N GLU D 270 -35.45 -2.87 -47.96
CA GLU D 270 -35.61 -3.15 -49.39
C GLU D 270 -34.29 -3.64 -50.00
N ILE D 271 -33.13 -3.15 -49.53
CA ILE D 271 -31.86 -3.46 -50.16
C ILE D 271 -30.97 -4.38 -49.32
N TYR D 272 -31.13 -4.36 -47.98
CA TYR D 272 -30.29 -5.18 -47.12
C TYR D 272 -30.99 -5.35 -45.78
N PRO D 273 -31.94 -6.31 -45.67
CA PRO D 273 -32.74 -6.50 -44.45
C PRO D 273 -31.90 -7.05 -43.29
N LEU D 274 -31.73 -6.23 -42.25
CA LEU D 274 -31.08 -6.67 -41.02
C LEU D 274 -32.10 -6.58 -39.90
N PRO D 275 -31.96 -7.37 -38.81
CA PRO D 275 -32.76 -7.17 -37.60
C PRO D 275 -32.67 -5.72 -37.16
N THR D 276 -33.83 -5.09 -36.95
CA THR D 276 -33.90 -3.67 -36.70
C THR D 276 -34.76 -3.43 -35.44
N PHE D 277 -34.24 -2.59 -34.53
CA PHE D 277 -34.97 -2.26 -33.32
C PHE D 277 -34.90 -0.76 -33.04
N CYS D 278 -35.96 -0.25 -32.38
CA CYS D 278 -36.05 1.10 -31.87
C CYS D 278 -36.17 1.04 -30.33
N ASN D 279 -35.54 2.01 -29.66
CA ASN D 279 -35.28 1.91 -28.22
C ASN D 279 -36.01 3.05 -27.53
N CYS D 280 -36.44 2.84 -26.29
CA CYS D 280 -37.19 3.86 -25.57
C CYS D 280 -36.54 4.24 -24.25
N TRP D 281 -36.63 5.53 -23.96
CA TRP D 281 -36.56 6.10 -22.62
C TRP D 281 -37.85 5.77 -21.86
N LEU D 282 -37.71 4.96 -20.82
CA LEU D 282 -38.86 4.37 -20.14
C LEU D 282 -39.73 5.45 -19.48
N VAL D 283 -41.03 5.12 -19.32
CA VAL D 283 -41.87 5.77 -18.31
C VAL D 283 -41.19 5.57 -16.96
N GLN D 284 -40.64 6.65 -16.40
CA GLN D 284 -39.68 6.56 -15.29
C GLN D 284 -40.35 6.29 -13.93
N LYS D 285 -41.54 6.84 -13.75
CA LYS D 285 -42.36 6.62 -12.56
C LYS D 285 -43.82 6.36 -12.98
N PRO D 286 -44.58 5.53 -12.24
CA PRO D 286 -45.84 5.00 -12.75
C PRO D 286 -46.90 6.03 -13.09
N ASP D 287 -46.84 7.22 -12.47
CA ASP D 287 -47.83 8.26 -12.76
C ASP D 287 -47.43 9.16 -13.94
N ASP D 288 -46.18 9.04 -14.42
CA ASP D 288 -45.68 9.99 -15.39
C ASP D 288 -46.58 10.04 -16.63
N MET D 289 -46.94 11.24 -17.05
CA MET D 289 -47.72 11.42 -18.25
C MET D 289 -46.81 11.56 -19.48
N PRO D 290 -47.30 11.25 -20.70
CA PRO D 290 -46.50 11.43 -21.90
C PRO D 290 -45.94 12.85 -21.88
N GLY D 291 -44.65 13.00 -22.21
CA GLY D 291 -44.01 14.30 -22.15
C GLY D 291 -43.04 14.43 -20.99
N VAL D 292 -43.27 13.70 -19.88
CA VAL D 292 -42.28 13.61 -18.81
C VAL D 292 -41.15 12.75 -19.36
N TYR D 293 -41.55 11.68 -20.03
CA TYR D 293 -40.68 10.87 -20.87
C TYR D 293 -40.99 11.24 -22.31
N PRO D 294 -40.08 10.94 -23.26
CA PRO D 294 -40.28 11.31 -24.66
C PRO D 294 -41.60 10.72 -25.19
N ASN D 295 -42.52 11.62 -25.47
CA ASN D 295 -43.85 11.32 -25.99
C ASN D 295 -43.72 10.93 -27.46
N GLY D 296 -43.96 9.65 -27.79
CA GLY D 296 -43.82 9.18 -29.15
C GLY D 296 -42.88 7.99 -29.25
N GLY D 297 -42.01 7.87 -28.24
CA GLY D 297 -41.10 6.75 -28.16
C GLY D 297 -41.83 5.44 -27.89
N PRO D 298 -41.18 4.30 -28.23
CA PRO D 298 -41.82 2.98 -28.03
C PRO D 298 -41.85 2.36 -26.63
N VAL D 299 -42.33 3.14 -25.65
CA VAL D 299 -42.67 2.63 -24.33
C VAL D 299 -43.78 1.59 -24.42
N SER D 300 -43.85 0.73 -23.41
CA SER D 300 -44.71 -0.43 -23.47
C SER D 300 -46.19 -0.01 -23.61
N ARG D 301 -46.54 1.18 -23.06
CA ARG D 301 -47.89 1.70 -23.10
C ARG D 301 -48.42 1.80 -24.54
N VAL D 302 -47.54 2.18 -25.48
CA VAL D 302 -47.90 2.41 -26.87
C VAL D 302 -47.33 1.34 -27.81
N MET D 303 -46.94 0.17 -27.26
CA MET D 303 -46.36 -0.91 -28.04
C MET D 303 -47.25 -1.31 -29.24
N ASP D 304 -48.57 -1.41 -29.05
CA ASP D 304 -49.47 -1.79 -30.13
C ASP D 304 -49.47 -0.77 -31.27
N ILE D 305 -49.30 0.50 -30.92
CA ILE D 305 -49.28 1.57 -31.92
C ILE D 305 -48.06 1.38 -32.79
N TRP D 306 -46.90 1.19 -32.16
CA TRP D 306 -45.67 0.98 -32.89
C TRP D 306 -45.80 -0.28 -33.75
N LYS D 307 -46.38 -1.35 -33.19
CA LYS D 307 -46.51 -2.62 -33.92
C LYS D 307 -47.40 -2.42 -35.16
N ALA D 308 -48.48 -1.67 -35.00
CA ALA D 308 -49.43 -1.43 -36.09
C ALA D 308 -48.79 -0.56 -37.16
N ALA D 309 -47.94 0.38 -36.74
CA ALA D 309 -47.46 1.43 -37.61
C ALA D 309 -46.14 1.07 -38.28
N ALA D 310 -45.35 0.19 -37.67
CA ALA D 310 -43.96 0.01 -38.12
C ALA D 310 -43.60 -1.45 -38.29
N PRO D 311 -44.14 -2.14 -39.32
CA PRO D 311 -43.80 -3.55 -39.53
C PRO D 311 -42.35 -3.76 -39.97
N HIS D 312 -41.67 -2.68 -40.42
CA HIS D 312 -40.27 -2.72 -40.78
C HIS D 312 -39.36 -2.49 -39.56
N ILE D 313 -39.96 -2.35 -38.37
CA ILE D 313 -39.21 -2.36 -37.12
C ILE D 313 -39.53 -3.67 -36.40
N ASP D 314 -38.49 -4.46 -36.17
CA ASP D 314 -38.66 -5.82 -35.67
C ASP D 314 -38.93 -5.88 -34.18
N VAL D 315 -38.31 -4.98 -33.41
CA VAL D 315 -38.24 -5.16 -31.96
C VAL D 315 -38.25 -3.77 -31.32
N LEU D 316 -39.07 -3.60 -30.28
CA LEU D 316 -39.05 -2.40 -29.48
C LEU D 316 -38.24 -2.69 -28.20
N ALA D 317 -37.20 -1.90 -27.97
CA ALA D 317 -36.14 -2.27 -27.06
C ALA D 317 -36.09 -1.32 -25.86
N PRO D 318 -36.29 -1.81 -24.61
CA PRO D 318 -36.25 -0.90 -23.46
C PRO D 318 -34.83 -0.55 -23.06
N ASP D 319 -34.61 0.71 -22.69
CA ASP D 319 -33.36 1.18 -22.10
C ASP D 319 -33.56 1.23 -20.59
N ILE D 320 -32.93 0.27 -19.88
CA ILE D 320 -33.23 -0.01 -18.48
C ILE D 320 -32.07 0.43 -17.58
N TYR D 321 -32.33 1.51 -16.83
CA TYR D 321 -31.43 2.04 -15.83
C TYR D 321 -32.08 2.05 -14.44
N LEU D 322 -33.34 1.60 -14.33
CA LEU D 322 -34.06 1.56 -13.06
C LEU D 322 -33.91 0.20 -12.39
N SER D 323 -34.14 0.13 -11.07
CA SER D 323 -33.81 -1.07 -10.29
C SER D 323 -34.92 -2.13 -10.37
N ASP D 324 -36.07 -1.75 -10.91
CA ASP D 324 -37.22 -2.62 -10.98
C ASP D 324 -37.14 -3.54 -12.22
N PHE D 325 -36.02 -4.23 -12.37
CA PHE D 325 -35.62 -4.91 -13.59
C PHE D 325 -36.60 -6.00 -14.04
N LYS D 326 -37.02 -6.88 -13.11
CA LYS D 326 -37.87 -8.01 -13.44
C LYS D 326 -39.23 -7.57 -13.98
N ASN D 327 -39.86 -6.61 -13.31
CA ASN D 327 -41.14 -6.10 -13.78
C ASN D 327 -40.96 -5.48 -15.17
N ILE D 328 -39.86 -4.73 -15.35
CA ILE D 328 -39.65 -3.98 -16.59
C ILE D 328 -39.53 -4.98 -17.73
N VAL D 329 -38.66 -5.98 -17.58
CA VAL D 329 -38.39 -6.85 -18.71
C VAL D 329 -39.65 -7.69 -19.04
N ALA D 330 -40.43 -8.09 -18.02
CA ALA D 330 -41.69 -8.80 -18.23
C ALA D 330 -42.71 -7.90 -18.95
N ASP D 331 -42.64 -6.60 -18.74
CA ASP D 331 -43.53 -5.65 -19.41
C ASP D 331 -43.20 -5.53 -20.90
N TYR D 332 -41.92 -5.58 -21.28
CA TYR D 332 -41.52 -5.36 -22.67
C TYR D 332 -41.55 -6.65 -23.48
N HIS D 333 -41.36 -7.80 -22.82
CA HIS D 333 -41.32 -9.10 -23.48
C HIS D 333 -42.74 -9.59 -23.75
N ARG D 334 -43.06 -9.78 -25.04
CA ARG D 334 -44.38 -10.20 -25.50
C ARG D 334 -44.19 -11.25 -26.59
N ALA D 335 -45.25 -11.99 -26.94
CA ALA D 335 -45.19 -12.92 -28.05
C ALA D 335 -44.61 -12.27 -29.31
N ASP D 336 -45.00 -11.00 -29.56
CA ASP D 336 -44.65 -10.32 -30.79
C ASP D 336 -43.46 -9.37 -30.57
N ASN D 337 -42.75 -9.53 -29.43
CA ASN D 337 -41.69 -8.59 -29.11
C ASN D 337 -40.65 -9.28 -28.23
N PRO D 338 -39.59 -9.88 -28.81
CA PRO D 338 -38.49 -10.44 -28.02
C PRO D 338 -37.84 -9.36 -27.16
N LEU D 339 -37.18 -9.82 -26.09
CA LEU D 339 -36.48 -8.93 -25.16
C LEU D 339 -35.10 -8.63 -25.72
N LEU D 340 -34.80 -7.34 -25.88
CA LEU D 340 -33.55 -6.86 -26.42
C LEU D 340 -33.24 -5.56 -25.69
N ILE D 341 -32.15 -5.57 -24.92
CA ILE D 341 -31.87 -4.47 -24.01
C ILE D 341 -30.54 -3.86 -24.43
N PRO D 342 -30.57 -2.76 -25.23
CA PRO D 342 -29.35 -2.17 -25.76
C PRO D 342 -28.58 -1.27 -24.79
N GLU D 343 -29.29 -0.80 -23.77
CA GLU D 343 -28.72 0.05 -22.74
C GLU D 343 -29.20 -0.47 -21.38
N ALA D 344 -28.24 -0.68 -20.47
CA ALA D 344 -28.53 -1.19 -19.13
C ALA D 344 -27.40 -0.83 -18.16
N VAL D 345 -27.53 -1.28 -16.92
CA VAL D 345 -26.49 -1.11 -15.94
C VAL D 345 -25.59 -2.34 -16.07
N MET D 346 -24.33 -2.13 -15.70
CA MET D 346 -23.31 -3.16 -15.68
C MET D 346 -23.49 -4.01 -14.42
N LYS D 347 -24.46 -4.91 -14.49
CA LYS D 347 -24.89 -5.75 -13.40
C LYS D 347 -25.07 -7.17 -13.94
N PRO D 348 -24.15 -8.11 -13.61
CA PRO D 348 -24.24 -9.46 -14.16
C PRO D 348 -25.59 -10.16 -13.91
N ALA D 349 -26.25 -9.84 -12.78
CA ALA D 349 -27.52 -10.49 -12.44
C ALA D 349 -28.56 -10.25 -13.52
N ASN D 350 -28.61 -8.99 -13.95
CA ASN D 350 -29.53 -8.52 -14.96
C ASN D 350 -29.37 -9.37 -16.21
N ALA D 351 -28.10 -9.56 -16.64
CA ALA D 351 -27.85 -10.32 -17.86
C ALA D 351 -28.41 -11.74 -17.74
N PHE D 352 -28.07 -12.42 -16.61
CA PHE D 352 -28.53 -13.78 -16.33
C PHE D 352 -30.05 -13.84 -16.31
N TRP D 353 -30.71 -12.79 -15.78
CA TRP D 353 -32.16 -12.78 -15.72
C TRP D 353 -32.73 -12.63 -17.11
N ALA D 354 -32.20 -11.67 -17.87
CA ALA D 354 -32.68 -11.45 -19.23
C ALA D 354 -32.52 -12.69 -20.11
N PHE D 355 -31.32 -13.28 -20.12
CA PHE D 355 -31.05 -14.44 -20.96
C PHE D 355 -31.77 -15.70 -20.49
N GLY D 356 -31.72 -16.01 -19.19
CA GLY D 356 -32.31 -17.24 -18.68
C GLY D 356 -33.83 -17.21 -18.53
N GLU D 357 -34.37 -16.12 -17.94
CA GLU D 357 -35.79 -16.04 -17.68
C GLU D 357 -36.56 -15.71 -18.95
N HIS D 358 -36.02 -14.80 -19.79
CA HIS D 358 -36.80 -14.23 -20.88
C HIS D 358 -36.23 -14.55 -22.27
N SER D 359 -35.22 -15.40 -22.36
CA SER D 359 -34.64 -15.77 -23.65
C SER D 359 -34.24 -14.54 -24.49
N ALA D 360 -33.59 -13.53 -23.87
CA ALA D 360 -33.32 -12.28 -24.54
C ALA D 360 -32.33 -12.44 -25.70
N LEU D 361 -32.44 -11.52 -26.66
CA LEU D 361 -31.51 -11.42 -27.78
C LEU D 361 -30.25 -10.64 -27.40
N CYS D 362 -30.38 -9.71 -26.43
CA CYS D 362 -29.30 -8.75 -26.19
C CYS D 362 -29.38 -8.24 -24.76
N TYR D 363 -28.21 -8.11 -24.14
CA TYR D 363 -28.00 -7.40 -22.89
C TYR D 363 -26.75 -6.54 -23.09
N SER D 364 -26.82 -5.26 -22.77
CA SER D 364 -25.80 -4.27 -23.15
C SER D 364 -25.68 -3.13 -22.15
N PRO D 365 -24.68 -3.15 -21.24
CA PRO D 365 -24.41 -2.00 -20.37
C PRO D 365 -24.02 -0.77 -21.17
N PHE D 366 -24.61 0.37 -20.80
CA PHE D 366 -24.28 1.62 -21.44
C PHE D 366 -22.96 2.12 -20.88
N GLY D 367 -22.14 2.72 -21.75
CA GLY D 367 -20.82 3.25 -21.39
C GLY D 367 -19.84 2.16 -20.98
N ILE D 368 -19.82 1.08 -21.77
CA ILE D 368 -19.16 -0.16 -21.42
C ILE D 368 -17.64 0.02 -21.28
N GLU D 369 -17.05 0.97 -22.01
CA GLU D 369 -15.59 1.12 -22.04
C GLU D 369 -15.09 1.57 -20.68
N ASP D 370 -16.01 2.09 -19.85
CA ASP D 370 -15.73 2.55 -18.50
C ASP D 370 -15.54 1.39 -17.52
N GLY D 371 -15.96 0.17 -17.87
CA GLY D 371 -16.09 -0.90 -16.88
C GLY D 371 -15.05 -2.00 -17.08
N ALA D 372 -13.98 -1.67 -17.78
CA ALA D 372 -12.97 -2.65 -18.15
C ALA D 372 -12.33 -3.28 -16.91
N ASP D 373 -12.48 -2.64 -15.75
CA ASP D 373 -11.92 -3.22 -14.54
C ASP D 373 -12.97 -4.03 -13.78
N ASN D 374 -14.09 -4.42 -14.41
CA ASN D 374 -15.13 -5.13 -13.67
C ASN D 374 -14.99 -6.62 -13.91
N PHE D 375 -14.11 -7.28 -13.12
CA PHE D 375 -13.72 -8.66 -13.36
C PHE D 375 -14.90 -9.61 -13.21
N VAL D 376 -15.80 -9.29 -12.27
CA VAL D 376 -16.94 -10.14 -12.04
C VAL D 376 -17.85 -10.06 -13.26
N PHE D 377 -18.08 -8.84 -13.76
CA PHE D 377 -18.85 -8.70 -14.99
C PHE D 377 -18.20 -9.51 -16.12
N ALA D 378 -16.87 -9.34 -16.28
CA ALA D 378 -16.16 -9.99 -17.37
C ALA D 378 -16.33 -11.51 -17.34
N GLN D 379 -16.26 -12.10 -16.13
CA GLN D 379 -16.25 -13.54 -15.99
C GLN D 379 -17.68 -14.02 -16.16
N SER D 380 -18.67 -13.13 -15.91
CA SER D 380 -20.07 -13.41 -16.13
C SER D 380 -20.35 -13.61 -17.62
N TYR D 381 -19.92 -12.66 -18.46
CA TYR D 381 -19.97 -12.83 -19.90
C TYR D 381 -19.17 -14.07 -20.33
N LYS D 382 -18.01 -14.34 -19.70
CA LYS D 382 -17.26 -15.56 -20.02
C LYS D 382 -18.14 -16.80 -19.90
N VAL D 383 -18.83 -16.93 -18.76
CA VAL D 383 -19.70 -18.07 -18.50
C VAL D 383 -20.88 -18.09 -19.46
N LEU D 384 -21.57 -16.96 -19.61
CA LEU D 384 -22.64 -16.91 -20.58
C LEU D 384 -22.18 -17.35 -21.99
N ASN D 385 -20.96 -17.01 -22.40
CA ASN D 385 -20.47 -17.39 -23.72
C ASN D 385 -20.38 -18.91 -23.79
N GLU D 386 -19.88 -19.53 -22.70
CA GLU D 386 -19.82 -20.99 -22.67
C GLU D 386 -21.22 -21.58 -22.86
N LEU D 387 -22.27 -20.90 -22.33
CA LEU D 387 -23.65 -21.39 -22.32
C LEU D 387 -24.46 -20.98 -23.55
N ILE D 388 -23.97 -20.15 -24.45
CA ILE D 388 -24.82 -19.72 -25.56
C ILE D 388 -25.46 -20.92 -26.28
N PRO D 389 -24.72 -21.98 -26.69
CA PRO D 389 -25.37 -23.11 -27.37
C PRO D 389 -26.58 -23.67 -26.63
N LEU D 390 -26.43 -23.82 -25.30
CA LEU D 390 -27.44 -24.41 -24.44
C LEU D 390 -28.58 -23.43 -24.21
N ILE D 391 -28.31 -22.15 -23.93
CA ILE D 391 -29.37 -21.16 -23.82
C ILE D 391 -30.20 -21.14 -25.11
N SER D 392 -29.52 -21.02 -26.27
CA SER D 392 -30.19 -20.86 -27.57
C SER D 392 -31.16 -22.00 -27.83
N GLU D 393 -30.73 -23.23 -27.50
CA GLU D 393 -31.54 -24.43 -27.66
C GLU D 393 -32.78 -24.48 -26.75
N HIS D 394 -32.83 -23.68 -25.68
CA HIS D 394 -33.92 -23.77 -24.71
C HIS D 394 -34.69 -22.46 -24.65
N GLN D 395 -34.50 -21.58 -25.64
CA GLN D 395 -35.25 -20.33 -25.68
C GLN D 395 -36.74 -20.61 -25.83
N GLY D 396 -37.54 -20.01 -24.92
CA GLY D 396 -38.98 -20.13 -24.93
C GLY D 396 -39.46 -21.44 -24.31
N SER D 397 -38.55 -22.28 -23.81
CA SER D 397 -38.95 -23.53 -23.18
C SER D 397 -39.29 -23.28 -21.72
N ASP D 398 -40.11 -24.14 -21.13
CA ASP D 398 -40.32 -24.10 -19.68
C ASP D 398 -39.19 -24.80 -18.93
N ARG D 399 -38.19 -25.31 -19.66
CA ARG D 399 -37.06 -26.02 -19.07
C ARG D 399 -35.83 -25.11 -18.87
N MET D 400 -36.00 -23.79 -19.08
CA MET D 400 -35.00 -22.81 -18.74
C MET D 400 -35.61 -21.69 -17.90
N ILE D 401 -34.95 -21.33 -16.79
CA ILE D 401 -35.31 -20.18 -16.00
C ILE D 401 -34.07 -19.36 -15.65
N GLY D 402 -34.30 -18.08 -15.35
CA GLY D 402 -33.31 -17.21 -14.74
C GLY D 402 -33.35 -17.38 -13.23
N VAL D 403 -32.30 -16.89 -12.56
CA VAL D 403 -32.29 -16.73 -11.12
C VAL D 403 -31.73 -15.35 -10.82
N MET D 404 -32.40 -14.59 -9.95
CA MET D 404 -31.90 -13.28 -9.52
C MET D 404 -32.62 -12.88 -8.24
N LYS D 405 -31.89 -12.79 -7.14
CA LYS D 405 -32.51 -12.31 -5.91
C LYS D 405 -32.71 -10.81 -5.99
N MET D 406 -33.92 -10.37 -5.60
CA MET D 406 -34.18 -8.97 -5.27
C MET D 406 -34.40 -8.77 -3.77
N PRO D 407 -34.12 -7.57 -3.22
CA PRO D 407 -34.33 -7.33 -1.78
C PRO D 407 -35.74 -7.73 -1.34
N GLY D 408 -35.84 -8.49 -0.24
CA GLY D 408 -37.12 -8.87 0.35
C GLY D 408 -37.66 -10.22 -0.15
N GLU D 409 -37.01 -10.83 -1.15
CA GLU D 409 -37.31 -12.20 -1.55
C GLU D 409 -36.36 -13.13 -0.78
N SER D 410 -36.77 -14.38 -0.54
CA SER D 410 -35.88 -15.32 0.15
C SER D 410 -35.69 -16.62 -0.63
N GLU D 411 -36.71 -17.04 -1.40
CA GLU D 411 -36.61 -18.32 -2.10
C GLU D 411 -37.66 -18.46 -3.20
N ARG D 412 -37.29 -19.19 -4.26
CA ARG D 412 -38.18 -19.50 -5.37
C ARG D 412 -38.26 -21.00 -5.59
N THR D 413 -39.50 -21.46 -5.78
CA THR D 413 -39.78 -22.85 -6.09
C THR D 413 -40.43 -22.90 -7.47
N VAL D 414 -39.88 -23.79 -8.31
CA VAL D 414 -40.40 -24.11 -9.63
C VAL D 414 -40.48 -25.61 -9.74
N THR D 415 -41.31 -26.06 -10.72
CA THR D 415 -41.40 -27.45 -11.13
C THR D 415 -40.64 -27.62 -12.45
N MET D 416 -39.76 -28.61 -12.52
CA MET D 416 -39.17 -29.02 -13.79
C MET D 416 -39.41 -30.51 -14.00
N GLY D 417 -40.31 -30.83 -14.94
CA GLY D 417 -40.70 -32.21 -15.19
C GLY D 417 -40.96 -32.93 -13.87
N ASP D 418 -40.14 -33.95 -13.58
CA ASP D 418 -40.36 -34.85 -12.46
C ASP D 418 -39.85 -34.29 -11.14
N TYR D 419 -39.29 -33.06 -11.14
CA TYR D 419 -38.63 -32.52 -9.96
C TYR D 419 -39.18 -31.14 -9.62
N GLN D 420 -39.19 -30.86 -8.31
CA GLN D 420 -39.36 -29.54 -7.73
C GLN D 420 -37.98 -29.00 -7.36
N LEU D 421 -37.71 -27.75 -7.73
CA LEU D 421 -36.49 -27.04 -7.36
C LEU D 421 -36.81 -25.91 -6.40
N CYS D 422 -36.20 -25.93 -5.22
CA CYS D 422 -36.26 -24.82 -4.29
C CYS D 422 -34.90 -24.12 -4.26
N ILE D 423 -34.90 -22.91 -4.81
CA ILE D 423 -33.75 -22.03 -4.92
C ILE D 423 -33.70 -21.15 -3.68
N LYS D 424 -32.61 -21.23 -2.91
CA LYS D 424 -32.44 -20.42 -1.72
C LYS D 424 -31.17 -19.60 -1.83
N TYR D 425 -31.20 -18.38 -1.31
CA TYR D 425 -30.20 -17.38 -1.59
C TYR D 425 -29.27 -17.23 -0.40
N ASP D 426 -27.97 -17.19 -0.63
CA ASP D 426 -26.98 -17.09 0.43
C ASP D 426 -26.36 -15.70 0.49
N ALA D 427 -26.79 -14.81 -0.40
CA ALA D 427 -26.41 -13.41 -0.27
C ALA D 427 -27.36 -12.57 -1.10
N GLU D 428 -27.21 -11.25 -1.00
CA GLU D 428 -28.08 -10.32 -1.71
C GLU D 428 -27.78 -10.45 -3.21
N ASP D 429 -26.50 -10.49 -3.55
CA ASP D 429 -26.01 -10.65 -4.89
C ASP D 429 -26.01 -12.13 -5.31
N ALA D 430 -27.17 -12.65 -5.67
CA ALA D 430 -27.35 -14.04 -6.05
C ALA D 430 -28.07 -14.11 -7.39
N TYR D 431 -27.50 -14.83 -8.36
CA TYR D 431 -28.04 -14.83 -9.70
C TYR D 431 -27.46 -15.99 -10.50
N GLY D 432 -28.18 -16.38 -11.56
CA GLY D 432 -27.73 -17.42 -12.46
C GLY D 432 -28.85 -17.78 -13.41
N LEU D 433 -28.80 -19.01 -13.91
CA LEU D 433 -29.89 -19.61 -14.67
C LEU D 433 -29.85 -21.12 -14.44
N ILE D 434 -30.99 -21.78 -14.76
CA ILE D 434 -31.18 -23.21 -14.61
C ILE D 434 -31.82 -23.75 -15.88
N ILE D 435 -31.22 -24.82 -16.42
CA ILE D 435 -31.69 -25.45 -17.65
C ILE D 435 -31.84 -26.93 -17.33
N GLN D 436 -33.03 -27.49 -17.55
CA GLN D 436 -33.20 -28.93 -17.54
C GLN D 436 -32.83 -29.50 -18.91
N THR D 437 -31.75 -30.28 -18.95
CA THR D 437 -31.21 -30.83 -20.18
C THR D 437 -31.66 -32.28 -20.37
N GLY D 438 -32.14 -32.93 -19.30
CA GLY D 438 -32.68 -34.26 -19.42
C GLY D 438 -33.78 -34.50 -18.40
N LYS D 439 -34.49 -35.62 -18.53
CA LYS D 439 -35.47 -36.04 -17.54
C LYS D 439 -34.85 -35.97 -16.14
N ASN D 440 -33.56 -36.32 -15.99
CA ASN D 440 -32.93 -36.34 -14.69
C ASN D 440 -31.59 -35.59 -14.71
N GLU D 441 -31.51 -34.51 -15.50
CA GLU D 441 -30.24 -33.84 -15.64
C GLU D 441 -30.48 -32.34 -15.75
N PHE D 442 -29.66 -31.56 -15.03
CA PHE D 442 -29.79 -30.12 -14.98
C PHE D 442 -28.41 -29.49 -15.13
N VAL D 443 -28.37 -28.33 -15.80
CA VAL D 443 -27.24 -27.43 -15.74
C VAL D 443 -27.63 -26.15 -14.98
N VAL D 444 -26.87 -25.84 -13.94
CA VAL D 444 -27.14 -24.70 -13.09
C VAL D 444 -25.89 -23.83 -13.13
N ALA D 445 -26.09 -22.57 -13.50
CA ALA D 445 -25.00 -21.61 -13.55
C ALA D 445 -25.33 -20.50 -12.56
N GLY D 446 -24.31 -19.89 -11.95
CA GLY D 446 -24.59 -18.76 -11.08
C GLY D 446 -23.68 -18.71 -9.85
N ILE D 447 -24.14 -17.94 -8.84
CA ILE D 447 -23.34 -17.59 -7.67
C ILE D 447 -24.29 -17.25 -6.54
N ASN D 448 -23.97 -17.75 -5.32
CA ASN D 448 -24.57 -17.28 -4.08
C ASN D 448 -26.00 -17.77 -3.91
N PHE D 449 -26.36 -18.88 -4.55
CA PHE D 449 -27.62 -19.51 -4.21
C PHE D 449 -27.37 -21.00 -4.07
N LYS D 450 -28.42 -21.68 -3.63
CA LYS D 450 -28.50 -23.12 -3.41
C LYS D 450 -29.76 -23.64 -4.10
N VAL D 451 -29.72 -24.88 -4.59
CA VAL D 451 -30.89 -25.51 -5.18
C VAL D 451 -31.14 -26.84 -4.46
N TYR D 452 -32.35 -26.96 -3.86
CA TYR D 452 -32.85 -28.22 -3.30
C TYR D 452 -33.76 -28.91 -4.31
N PHE D 453 -33.47 -30.19 -4.58
CA PHE D 453 -34.16 -31.00 -5.57
C PHE D 453 -35.03 -32.05 -4.87
N THR D 454 -36.34 -32.07 -5.19
CA THR D 454 -37.25 -33.07 -4.65
C THR D 454 -38.16 -33.58 -5.77
N SER D 455 -38.93 -34.65 -5.49
CA SER D 455 -39.82 -35.29 -6.44
C SER D 455 -41.10 -34.47 -6.55
N THR D 456 -41.62 -34.28 -7.78
CA THR D 456 -42.94 -33.68 -7.96
C THR D 456 -44.00 -34.63 -7.39
N ASP D 457 -43.87 -35.92 -7.71
CA ASP D 457 -44.74 -36.97 -7.18
C ASP D 457 -44.37 -37.24 -5.72
N LYS D 458 -45.29 -37.00 -4.78
CA LYS D 458 -44.97 -37.09 -3.37
C LYS D 458 -44.78 -38.56 -2.97
N LYS D 459 -45.23 -39.49 -3.82
CA LYS D 459 -45.10 -40.91 -3.51
C LYS D 459 -43.66 -41.38 -3.71
N LYS D 460 -42.83 -40.58 -4.40
CA LYS D 460 -41.43 -40.88 -4.64
C LYS D 460 -40.52 -39.91 -3.87
N THR D 461 -39.26 -40.32 -3.69
CA THR D 461 -38.20 -39.51 -3.10
C THR D 461 -37.23 -39.14 -4.21
N GLY D 462 -37.11 -37.83 -4.45
CA GLY D 462 -36.13 -37.32 -5.40
C GLY D 462 -34.89 -36.85 -4.67
N TYR D 463 -33.71 -37.12 -5.25
CA TYR D 463 -32.46 -36.69 -4.64
C TYR D 463 -31.48 -36.30 -5.75
N ILE D 464 -30.49 -35.49 -5.38
CA ILE D 464 -29.30 -35.40 -6.21
C ILE D 464 -28.61 -36.77 -6.27
N LYS D 465 -28.18 -37.14 -7.48
CA LYS D 465 -27.36 -38.31 -7.71
C LYS D 465 -25.90 -37.90 -7.77
N GLN D 466 -25.53 -36.98 -8.69
CA GLN D 466 -24.15 -36.52 -8.82
C GLN D 466 -24.08 -35.08 -9.30
N VAL D 467 -23.01 -34.38 -8.85
CA VAL D 467 -22.80 -32.98 -9.17
C VAL D 467 -21.38 -32.84 -9.70
N TRP D 468 -21.24 -32.17 -10.86
CA TRP D 468 -19.92 -31.83 -11.38
C TRP D 468 -19.84 -30.32 -11.52
N GLU D 469 -18.66 -29.78 -11.21
CA GLU D 469 -18.33 -28.42 -11.59
C GLU D 469 -17.52 -28.52 -12.88
N GLY D 470 -17.71 -27.50 -13.75
CA GLY D 470 -16.94 -27.37 -14.97
C GLY D 470 -17.33 -26.17 -15.83
N GLY D 471 -17.15 -26.36 -17.13
CA GLY D 471 -17.31 -25.33 -18.13
C GLY D 471 -17.20 -25.95 -19.52
N TYR D 472 -17.45 -25.14 -20.55
CA TYR D 472 -17.38 -25.60 -21.92
C TYR D 472 -16.09 -25.04 -22.51
N ASP D 473 -15.31 -25.91 -23.17
CA ASP D 473 -14.05 -25.49 -23.75
C ASP D 473 -14.34 -24.69 -25.02
N THR D 474 -13.26 -24.24 -25.69
CA THR D 474 -13.36 -23.45 -26.93
C THR D 474 -14.02 -24.28 -28.05
N ASP D 475 -13.91 -25.61 -27.95
CA ASP D 475 -14.56 -26.51 -28.89
C ASP D 475 -16.03 -26.70 -28.53
N GLY D 476 -16.49 -26.10 -27.43
CA GLY D 476 -17.89 -26.21 -27.02
C GLY D 476 -18.16 -27.51 -26.24
N GLU D 477 -17.10 -28.24 -25.86
CA GLU D 477 -17.25 -29.51 -25.17
C GLU D 477 -17.23 -29.25 -23.67
N TRP D 478 -18.13 -29.91 -22.92
CA TRP D 478 -18.12 -29.85 -21.47
C TRP D 478 -16.84 -30.50 -20.94
N LYS D 479 -16.19 -29.81 -19.99
CA LYS D 479 -15.06 -30.30 -19.23
C LYS D 479 -15.34 -30.04 -17.74
N ALA D 480 -15.39 -31.13 -16.96
CA ALA D 480 -15.55 -31.07 -15.51
C ALA D 480 -14.22 -30.73 -14.87
N THR D 481 -14.24 -29.73 -13.97
CA THR D 481 -13.07 -29.45 -13.17
C THR D 481 -13.11 -30.24 -11.86
N ARG D 482 -14.31 -30.54 -11.34
CA ARG D 482 -14.45 -31.38 -10.15
C ARG D 482 -15.78 -32.15 -10.17
N LEU D 483 -15.78 -33.30 -9.49
CA LEU D 483 -16.98 -33.91 -8.98
C LEU D 483 -17.18 -33.42 -7.54
N LEU D 484 -18.13 -32.49 -7.39
CA LEU D 484 -18.42 -31.90 -6.10
C LEU D 484 -19.26 -32.86 -5.28
N ASN D 485 -18.81 -33.17 -4.06
CA ASN D 485 -19.55 -34.07 -3.17
C ASN D 485 -19.12 -33.72 -1.75
N GLY D 486 -19.49 -34.56 -0.76
CA GLY D 486 -19.11 -34.23 0.60
C GLY D 486 -19.49 -32.80 0.99
N ASP D 487 -18.55 -32.09 1.62
CA ASP D 487 -18.79 -30.73 2.06
C ASP D 487 -19.35 -29.87 0.92
N GLU D 488 -18.96 -30.14 -0.33
CA GLU D 488 -19.21 -29.21 -1.42
C GLU D 488 -20.66 -29.30 -1.93
N THR D 489 -21.40 -30.34 -1.52
CA THR D 489 -22.83 -30.46 -1.83
C THR D 489 -23.68 -30.82 -0.60
N TYR D 490 -23.10 -30.67 0.59
CA TYR D 490 -23.70 -31.18 1.84
C TYR D 490 -24.10 -32.65 1.69
N HIS D 491 -23.18 -33.43 1.12
CA HIS D 491 -23.40 -34.87 0.94
C HIS D 491 -24.62 -35.11 0.05
N ASN D 492 -24.73 -34.30 -1.04
CA ASN D 492 -25.76 -34.38 -2.06
C ASN D 492 -27.13 -33.94 -1.57
N ALA D 493 -27.20 -33.29 -0.40
CA ALA D 493 -28.46 -32.74 0.08
C ALA D 493 -28.84 -31.47 -0.69
N VAL D 494 -27.86 -30.79 -1.32
CA VAL D 494 -28.13 -29.52 -1.99
C VAL D 494 -27.04 -29.25 -3.03
N LEU D 495 -27.39 -28.47 -4.07
CA LEU D 495 -26.42 -27.89 -4.98
C LEU D 495 -25.99 -26.54 -4.45
N ILE D 496 -24.69 -26.34 -4.24
CA ILE D 496 -24.16 -25.04 -3.85
C ILE D 496 -23.54 -24.39 -5.07
N ALA D 497 -24.19 -23.35 -5.59
CA ALA D 497 -23.60 -22.53 -6.64
C ALA D 497 -22.68 -21.48 -6.02
N LYS D 498 -21.50 -21.90 -5.57
CA LYS D 498 -20.58 -21.01 -4.85
C LYS D 498 -19.90 -20.07 -5.83
N GLY D 499 -19.66 -20.56 -7.04
CA GLY D 499 -19.07 -19.73 -8.09
C GLY D 499 -17.65 -20.18 -8.36
N ARG D 500 -17.13 -19.77 -9.51
CA ARG D 500 -15.72 -19.89 -9.84
C ARG D 500 -14.89 -18.88 -9.06
N ARG D 501 -13.68 -19.29 -8.69
CA ARG D 501 -12.93 -18.64 -7.63
C ARG D 501 -11.58 -18.25 -8.21
N THR D 502 -11.24 -16.97 -8.07
CA THR D 502 -9.90 -16.51 -8.40
C THR D 502 -9.19 -16.06 -7.14
N ALA D 529 -10.22 -13.94 -1.65
CA ALA D 529 -10.61 -14.46 -3.00
C ALA D 529 -11.77 -13.65 -3.59
N VAL D 530 -11.91 -13.72 -4.91
CA VAL D 530 -13.06 -13.21 -5.64
C VAL D 530 -13.84 -14.37 -6.27
N TRP D 531 -15.16 -14.22 -6.32
CA TRP D 531 -16.04 -15.22 -6.89
C TRP D 531 -16.88 -14.64 -8.03
N SER D 532 -17.06 -15.45 -9.09
CA SER D 532 -17.91 -15.15 -10.24
C SER D 532 -18.74 -16.39 -10.60
N PRO D 533 -19.77 -16.30 -11.47
CA PRO D 533 -20.69 -17.43 -11.65
C PRO D 533 -19.95 -18.70 -12.04
N GLY D 534 -20.47 -19.85 -11.55
CA GLY D 534 -19.96 -21.16 -11.92
C GLY D 534 -20.98 -21.88 -12.80
N ILE D 535 -20.57 -23.02 -13.36
CA ILE D 535 -21.46 -23.93 -14.08
C ILE D 535 -21.36 -25.32 -13.46
N TYR D 536 -22.53 -25.86 -13.12
CA TYR D 536 -22.71 -27.14 -12.45
C TYR D 536 -23.66 -28.01 -13.26
N ARG D 537 -23.25 -29.25 -13.51
CA ARG D 537 -24.08 -30.26 -14.11
C ARG D 537 -24.56 -31.13 -12.97
N VAL D 538 -25.87 -31.22 -12.73
CA VAL D 538 -26.44 -32.02 -11.66
C VAL D 538 -27.28 -33.17 -12.23
N THR D 539 -26.99 -34.42 -11.83
CA THR D 539 -27.92 -35.51 -12.13
C THR D 539 -28.73 -35.77 -10.87
N THR D 540 -29.97 -36.22 -11.07
CA THR D 540 -30.91 -36.53 -10.01
C THR D 540 -31.46 -37.93 -10.30
N TYR D 541 -32.12 -38.51 -9.29
CA TYR D 541 -32.85 -39.76 -9.43
C TYR D 541 -34.05 -39.80 -8.49
N LEU D 542 -34.96 -40.72 -8.83
CA LEU D 542 -36.15 -41.05 -8.07
C LEU D 542 -36.00 -42.46 -7.50
N ARG D 543 -36.43 -42.66 -6.25
CA ARG D 543 -36.47 -43.97 -5.62
C ARG D 543 -37.76 -44.07 -4.78
#